data_2K3C
#
_entry.id   2K3C
#
_entity_poly.entity_id   1
_entity_poly.type   'polypeptide(L)'
_entity_poly.pdbx_seq_one_letter_code
;(ACE)KSYMAYLSAELFHLSGIMALIASGVVMRPKK(NH2)
;
_entity_poly.pdbx_strand_id   A
#
loop_
_chem_comp.id
_chem_comp.type
_chem_comp.name
_chem_comp.formula
ACE non-polymer 'ACETYL GROUP' 'C2 H4 O'
NH2 non-polymer 'AMINO GROUP' 'H2 N'
#
# COMPACT_ATOMS: atom_id res chain seq x y z
C ACE A 1 7.30 6.41 -17.62
O ACE A 1 8.45 6.34 -17.16
CH3 ACE A 1 7.08 6.57 -19.12
H1 ACE A 1 6.04 6.37 -19.35
H2 ACE A 1 7.71 5.86 -19.65
H3 ACE A 1 7.33 7.57 -19.42
N LYS A 2 6.21 6.37 -16.86
CA LYS A 2 6.31 6.23 -15.41
C LYS A 2 4.93 6.00 -14.80
N SER A 3 3.99 5.49 -15.60
CA SER A 3 2.64 5.22 -15.12
C SER A 3 2.32 3.74 -15.18
N TYR A 4 3.04 2.94 -14.39
CA TYR A 4 2.80 1.50 -14.36
C TYR A 4 3.81 0.81 -13.43
N MET A 5 4.75 0.06 -14.02
CA MET A 5 5.76 -0.63 -13.24
C MET A 5 6.63 0.36 -12.48
N ALA A 6 6.38 1.64 -12.72
CA ALA A 6 7.15 2.69 -12.08
C ALA A 6 6.46 3.16 -10.79
N TYR A 7 5.14 3.08 -10.78
CA TYR A 7 4.38 3.52 -9.62
C TYR A 7 4.01 2.34 -8.71
N LEU A 8 3.50 1.26 -9.30
CA LEU A 8 3.12 0.10 -8.51
C LEU A 8 4.33 -0.47 -7.77
N SER A 9 5.51 -0.12 -8.25
CA SER A 9 6.74 -0.59 -7.63
C SER A 9 7.14 0.35 -6.49
N ALA A 10 6.32 1.38 -6.29
CA ALA A 10 6.59 2.35 -5.23
C ALA A 10 5.43 2.39 -4.24
N GLU A 11 4.67 1.31 -4.18
CA GLU A 11 3.54 1.24 -3.27
C GLU A 11 3.20 -0.22 -2.94
N LEU A 12 4.21 -0.97 -2.53
CA LEU A 12 4.02 -2.38 -2.19
C LEU A 12 4.55 -2.66 -0.79
N PHE A 13 5.21 -1.67 -0.21
CA PHE A 13 5.76 -1.80 1.13
C PHE A 13 5.27 -0.66 2.02
N HIS A 14 4.55 0.28 1.41
CA HIS A 14 4.03 1.43 2.14
C HIS A 14 3.07 0.98 3.23
N LEU A 15 2.70 -0.30 3.21
CA LEU A 15 1.78 -0.86 4.20
C LEU A 15 2.37 -2.12 4.81
N SER A 16 3.67 -2.10 5.07
CA SER A 16 4.34 -3.26 5.66
C SER A 16 3.49 -3.88 6.76
N GLY A 17 2.79 -4.96 6.42
CA GLY A 17 1.93 -5.63 7.37
C GLY A 17 0.67 -6.13 6.68
N ILE A 18 0.09 -5.25 5.86
CA ILE A 18 -1.12 -5.61 5.12
C ILE A 18 -0.76 -6.07 3.71
N MET A 19 0.24 -5.41 3.12
CA MET A 19 0.68 -5.73 1.77
C MET A 19 1.41 -7.07 1.75
N ALA A 20 1.98 -7.46 2.87
CA ALA A 20 2.71 -8.72 2.96
C ALA A 20 1.72 -9.88 3.03
N LEU A 21 0.45 -9.55 3.26
CA LEU A 21 -0.60 -10.57 3.34
C LEU A 21 -1.67 -10.30 2.29
N ILE A 22 -1.67 -9.08 1.75
CA ILE A 22 -2.66 -8.71 0.73
C ILE A 22 -3.04 -9.91 -0.12
N ALA A 23 -2.02 -10.67 -0.54
CA ALA A 23 -2.24 -11.85 -1.35
C ALA A 23 -2.42 -13.09 -0.48
N SER A 24 -1.79 -13.09 0.69
CA SER A 24 -1.90 -14.22 1.60
C SER A 24 -3.19 -14.13 2.42
N GLY A 25 -3.97 -13.09 2.17
CA GLY A 25 -5.22 -12.89 2.90
C GLY A 25 -6.33 -12.43 1.96
N VAL A 26 -6.45 -13.10 0.82
CA VAL A 26 -7.48 -12.75 -0.16
C VAL A 26 -7.59 -13.83 -1.23
N VAL A 27 -6.92 -14.96 -1.00
CA VAL A 27 -6.94 -16.06 -1.95
C VAL A 27 -8.13 -16.98 -1.67
N MET A 28 -8.82 -17.39 -2.73
CA MET A 28 -9.96 -18.28 -2.58
C MET A 28 -10.08 -19.21 -3.78
N ARG A 29 -11.22 -19.15 -4.46
CA ARG A 29 -11.45 -20.00 -5.63
C ARG A 29 -12.26 -19.25 -6.69
N PRO A 30 -11.80 -18.10 -7.08
CA PRO A 30 -12.49 -17.26 -8.10
C PRO A 30 -12.50 -17.92 -9.48
N LYS A 31 -11.33 -18.36 -9.93
CA LYS A 31 -11.22 -19.01 -11.23
C LYS A 31 -11.64 -18.05 -12.34
N LYS A 32 -11.99 -16.83 -11.97
CA LYS A 32 -12.41 -15.83 -12.94
C LYS A 32 -13.57 -16.35 -13.78
N NH2 A 33 -14.12 -17.49 -13.46
HN1 NH2 A 33 -13.77 -18.01 -12.71
HN2 NH2 A 33 -14.87 -17.83 -14.00
C ACE A 1 7.28 6.34 -17.57
O ACE A 1 8.41 6.19 -17.11
CH3 ACE A 1 7.05 6.52 -19.07
H1 ACE A 1 7.35 7.52 -19.36
H2 ACE A 1 6.01 6.38 -19.30
H3 ACE A 1 7.65 5.80 -19.61
N LYS A 2 6.19 6.35 -16.80
CA LYS A 2 6.28 6.18 -15.36
C LYS A 2 4.91 5.91 -14.76
N SER A 3 3.99 5.42 -15.58
CA SER A 3 2.63 5.11 -15.12
C SER A 3 2.37 3.61 -15.13
N TYR A 4 3.14 2.86 -14.35
CA TYR A 4 2.95 1.41 -14.28
C TYR A 4 4.00 0.77 -13.35
N MET A 5 4.97 0.06 -13.92
CA MET A 5 6.00 -0.58 -13.12
C MET A 5 6.80 0.46 -12.34
N ALA A 6 6.49 1.72 -12.58
CA ALA A 6 7.18 2.81 -11.91
C ALA A 6 6.44 3.24 -10.66
N TYR A 7 5.11 3.21 -10.73
CA TYR A 7 4.29 3.62 -9.60
C TYR A 7 3.88 2.43 -8.71
N LEU A 8 3.39 1.36 -9.33
CA LEU A 8 2.97 0.20 -8.56
C LEU A 8 4.17 -0.43 -7.86
N SER A 9 5.36 -0.07 -8.32
CA SER A 9 6.58 -0.60 -7.72
C SER A 9 7.02 0.29 -6.56
N ALA A 10 6.22 1.33 -6.29
CA ALA A 10 6.51 2.26 -5.21
C ALA A 10 5.37 2.30 -4.20
N GLU A 11 4.53 1.28 -4.23
CA GLU A 11 3.40 1.21 -3.31
C GLU A 11 3.06 -0.23 -2.98
N LEU A 12 4.08 -1.00 -2.60
CA LEU A 12 3.88 -2.41 -2.25
C LEU A 12 4.44 -2.70 -0.86
N PHE A 13 5.16 -1.74 -0.32
CA PHE A 13 5.76 -1.89 1.01
C PHE A 13 5.35 -0.71 1.90
N HIS A 14 4.66 0.25 1.30
CA HIS A 14 4.21 1.43 2.02
C HIS A 14 3.28 1.04 3.17
N LEU A 15 2.85 -0.22 3.17
CA LEU A 15 1.96 -0.72 4.22
C LEU A 15 2.51 -2.01 4.82
N SER A 16 3.82 -2.03 5.06
CA SER A 16 4.46 -3.21 5.64
C SER A 16 3.60 -3.81 6.74
N GLY A 17 2.94 -4.92 6.43
CA GLY A 17 2.07 -5.58 7.40
C GLY A 17 0.76 -5.99 6.75
N ILE A 18 0.16 -5.04 6.04
CA ILE A 18 -1.10 -5.31 5.35
C ILE A 18 -0.82 -5.80 3.94
N MET A 19 0.18 -5.21 3.30
CA MET A 19 0.55 -5.58 1.95
C MET A 19 1.24 -6.94 1.92
N ALA A 20 1.83 -7.31 3.04
CA ALA A 20 2.52 -8.59 3.15
C ALA A 20 1.51 -9.72 3.27
N LEU A 21 0.28 -9.37 3.60
CA LEU A 21 -0.79 -10.36 3.75
C LEU A 21 -1.93 -10.06 2.78
N ILE A 22 -1.86 -8.90 2.12
CA ILE A 22 -2.88 -8.51 1.15
C ILE A 22 -3.37 -9.73 0.39
N ALA A 23 -2.43 -10.55 -0.03
CA ALA A 23 -2.76 -11.75 -0.80
C ALA A 23 -2.95 -12.94 0.14
N SER A 24 -2.38 -12.85 1.33
CA SER A 24 -2.49 -13.92 2.31
C SER A 24 -3.70 -13.70 3.21
N GLY A 25 -4.45 -12.64 2.95
CA GLY A 25 -5.63 -12.32 3.75
C GLY A 25 -6.81 -11.93 2.86
N VAL A 26 -7.02 -12.69 1.79
CA VAL A 26 -8.11 -12.42 0.87
C VAL A 26 -8.26 -13.55 -0.14
N VAL A 27 -7.13 -14.05 -0.62
CA VAL A 27 -7.14 -15.14 -1.59
C VAL A 27 -7.96 -14.76 -2.82
N MET A 28 -7.68 -15.41 -3.94
CA MET A 28 -8.40 -15.13 -5.19
C MET A 28 -8.72 -16.43 -5.92
N ARG A 29 -9.88 -16.47 -6.56
CA ARG A 29 -10.28 -17.66 -7.31
C ARG A 29 -11.53 -17.37 -8.14
N PRO A 30 -11.49 -16.34 -8.93
CA PRO A 30 -12.62 -15.93 -9.80
C PRO A 30 -12.93 -16.99 -10.86
N LYS A 31 -11.89 -17.50 -11.51
CA LYS A 31 -12.06 -18.51 -12.54
C LYS A 31 -12.96 -18.00 -13.65
N LYS A 32 -12.69 -16.79 -14.12
CA LYS A 32 -13.49 -16.19 -15.18
C LYS A 32 -14.97 -16.21 -14.81
N NH2 A 33 -15.44 -15.31 -14.00
HN1 NH2 A 33 -14.85 -14.63 -13.64
HN2 NH2 A 33 -16.39 -15.32 -13.77
C ACE A 1 7.41 6.42 -17.55
O ACE A 1 8.54 6.35 -17.06
CH3 ACE A 1 7.22 6.57 -19.06
H1 ACE A 1 7.86 5.86 -19.57
H2 ACE A 1 7.49 7.57 -19.36
H3 ACE A 1 6.19 6.37 -19.31
N LYS A 2 6.30 6.38 -16.82
CA LYS A 2 6.36 6.24 -15.36
C LYS A 2 4.97 6.01 -14.78
N SER A 3 4.06 5.50 -15.59
CA SER A 3 2.69 5.25 -15.14
C SER A 3 2.37 3.76 -15.22
N TYR A 4 3.06 2.96 -14.41
CA TYR A 4 2.82 1.52 -14.40
C TYR A 4 3.82 0.82 -13.45
N MET A 5 4.77 0.08 -14.02
CA MET A 5 5.77 -0.63 -13.21
C MET A 5 6.62 0.37 -12.44
N ALA A 6 6.38 1.64 -12.68
CA ALA A 6 7.14 2.70 -12.01
C ALA A 6 6.42 3.15 -10.75
N TYR A 7 5.10 3.07 -10.75
CA TYR A 7 4.32 3.51 -9.60
C TYR A 7 3.94 2.33 -8.71
N LEU A 8 3.45 1.25 -9.30
CA LEU A 8 3.06 0.08 -8.52
C LEU A 8 4.26 -0.48 -7.78
N SER A 9 5.45 -0.14 -8.26
CA SER A 9 6.69 -0.62 -7.63
C SER A 9 7.08 0.32 -6.50
N ALA A 10 6.27 1.36 -6.29
CA ALA A 10 6.54 2.33 -5.24
C ALA A 10 5.40 2.35 -4.21
N GLU A 11 4.60 1.28 -4.22
CA GLU A 11 3.47 1.18 -3.29
C GLU A 11 3.18 -0.27 -2.95
N LEU A 12 4.22 -0.99 -2.54
CA LEU A 12 4.07 -2.40 -2.19
C LEU A 12 4.61 -2.66 -0.79
N PHE A 13 5.25 -1.65 -0.22
CA PHE A 13 5.82 -1.75 1.12
C PHE A 13 5.30 -0.61 1.99
N HIS A 14 4.57 0.31 1.37
CA HIS A 14 4.04 1.46 2.09
C HIS A 14 3.09 1.00 3.20
N LEU A 15 2.74 -0.28 3.19
CA LEU A 15 1.85 -0.84 4.20
C LEU A 15 2.46 -2.09 4.83
N SER A 16 3.76 -2.04 5.09
CA SER A 16 4.46 -3.17 5.69
C SER A 16 3.62 -3.79 6.79
N GLY A 17 2.94 -4.88 6.47
CA GLY A 17 2.10 -5.57 7.43
C GLY A 17 0.83 -6.09 6.76
N ILE A 18 0.25 -5.25 5.92
CA ILE A 18 -0.95 -5.63 5.20
C ILE A 18 -0.60 -6.11 3.80
N MET A 19 0.38 -5.44 3.20
CA MET A 19 0.83 -5.77 1.85
C MET A 19 1.58 -7.09 1.82
N ALA A 20 2.15 -7.45 2.96
CA ALA A 20 2.91 -8.70 3.06
C ALA A 20 1.95 -9.88 3.15
N LEU A 21 0.68 -9.57 3.38
CA LEU A 21 -0.35 -10.60 3.49
C LEU A 21 -1.43 -10.38 2.45
N ILE A 22 -1.46 -9.18 1.87
CA ILE A 22 -2.46 -8.83 0.85
C ILE A 22 -2.80 -10.05 0.02
N ALA A 23 -1.77 -10.79 -0.39
CA ALA A 23 -1.98 -11.98 -1.20
C ALA A 23 -2.14 -13.22 -0.32
N SER A 24 -1.54 -13.17 0.87
CA SER A 24 -1.63 -14.29 1.79
C SER A 24 -2.90 -14.20 2.62
N GLY A 25 -3.72 -13.17 2.36
CA GLY A 25 -4.96 -12.97 3.09
C GLY A 25 -6.12 -12.67 2.15
N VAL A 26 -6.18 -13.40 1.04
CA VAL A 26 -7.24 -13.19 0.05
C VAL A 26 -7.19 -14.28 -1.01
N VAL A 27 -5.99 -14.63 -1.45
CA VAL A 27 -5.81 -15.68 -2.45
C VAL A 27 -6.64 -15.38 -3.70
N MET A 28 -7.90 -15.81 -3.68
CA MET A 28 -8.77 -15.59 -4.84
C MET A 28 -8.23 -16.29 -6.07
N ARG A 29 -9.00 -16.27 -7.15
CA ARG A 29 -8.58 -16.90 -8.39
C ARG A 29 -8.90 -16.01 -9.59
N PRO A 30 -8.17 -14.94 -9.73
CA PRO A 30 -8.36 -13.97 -10.85
C PRO A 30 -7.69 -14.44 -12.14
N LYS A 31 -6.40 -14.76 -12.06
CA LYS A 31 -5.66 -15.21 -13.22
C LYS A 31 -5.80 -14.22 -14.37
N LYS A 32 -6.26 -13.02 -14.05
CA LYS A 32 -6.43 -11.98 -15.06
C LYS A 32 -5.10 -11.32 -15.38
N NH2 A 33 -4.62 -10.41 -14.58
HN1 NH2 A 33 -5.12 -10.16 -13.77
HN2 NH2 A 33 -3.76 -9.98 -14.78
C ACE A 1 7.00 6.28 -17.72
O ACE A 1 8.16 6.11 -17.34
CH3 ACE A 1 6.69 6.47 -19.21
H1 ACE A 1 6.98 7.47 -19.50
H2 ACE A 1 5.63 6.33 -19.37
H3 ACE A 1 7.25 5.75 -19.78
N LYS A 2 5.96 6.31 -16.89
CA LYS A 2 6.13 6.15 -15.46
C LYS A 2 4.79 5.89 -14.78
N SER A 3 3.81 5.42 -15.55
CA SER A 3 2.48 5.14 -15.00
C SER A 3 2.18 3.64 -15.00
N TYR A 4 2.99 2.87 -14.28
CA TYR A 4 2.78 1.43 -14.20
C TYR A 4 3.86 0.77 -13.32
N MET A 5 4.78 0.04 -13.95
CA MET A 5 5.85 -0.63 -13.22
C MET A 5 6.71 0.39 -12.48
N ALA A 6 6.41 1.67 -12.70
CA ALA A 6 7.16 2.74 -12.07
C ALA A 6 6.49 3.19 -10.77
N TYR A 7 5.16 3.18 -10.76
CA TYR A 7 4.42 3.61 -9.60
C TYR A 7 4.04 2.44 -8.69
N LEU A 8 3.49 1.37 -9.28
CA LEU A 8 3.10 0.21 -8.48
C LEU A 8 4.32 -0.43 -7.83
N SER A 9 5.50 -0.04 -8.31
CA SER A 9 6.74 -0.57 -7.77
C SER A 9 7.23 0.30 -6.62
N ALA A 10 6.47 1.35 -6.31
CA ALA A 10 6.83 2.27 -5.24
C ALA A 10 5.74 2.31 -4.16
N GLU A 11 4.81 1.36 -4.24
CA GLU A 11 3.73 1.29 -3.26
C GLU A 11 3.34 -0.16 -2.98
N LEU A 12 4.29 -0.92 -2.44
CA LEU A 12 4.03 -2.32 -2.13
C LEU A 12 4.64 -2.68 -0.77
N PHE A 13 5.19 -1.68 -0.10
CA PHE A 13 5.81 -1.88 1.21
C PHE A 13 5.34 -0.80 2.17
N HIS A 14 4.74 0.25 1.62
CA HIS A 14 4.25 1.35 2.42
C HIS A 14 2.99 0.95 3.19
N LEU A 15 2.51 -0.26 2.93
CA LEU A 15 1.32 -0.76 3.60
C LEU A 15 1.52 -2.21 4.04
N SER A 16 2.59 -2.45 4.78
CA SER A 16 2.89 -3.80 5.26
C SER A 16 1.69 -4.38 6.00
N GLY A 17 0.95 -5.25 5.32
CA GLY A 17 -0.23 -5.87 5.92
C GLY A 17 -1.35 -5.94 4.90
N ILE A 18 -1.48 -4.88 4.12
CA ILE A 18 -2.51 -4.82 3.08
C ILE A 18 -1.91 -5.19 1.73
N MET A 19 -0.68 -4.72 1.50
CA MET A 19 0.01 -4.98 0.26
C MET A 19 0.44 -6.44 0.16
N ALA A 20 0.62 -7.08 1.31
CA ALA A 20 1.02 -8.47 1.34
C ALA A 20 -0.15 -9.37 0.99
N LEU A 21 -1.35 -8.79 0.99
CA LEU A 21 -2.57 -9.53 0.68
C LEU A 21 -3.26 -8.90 -0.53
N ILE A 22 -2.87 -7.66 -0.86
CA ILE A 22 -3.47 -6.95 -2.00
C ILE A 22 -3.84 -7.94 -3.10
N ALA A 23 -2.94 -8.87 -3.37
CA ALA A 23 -3.17 -9.87 -4.42
C ALA A 23 -3.84 -11.10 -3.84
N SER A 24 -3.57 -11.40 -2.57
CA SER A 24 -4.14 -12.55 -1.91
C SER A 24 -5.53 -12.23 -1.37
N GLY A 25 -5.97 -11.00 -1.59
CA GLY A 25 -7.28 -10.58 -1.11
C GLY A 25 -7.94 -9.61 -2.08
N VAL A 26 -8.14 -10.06 -3.32
CA VAL A 26 -8.77 -9.22 -4.33
C VAL A 26 -9.10 -10.04 -5.57
N VAL A 27 -8.95 -11.35 -5.46
CA VAL A 27 -9.24 -12.26 -6.57
C VAL A 27 -10.54 -13.00 -6.33
N MET A 28 -11.42 -12.39 -5.54
CA MET A 28 -12.72 -13.01 -5.23
C MET A 28 -13.85 -12.05 -5.56
N ARG A 29 -13.90 -10.93 -4.84
CA ARG A 29 -14.95 -9.93 -5.03
C ARG A 29 -14.34 -8.57 -5.37
N PRO A 30 -13.49 -8.51 -6.36
CA PRO A 30 -12.83 -7.24 -6.80
C PRO A 30 -13.85 -6.22 -7.29
N LYS A 31 -14.81 -6.69 -8.09
CA LYS A 31 -15.85 -5.81 -8.63
C LYS A 31 -15.21 -4.64 -9.37
N LYS A 32 -14.01 -4.86 -9.90
CA LYS A 32 -13.30 -3.82 -10.64
C LYS A 32 -13.07 -2.61 -9.75
N NH2 A 33 -12.09 -1.79 -10.04
HN1 NH2 A 33 -11.52 -1.96 -10.80
HN2 NH2 A 33 -11.93 -1.00 -9.47
C ACE A 1 7.32 6.51 -17.42
O ACE A 1 8.44 6.32 -16.98
CH3 ACE A 1 7.09 6.80 -18.91
H1 ACE A 1 7.72 6.15 -19.49
H2 ACE A 1 7.34 7.83 -19.12
H3 ACE A 1 6.06 6.61 -19.15
N LYS A 2 6.23 6.51 -16.65
CA LYS A 2 6.32 6.27 -15.23
C LYS A 2 4.94 5.97 -14.63
N SER A 3 4.01 5.55 -15.49
CA SER A 3 2.65 5.25 -15.04
C SER A 3 2.37 3.75 -15.12
N TYR A 4 3.15 2.96 -14.39
CA TYR A 4 2.96 1.51 -14.39
C TYR A 4 3.98 0.83 -13.47
N MET A 5 4.93 0.11 -14.04
CA MET A 5 5.96 -0.58 -13.25
C MET A 5 6.75 0.43 -12.43
N ALA A 6 6.46 1.71 -12.63
CA ALA A 6 7.16 2.76 -11.90
C ALA A 6 6.39 3.16 -10.65
N TYR A 7 5.07 3.12 -10.72
CA TYR A 7 4.24 3.50 -9.59
C TYR A 7 3.85 2.30 -8.74
N LEU A 8 3.37 1.23 -9.38
CA LEU A 8 2.97 0.05 -8.63
C LEU A 8 4.17 -0.57 -7.93
N SER A 9 5.37 -0.17 -8.35
CA SER A 9 6.58 -0.67 -7.74
C SER A 9 7.00 0.23 -6.58
N ALA A 10 6.19 1.26 -6.34
CA ALA A 10 6.46 2.22 -5.27
C ALA A 10 5.32 2.22 -4.26
N GLU A 11 4.53 1.15 -4.24
CA GLU A 11 3.41 1.05 -3.32
C GLU A 11 3.14 -0.41 -2.95
N LEU A 12 4.19 -1.12 -2.58
CA LEU A 12 4.06 -2.52 -2.20
C LEU A 12 4.66 -2.75 -0.81
N PHE A 13 5.16 -1.68 -0.21
CA PHE A 13 5.76 -1.77 1.12
C PHE A 13 5.30 -0.59 1.97
N HIS A 14 4.64 0.37 1.33
CA HIS A 14 4.16 1.55 2.02
C HIS A 14 3.23 1.18 3.16
N LEU A 15 2.82 -0.09 3.19
CA LEU A 15 1.92 -0.59 4.23
C LEU A 15 2.53 -1.81 4.92
N SER A 16 3.82 -1.75 5.20
CA SER A 16 4.50 -2.87 5.85
C SER A 16 3.66 -3.41 7.01
N GLY A 17 2.98 -4.52 6.77
CA GLY A 17 2.14 -5.13 7.79
C GLY A 17 0.83 -5.60 7.17
N ILE A 18 0.29 -4.79 6.27
CA ILE A 18 -0.94 -5.13 5.58
C ILE A 18 -0.64 -5.74 4.21
N MET A 19 0.36 -5.16 3.55
CA MET A 19 0.77 -5.62 2.22
C MET A 19 1.45 -6.99 2.30
N ALA A 20 2.02 -7.29 3.46
CA ALA A 20 2.71 -8.55 3.65
C ALA A 20 1.69 -9.67 3.83
N LEU A 21 0.45 -9.28 4.05
CA LEU A 21 -0.65 -10.23 4.24
C LEU A 21 -1.72 -10.03 3.18
N ILE A 22 -1.69 -8.87 2.53
CA ILE A 22 -2.69 -8.56 1.49
C ILE A 22 -3.08 -9.83 0.74
N ALA A 23 -2.09 -10.62 0.35
CA ALA A 23 -2.34 -11.85 -0.38
C ALA A 23 -2.56 -13.01 0.58
N SER A 24 -1.98 -12.91 1.77
CA SER A 24 -2.11 -13.96 2.77
C SER A 24 -3.38 -13.76 3.60
N GLY A 25 -4.13 -12.72 3.26
CA GLY A 25 -5.37 -12.41 3.98
C GLY A 25 -6.50 -12.09 3.02
N VAL A 26 -6.63 -12.90 1.97
CA VAL A 26 -7.69 -12.68 0.98
C VAL A 26 -7.75 -13.86 0.01
N VAL A 27 -6.59 -14.31 -0.45
CA VAL A 27 -6.52 -15.43 -1.38
C VAL A 27 -7.64 -15.33 -2.42
N MET A 28 -8.15 -14.12 -2.62
CA MET A 28 -9.21 -13.90 -3.59
C MET A 28 -10.25 -15.02 -3.51
N ARG A 29 -10.92 -15.29 -4.62
CA ARG A 29 -11.93 -16.34 -4.67
C ARG A 29 -12.23 -16.72 -6.12
N PRO A 30 -11.35 -17.46 -6.74
CA PRO A 30 -11.52 -17.91 -8.15
C PRO A 30 -12.40 -19.15 -8.25
N LYS A 31 -12.20 -20.10 -7.34
CA LYS A 31 -12.98 -21.33 -7.36
C LYS A 31 -12.79 -22.08 -8.67
N LYS A 32 -11.54 -22.20 -9.11
CA LYS A 32 -11.25 -22.89 -10.36
C LYS A 32 -12.05 -22.30 -11.51
N NH2 A 33 -13.11 -22.92 -11.93
HN1 NH2 A 33 -13.39 -23.77 -11.51
HN2 NH2 A 33 -13.64 -22.56 -12.66
C ACE A 1 7.40 6.59 -17.42
O ACE A 1 8.53 6.53 -16.94
CH3 ACE A 1 7.20 6.79 -18.92
H1 ACE A 1 7.47 7.80 -19.19
H2 ACE A 1 6.17 6.60 -19.17
H3 ACE A 1 7.83 6.09 -19.46
N LYS A 2 6.29 6.50 -16.69
CA LYS A 2 6.35 6.32 -15.24
C LYS A 2 4.97 6.03 -14.67
N SER A 3 4.07 5.52 -15.51
CA SER A 3 2.71 5.21 -15.06
C SER A 3 2.43 3.71 -15.15
N TYR A 4 3.17 2.92 -14.38
CA TYR A 4 2.97 1.47 -14.38
C TYR A 4 3.98 0.80 -13.44
N MET A 5 4.96 0.10 -14.00
CA MET A 5 5.96 -0.58 -13.19
C MET A 5 6.75 0.44 -12.38
N ALA A 6 6.44 1.71 -12.60
CA ALA A 6 7.12 2.79 -11.89
C ALA A 6 6.36 3.19 -10.64
N TYR A 7 5.03 3.15 -10.72
CA TYR A 7 4.20 3.53 -9.60
C TYR A 7 3.80 2.31 -8.75
N LEU A 8 3.32 1.26 -9.40
CA LEU A 8 2.91 0.07 -8.66
C LEU A 8 4.12 -0.57 -7.97
N SER A 9 5.31 -0.16 -8.37
CA SER A 9 6.53 -0.67 -7.76
C SER A 9 6.96 0.22 -6.59
N ALA A 10 6.16 1.27 -6.35
CA ALA A 10 6.45 2.21 -5.28
C ALA A 10 5.31 2.21 -4.26
N GLU A 11 4.54 1.13 -4.24
CA GLU A 11 3.41 1.03 -3.31
C GLU A 11 3.15 -0.42 -2.94
N LEU A 12 4.21 -1.14 -2.57
CA LEU A 12 4.10 -2.54 -2.19
C LEU A 12 4.70 -2.76 -0.80
N PHE A 13 5.19 -1.69 -0.21
CA PHE A 13 5.79 -1.78 1.12
C PHE A 13 5.34 -0.60 1.97
N HIS A 14 4.68 0.36 1.34
CA HIS A 14 4.19 1.54 2.03
C HIS A 14 3.27 1.17 3.18
N LEU A 15 2.81 -0.08 3.18
CA LEU A 15 1.92 -0.57 4.23
C LEU A 15 2.51 -1.81 4.90
N SER A 16 3.80 -1.76 5.21
CA SER A 16 4.47 -2.88 5.84
C SER A 16 3.62 -3.44 6.98
N GLY A 17 2.95 -4.56 6.71
CA GLY A 17 2.10 -5.18 7.71
C GLY A 17 0.81 -5.67 7.06
N ILE A 18 0.19 -4.80 6.27
CA ILE A 18 -1.04 -5.15 5.57
C ILE A 18 -0.72 -5.73 4.20
N MET A 19 0.25 -5.11 3.52
CA MET A 19 0.66 -5.55 2.20
C MET A 19 1.43 -6.87 2.30
N ALA A 20 1.95 -7.15 3.48
CA ALA A 20 2.70 -8.37 3.70
C ALA A 20 1.75 -9.54 3.94
N LEU A 21 0.46 -9.24 4.08
CA LEU A 21 -0.54 -10.26 4.30
C LEU A 21 -1.70 -10.08 3.34
N ILE A 22 -1.70 -8.97 2.62
CA ILE A 22 -2.76 -8.67 1.66
C ILE A 22 -3.17 -9.95 0.94
N ALA A 23 -2.18 -10.72 0.52
CA ALA A 23 -2.45 -11.97 -0.19
C ALA A 23 -2.56 -13.13 0.81
N SER A 24 -2.01 -12.94 2.00
CA SER A 24 -2.06 -13.97 3.03
C SER A 24 -3.32 -13.81 3.88
N GLY A 25 -4.12 -12.79 3.57
CA GLY A 25 -5.34 -12.54 4.32
C GLY A 25 -6.43 -11.99 3.40
N VAL A 26 -6.79 -12.75 2.38
CA VAL A 26 -7.82 -12.33 1.45
C VAL A 26 -8.17 -13.46 0.49
N VAL A 27 -7.62 -14.64 0.74
CA VAL A 27 -7.88 -15.80 -0.11
C VAL A 27 -9.33 -16.24 0.01
N MET A 28 -9.62 -17.05 1.02
CA MET A 28 -10.99 -17.53 1.25
C MET A 28 -11.60 -18.01 -0.07
N ARG A 29 -12.89 -18.34 -0.03
CA ARG A 29 -13.59 -18.81 -1.21
C ARG A 29 -14.94 -18.12 -1.35
N PRO A 30 -14.95 -16.82 -1.41
CA PRO A 30 -16.21 -16.03 -1.53
C PRO A 30 -16.89 -16.26 -2.88
N LYS A 31 -16.14 -16.12 -3.96
CA LYS A 31 -16.67 -16.31 -5.29
C LYS A 31 -17.87 -15.39 -5.54
N LYS A 32 -18.07 -14.45 -4.61
CA LYS A 32 -19.18 -13.51 -4.73
C LYS A 32 -20.46 -14.23 -5.16
N NH2 A 33 -21.29 -14.65 -4.26
HN1 NH2 A 33 -21.11 -14.49 -3.31
HN2 NH2 A 33 -22.11 -15.11 -4.53
C ACE A 1 7.20 6.36 -17.69
O ACE A 1 8.35 6.26 -17.25
CH3 ACE A 1 6.95 6.52 -19.19
H1 ACE A 1 7.20 7.52 -19.49
H2 ACE A 1 5.90 6.33 -19.40
H3 ACE A 1 7.56 5.81 -19.72
N LYS A 2 6.13 6.36 -16.91
CA LYS A 2 6.25 6.23 -15.46
C LYS A 2 4.88 5.99 -14.81
N SER A 3 3.93 5.50 -15.59
CA SER A 3 2.59 5.23 -15.08
C SER A 3 2.26 3.75 -15.14
N TYR A 4 2.98 2.95 -14.36
CA TYR A 4 2.74 1.51 -14.33
C TYR A 4 3.78 0.81 -13.44
N MET A 5 4.70 0.06 -14.04
CA MET A 5 5.74 -0.63 -13.29
C MET A 5 6.62 0.35 -12.55
N ALA A 6 6.37 1.64 -12.77
CA ALA A 6 7.15 2.69 -12.14
C ALA A 6 6.49 3.14 -10.84
N TYR A 7 5.17 3.07 -10.79
CA TYR A 7 4.44 3.50 -9.62
C TYR A 7 4.08 2.33 -8.71
N LEU A 8 3.55 1.25 -9.29
CA LEU A 8 3.17 0.09 -8.49
C LEU A 8 4.39 -0.48 -7.76
N SER A 9 5.58 -0.12 -8.26
CA SER A 9 6.81 -0.59 -7.65
C SER A 9 7.23 0.36 -6.52
N ALA A 10 6.41 1.38 -6.29
CA ALA A 10 6.68 2.36 -5.24
C ALA A 10 5.53 2.43 -4.25
N GLU A 11 4.78 1.33 -4.14
CA GLU A 11 3.66 1.27 -3.23
C GLU A 11 3.28 -0.17 -2.91
N LEU A 12 4.28 -0.96 -2.53
CA LEU A 12 4.05 -2.36 -2.19
C LEU A 12 4.56 -2.67 -0.80
N PHE A 13 5.16 -1.66 -0.17
CA PHE A 13 5.70 -1.82 1.18
C PHE A 13 5.19 -0.70 2.08
N HIS A 14 4.53 0.27 1.46
CA HIS A 14 4.00 1.41 2.20
C HIS A 14 3.02 0.96 3.28
N LEU A 15 2.58 -0.30 3.18
CA LEU A 15 1.65 -0.86 4.15
C LEU A 15 2.18 -2.17 4.71
N SER A 16 3.45 -2.17 5.12
CA SER A 16 4.07 -3.36 5.67
C SER A 16 3.14 -4.05 6.66
N GLY A 17 2.54 -5.15 6.22
CA GLY A 17 1.61 -5.90 7.07
C GLY A 17 0.35 -6.24 6.29
N ILE A 18 -0.18 -5.25 5.58
CA ILE A 18 -1.38 -5.46 4.78
C ILE A 18 -1.00 -5.92 3.38
N MET A 19 0.05 -5.32 2.83
CA MET A 19 0.52 -5.67 1.50
C MET A 19 1.20 -7.02 1.52
N ALA A 20 1.70 -7.41 2.68
CA ALA A 20 2.38 -8.70 2.83
C ALA A 20 1.37 -9.83 2.86
N LEU A 21 0.11 -9.48 3.08
CA LEU A 21 -0.96 -10.47 3.13
C LEU A 21 -2.02 -10.15 2.09
N ILE A 22 -1.92 -8.98 1.46
CA ILE A 22 -2.88 -8.57 0.44
C ILE A 22 -3.31 -9.78 -0.39
N ALA A 23 -2.33 -10.59 -0.76
CA ALA A 23 -2.61 -11.78 -1.56
C ALA A 23 -2.85 -12.99 -0.66
N SER A 24 -2.19 -13.00 0.49
CA SER A 24 -2.33 -14.11 1.43
C SER A 24 -3.62 -13.98 2.24
N GLY A 25 -4.36 -12.90 1.98
CA GLY A 25 -5.62 -12.65 2.69
C GLY A 25 -6.75 -12.39 1.72
N VAL A 26 -6.39 -12.04 0.49
CA VAL A 26 -7.39 -11.75 -0.53
C VAL A 26 -6.85 -12.13 -1.90
N VAL A 27 -7.52 -13.07 -2.56
CA VAL A 27 -7.09 -13.51 -3.89
C VAL A 27 -8.17 -14.37 -4.54
N MET A 28 -8.89 -15.11 -3.73
CA MET A 28 -9.96 -15.98 -4.21
C MET A 28 -10.70 -15.33 -5.38
N ARG A 29 -11.35 -16.16 -6.19
CA ARG A 29 -12.10 -15.64 -7.34
C ARG A 29 -13.17 -16.65 -7.76
N PRO A 30 -14.22 -16.75 -6.99
CA PRO A 30 -15.34 -17.67 -7.26
C PRO A 30 -16.34 -17.09 -8.27
N LYS A 31 -16.75 -15.85 -8.04
CA LYS A 31 -17.70 -15.19 -8.92
C LYS A 31 -18.97 -16.01 -9.06
N LYS A 32 -19.47 -16.51 -7.93
CA LYS A 32 -20.69 -17.32 -7.94
C LYS A 32 -20.58 -18.45 -8.96
N NH2 A 33 -21.35 -18.44 -10.01
HN1 NH2 A 33 -22.00 -17.72 -10.14
HN2 NH2 A 33 -21.28 -19.16 -10.67
C ACE A 1 6.16 6.46 -19.10
O ACE A 1 7.16 7.17 -19.12
CH3 ACE A 1 5.52 5.97 -20.40
H1 ACE A 1 4.75 5.25 -20.18
H2 ACE A 1 6.28 5.52 -21.02
H3 ACE A 1 5.09 6.82 -20.93
N LYS A 2 5.57 6.05 -17.97
CA LYS A 2 6.07 6.43 -16.65
C LYS A 2 5.10 6.01 -15.55
N SER A 3 3.83 5.81 -15.93
CA SER A 3 2.81 5.42 -14.96
C SER A 3 2.47 3.94 -15.09
N TYR A 4 3.16 3.12 -14.31
CA TYR A 4 2.92 1.68 -14.34
C TYR A 4 3.92 0.95 -13.44
N MET A 5 4.89 0.26 -14.06
CA MET A 5 5.91 -0.48 -13.32
C MET A 5 6.75 0.47 -12.46
N ALA A 6 6.49 1.75 -12.59
CA ALA A 6 7.23 2.76 -11.85
C ALA A 6 6.50 3.15 -10.56
N TYR A 7 5.18 3.07 -10.60
CA TYR A 7 4.37 3.45 -9.45
C TYR A 7 3.97 2.23 -8.61
N LEU A 8 3.49 1.18 -9.26
CA LEU A 8 3.08 -0.02 -8.54
C LEU A 8 4.27 -0.61 -7.78
N SER A 9 5.48 -0.24 -8.20
CA SER A 9 6.68 -0.73 -7.54
C SER A 9 7.05 0.19 -6.38
N ALA A 10 6.25 1.23 -6.17
CA ALA A 10 6.49 2.18 -5.10
C ALA A 10 5.31 2.20 -4.12
N GLU A 11 4.58 1.09 -4.06
CA GLU A 11 3.44 1.00 -3.17
C GLU A 11 3.15 -0.45 -2.81
N LEU A 12 4.20 -1.18 -2.42
CA LEU A 12 4.07 -2.58 -2.06
C LEU A 12 4.63 -2.82 -0.66
N PHE A 13 5.14 -1.75 -0.05
CA PHE A 13 5.71 -1.84 1.29
C PHE A 13 5.24 -0.67 2.14
N HIS A 14 4.57 0.29 1.50
CA HIS A 14 4.08 1.46 2.19
C HIS A 14 3.11 1.07 3.31
N LEU A 15 2.70 -0.19 3.30
CA LEU A 15 1.77 -0.70 4.31
C LEU A 15 2.36 -1.93 5.00
N SER A 16 3.66 -1.89 5.28
CA SER A 16 4.32 -3.02 5.93
C SER A 16 3.46 -3.58 7.06
N GLY A 17 2.79 -4.69 6.78
CA GLY A 17 1.93 -5.33 7.78
C GLY A 17 0.64 -5.80 7.12
N ILE A 18 0.12 -4.97 6.22
CA ILE A 18 -1.10 -5.29 5.51
C ILE A 18 -0.77 -5.86 4.13
N MET A 19 0.23 -5.26 3.50
CA MET A 19 0.66 -5.69 2.17
C MET A 19 1.37 -7.04 2.23
N ALA A 20 1.91 -7.36 3.39
CA ALA A 20 2.61 -8.63 3.57
C ALA A 20 1.60 -9.76 3.71
N LEU A 21 0.34 -9.39 3.92
CA LEU A 21 -0.73 -10.37 4.08
C LEU A 21 -1.80 -10.16 3.01
N ILE A 22 -1.76 -8.98 2.38
CA ILE A 22 -2.75 -8.65 1.33
C ILE A 22 -3.14 -9.91 0.56
N ALA A 23 -2.15 -10.71 0.20
CA ALA A 23 -2.40 -11.93 -0.54
C ALA A 23 -2.64 -13.11 0.40
N SER A 24 -2.03 -13.06 1.58
CA SER A 24 -2.19 -14.11 2.56
C SER A 24 -3.46 -13.90 3.37
N GLY A 25 -4.20 -12.85 3.03
CA GLY A 25 -5.44 -12.54 3.74
C GLY A 25 -6.59 -12.34 2.76
N VAL A 26 -6.60 -13.15 1.71
CA VAL A 26 -7.67 -13.05 0.70
C VAL A 26 -7.65 -14.28 -0.19
N VAL A 27 -7.28 -15.43 0.37
CA VAL A 27 -7.22 -16.66 -0.38
C VAL A 27 -7.29 -17.87 0.55
N MET A 28 -7.93 -18.93 0.10
CA MET A 28 -8.05 -20.15 0.91
C MET A 28 -8.27 -21.37 0.03
N ARG A 29 -9.35 -21.35 -0.75
CA ARG A 29 -9.69 -22.46 -1.63
C ARG A 29 -9.88 -21.97 -3.06
N PRO A 30 -8.88 -21.35 -3.63
CA PRO A 30 -8.93 -20.83 -5.03
C PRO A 30 -9.03 -21.95 -6.06
N LYS A 31 -8.09 -22.88 -6.00
CA LYS A 31 -8.07 -24.00 -6.94
C LYS A 31 -7.88 -23.50 -8.37
N LYS A 32 -7.58 -22.21 -8.50
CA LYS A 32 -7.38 -21.62 -9.82
C LYS A 32 -8.62 -21.79 -10.69
N NH2 A 33 -9.77 -22.01 -10.11
HN1 NH2 A 33 -9.84 -22.04 -9.14
HN2 NH2 A 33 -10.58 -22.12 -10.67
C ACE A 1 7.31 6.41 -17.60
O ACE A 1 8.44 6.35 -17.13
CH3 ACE A 1 7.08 6.55 -19.10
H1 ACE A 1 6.04 6.39 -19.33
H2 ACE A 1 7.68 5.83 -19.62
H3 ACE A 1 7.36 7.55 -19.41
N LYS A 2 6.21 6.35 -16.84
CA LYS A 2 6.30 6.21 -15.39
C LYS A 2 4.93 5.96 -14.77
N SER A 3 4.01 5.42 -15.58
CA SER A 3 2.66 5.14 -15.11
C SER A 3 2.37 3.63 -15.13
N TYR A 4 3.13 2.87 -14.36
CA TYR A 4 2.94 1.41 -14.31
C TYR A 4 3.99 0.76 -13.39
N MET A 5 4.95 0.04 -13.97
CA MET A 5 5.98 -0.61 -13.18
C MET A 5 6.78 0.42 -12.40
N ALA A 6 6.47 1.69 -12.64
CA ALA A 6 7.17 2.78 -11.97
C ALA A 6 6.43 3.21 -10.72
N TYR A 7 5.11 3.18 -10.77
CA TYR A 7 4.31 3.60 -9.64
C TYR A 7 3.91 2.42 -8.76
N LEU A 8 3.41 1.35 -9.36
CA LEU A 8 2.99 0.19 -8.58
C LEU A 8 4.19 -0.43 -7.88
N SER A 9 5.39 -0.05 -8.31
CA SER A 9 6.62 -0.55 -7.71
C SER A 9 7.03 0.34 -6.55
N ALA A 10 6.22 1.37 -6.29
CA ALA A 10 6.49 2.30 -5.21
C ALA A 10 5.33 2.35 -4.22
N GLU A 11 4.54 1.28 -4.20
CA GLU A 11 3.39 1.20 -3.30
C GLU A 11 3.06 -0.25 -2.98
N LEU A 12 4.06 -1.00 -2.57
CA LEU A 12 3.87 -2.41 -2.23
C LEU A 12 4.44 -2.71 -0.85
N PHE A 13 5.11 -1.73 -0.27
CA PHE A 13 5.72 -1.88 1.04
C PHE A 13 5.31 -0.71 1.94
N HIS A 14 4.62 0.26 1.35
CA HIS A 14 4.17 1.43 2.09
C HIS A 14 3.26 1.02 3.24
N LEU A 15 2.88 -0.25 3.26
CA LEU A 15 2.00 -0.76 4.31
C LEU A 15 2.60 -2.03 4.93
N SER A 16 3.91 -2.05 5.07
CA SER A 16 4.59 -3.22 5.64
C SER A 16 3.81 -3.75 6.83
N GLY A 17 3.05 -4.81 6.59
CA GLY A 17 2.24 -5.43 7.64
C GLY A 17 0.92 -5.88 7.06
N ILE A 18 0.31 -5.00 6.27
CA ILE A 18 -0.94 -5.31 5.62
C ILE A 18 -0.67 -5.87 4.23
N MET A 19 0.45 -5.44 3.66
CA MET A 19 0.87 -5.89 2.34
C MET A 19 1.40 -7.32 2.41
N ALA A 20 1.79 -7.73 3.61
CA ALA A 20 2.32 -9.06 3.81
C ALA A 20 1.19 -10.05 3.94
N LEU A 21 -0.04 -9.54 4.00
CA LEU A 21 -1.22 -10.38 4.12
C LEU A 21 -2.30 -9.92 3.14
N ILE A 22 -2.03 -8.82 2.44
CA ILE A 22 -3.00 -8.31 1.48
C ILE A 22 -3.62 -9.46 0.70
N ALA A 23 -2.78 -10.42 0.33
CA ALA A 23 -3.25 -11.58 -0.41
C ALA A 23 -3.64 -12.71 0.54
N SER A 24 -3.16 -12.64 1.77
CA SER A 24 -3.46 -13.66 2.76
C SER A 24 -4.74 -13.31 3.52
N GLY A 25 -5.32 -12.15 3.17
CA GLY A 25 -6.54 -11.70 3.81
C GLY A 25 -7.63 -11.44 2.78
N VAL A 26 -7.22 -11.26 1.54
CA VAL A 26 -8.14 -10.98 0.45
C VAL A 26 -7.60 -11.57 -0.85
N VAL A 27 -8.34 -12.52 -1.42
CA VAL A 27 -7.93 -13.14 -2.67
C VAL A 27 -9.10 -13.89 -3.30
N MET A 28 -9.08 -13.97 -4.63
CA MET A 28 -10.15 -14.66 -5.35
C MET A 28 -9.57 -15.44 -6.53
N ARG A 29 -9.99 -16.70 -6.66
CA ARG A 29 -9.50 -17.54 -7.75
C ARG A 29 -10.28 -18.85 -7.80
N PRO A 30 -11.58 -18.77 -7.90
CA PRO A 30 -12.46 -19.96 -7.96
C PRO A 30 -12.24 -20.78 -9.24
N LYS A 31 -12.29 -20.10 -10.38
CA LYS A 31 -12.09 -20.75 -11.67
C LYS A 31 -12.61 -22.19 -11.67
N LYS A 32 -13.93 -22.33 -11.56
CA LYS A 32 -14.54 -23.66 -11.54
C LYS A 32 -14.50 -24.29 -12.93
N NH2 A 33 -14.99 -23.65 -13.94
HN1 NH2 A 33 -15.39 -22.76 -13.81
HN2 NH2 A 33 -14.97 -24.05 -14.83
C ACE A 1 7.15 6.42 -17.71
O ACE A 1 8.30 6.34 -17.29
CH3 ACE A 1 6.88 6.56 -19.20
H1 ACE A 1 5.84 6.36 -19.41
H2 ACE A 1 7.49 5.86 -19.75
H3 ACE A 1 7.12 7.57 -19.52
N LYS A 2 6.08 6.38 -16.92
CA LYS A 2 6.22 6.25 -15.47
C LYS A 2 4.85 6.02 -14.82
N SER A 3 3.89 5.51 -15.59
CA SER A 3 2.56 5.26 -15.07
C SER A 3 2.22 3.77 -15.14
N TYR A 4 2.94 2.96 -14.37
CA TYR A 4 2.70 1.53 -14.35
C TYR A 4 3.74 0.81 -13.47
N MET A 5 4.66 0.06 -14.09
CA MET A 5 5.69 -0.65 -13.35
C MET A 5 6.59 0.34 -12.62
N ALA A 6 6.33 1.62 -12.82
CA ALA A 6 7.12 2.66 -12.19
C ALA A 6 6.48 3.12 -10.88
N TYR A 7 5.15 3.06 -10.83
CA TYR A 7 4.43 3.49 -9.64
C TYR A 7 4.09 2.32 -8.73
N LEU A 8 3.55 1.25 -9.31
CA LEU A 8 3.18 0.08 -8.51
C LEU A 8 4.41 -0.50 -7.82
N SER A 9 5.59 -0.16 -8.34
CA SER A 9 6.84 -0.64 -7.79
C SER A 9 7.32 0.30 -6.68
N ALA A 10 6.52 1.33 -6.41
CA ALA A 10 6.86 2.32 -5.39
C ALA A 10 5.80 2.35 -4.29
N GLU A 11 4.88 1.38 -4.33
CA GLU A 11 3.82 1.33 -3.34
C GLU A 11 3.44 -0.11 -3.03
N LEU A 12 4.34 -0.83 -2.38
CA LEU A 12 4.09 -2.22 -2.04
C LEU A 12 4.65 -2.57 -0.66
N PHE A 13 5.15 -1.54 0.03
CA PHE A 13 5.73 -1.73 1.36
C PHE A 13 5.15 -0.70 2.33
N HIS A 14 4.56 0.34 1.78
CA HIS A 14 3.98 1.40 2.60
C HIS A 14 2.78 0.88 3.38
N LEU A 15 2.51 -0.42 3.27
CA LEU A 15 1.39 -1.03 3.99
C LEU A 15 1.90 -2.16 4.87
N SER A 16 3.18 -2.12 5.22
CA SER A 16 3.77 -3.15 6.07
C SER A 16 2.82 -3.53 7.19
N GLY A 17 2.00 -4.54 6.94
CA GLY A 17 1.03 -4.99 7.93
C GLY A 17 -0.22 -5.46 7.21
N ILE A 18 -0.63 -4.69 6.21
CA ILE A 18 -1.78 -5.02 5.42
C ILE A 18 -1.34 -5.79 4.18
N MET A 19 -0.13 -5.47 3.71
CA MET A 19 0.44 -6.11 2.53
C MET A 19 0.76 -7.58 2.79
N ALA A 20 1.05 -7.89 4.04
CA ALA A 20 1.39 -9.27 4.41
C ALA A 20 0.12 -10.12 4.48
N LEU A 21 -1.03 -9.46 4.34
CA LEU A 21 -2.31 -10.14 4.38
C LEU A 21 -3.12 -9.80 3.15
N ILE A 22 -2.72 -8.72 2.46
CA ILE A 22 -3.42 -8.29 1.25
C ILE A 22 -3.94 -9.49 0.47
N ALA A 23 -3.09 -10.50 0.33
CA ALA A 23 -3.47 -11.71 -0.39
C ALA A 23 -4.04 -12.77 0.55
N SER A 24 -3.68 -12.66 1.83
CA SER A 24 -4.16 -13.61 2.82
C SER A 24 -5.47 -13.14 3.44
N GLY A 25 -5.96 -12.00 2.97
CA GLY A 25 -7.21 -11.45 3.49
C GLY A 25 -8.05 -10.85 2.37
N VAL A 26 -8.23 -11.61 1.30
CA VAL A 26 -9.01 -11.14 0.17
C VAL A 26 -9.29 -12.29 -0.80
N VAL A 27 -8.90 -13.49 -0.40
CA VAL A 27 -9.11 -14.67 -1.24
C VAL A 27 -10.56 -15.14 -1.15
N MET A 28 -11.33 -14.51 -0.27
CA MET A 28 -12.73 -14.88 -0.09
C MET A 28 -13.49 -13.77 0.64
N ARG A 29 -14.76 -14.01 0.92
CA ARG A 29 -15.58 -13.03 1.61
C ARG A 29 -16.54 -13.72 2.58
N PRO A 30 -16.02 -14.21 3.67
CA PRO A 30 -16.83 -14.91 4.71
C PRO A 30 -17.51 -13.94 5.66
N LYS A 31 -16.73 -13.05 6.26
CA LYS A 31 -17.28 -12.07 7.20
C LYS A 31 -17.93 -12.76 8.38
N LYS A 32 -17.37 -13.90 8.79
CA LYS A 32 -17.91 -14.65 9.90
C LYS A 32 -19.40 -14.94 9.70
N NH2 A 33 -19.80 -15.48 8.58
HN1 NH2 A 33 -19.14 -15.69 7.88
HN2 NH2 A 33 -20.75 -15.66 8.44
C ACE A 1 5.15 7.43 -16.70
O ACE A 1 6.24 7.03 -17.10
CH3 ACE A 1 4.30 8.35 -17.56
H1 ACE A 1 3.40 8.62 -17.02
H2 ACE A 1 4.02 7.85 -18.47
H3 ACE A 1 4.86 9.25 -17.80
N LYS A 2 4.66 7.11 -15.51
CA LYS A 2 5.40 6.24 -14.60
C LYS A 2 4.53 5.86 -13.39
N SER A 3 3.21 5.91 -13.56
CA SER A 3 2.30 5.57 -12.47
C SER A 3 1.55 4.27 -12.76
N TYR A 4 2.30 3.21 -13.04
CA TYR A 4 1.69 1.91 -13.32
C TYR A 4 2.76 0.81 -13.40
N MET A 5 3.30 0.59 -14.59
CA MET A 5 4.33 -0.42 -14.78
C MET A 5 5.69 0.11 -14.36
N ALA A 6 5.70 1.30 -13.75
CA ALA A 6 6.95 1.92 -13.31
C ALA A 6 7.00 2.08 -11.78
N TYR A 7 5.89 2.51 -11.17
CA TYR A 7 5.85 2.76 -9.73
C TYR A 7 5.54 1.50 -8.92
N LEU A 8 5.35 0.36 -9.58
CA LEU A 8 5.04 -0.87 -8.86
C LEU A 8 6.08 -1.14 -7.78
N SER A 9 7.27 -0.58 -7.97
CA SER A 9 8.36 -0.76 -7.01
C SER A 9 8.32 0.33 -5.94
N ALA A 10 7.49 1.35 -6.18
CA ALA A 10 7.35 2.46 -5.25
C ALA A 10 6.00 2.41 -4.55
N GLU A 11 5.46 1.20 -4.41
CA GLU A 11 4.17 1.03 -3.76
C GLU A 11 3.95 -0.42 -3.35
N LEU A 12 4.79 -0.91 -2.45
CA LEU A 12 4.68 -2.29 -1.98
C LEU A 12 4.89 -2.36 -0.47
N PHE A 13 5.01 -1.20 0.15
CA PHE A 13 5.22 -1.13 1.59
C PHE A 13 4.35 -0.03 2.18
N HIS A 14 3.92 0.89 1.32
CA HIS A 14 3.08 2.01 1.75
C HIS A 14 1.74 1.50 2.27
N LEU A 15 1.47 0.21 2.08
CA LEU A 15 0.22 -0.38 2.55
C LEU A 15 0.49 -1.65 3.33
N SER A 16 1.38 -1.56 4.32
CA SER A 16 1.72 -2.72 5.14
C SER A 16 0.46 -3.38 5.68
N GLY A 17 0.10 -4.52 5.08
CA GLY A 17 -1.09 -5.24 5.49
C GLY A 17 -1.87 -5.73 4.28
N ILE A 18 -2.08 -4.83 3.34
CA ILE A 18 -2.79 -5.16 2.10
C ILE A 18 -1.80 -5.62 1.04
N MET A 19 -0.64 -4.97 1.01
CA MET A 19 0.41 -5.30 0.05
C MET A 19 1.06 -6.63 0.40
N ALA A 20 1.04 -6.96 1.69
CA ALA A 20 1.64 -8.20 2.16
C ALA A 20 0.78 -9.39 1.75
N LEU A 21 -0.47 -9.12 1.41
CA LEU A 21 -1.40 -10.17 1.00
C LEU A 21 -1.87 -9.93 -0.43
N ILE A 22 -1.52 -8.77 -0.98
CA ILE A 22 -1.92 -8.43 -2.35
C ILE A 22 -1.85 -9.68 -3.23
N ALA A 23 -0.76 -10.43 -3.07
CA ALA A 23 -0.57 -11.64 -3.86
C ALA A 23 -1.12 -12.85 -3.12
N SER A 24 -1.25 -12.74 -1.80
CA SER A 24 -1.77 -13.84 -1.00
C SER A 24 -3.29 -13.74 -0.87
N GLY A 25 -3.87 -12.73 -1.50
CA GLY A 25 -5.31 -12.54 -1.44
C GLY A 25 -5.84 -11.98 -2.75
N VAL A 26 -5.58 -12.69 -3.85
CA VAL A 26 -6.03 -12.25 -5.16
C VAL A 26 -5.82 -13.34 -6.19
N VAL A 27 -5.44 -14.52 -5.73
CA VAL A 27 -5.21 -15.65 -6.62
C VAL A 27 -6.45 -16.54 -6.69
N MET A 28 -6.90 -16.84 -7.91
CA MET A 28 -8.07 -17.67 -8.09
C MET A 28 -7.85 -18.67 -9.22
N ARG A 29 -7.74 -18.16 -10.44
CA ARG A 29 -7.52 -19.00 -11.60
C ARG A 29 -6.41 -18.46 -12.48
N PRO A 30 -5.20 -18.50 -12.00
CA PRO A 30 -4.01 -18.00 -12.73
C PRO A 30 -3.52 -18.98 -13.80
N LYS A 31 -3.67 -20.27 -13.51
CA LYS A 31 -3.24 -21.30 -14.43
C LYS A 31 -1.76 -21.15 -14.76
N LYS A 32 -0.97 -20.76 -13.77
CA LYS A 32 0.46 -20.58 -13.96
C LYS A 32 0.73 -19.61 -15.11
N NH2 A 33 1.92 -19.53 -15.62
HN1 NH2 A 33 2.65 -20.09 -15.26
HN2 NH2 A 33 2.10 -18.90 -16.36
C ACE A 1 7.18 6.64 -17.47
O ACE A 1 8.31 6.60 -16.99
CH3 ACE A 1 6.95 6.82 -18.97
H1 ACE A 1 7.22 7.82 -19.25
H2 ACE A 1 5.92 6.64 -19.21
H3 ACE A 1 7.58 6.12 -19.50
N LYS A 2 6.08 6.52 -16.72
CA LYS A 2 6.17 6.35 -15.28
C LYS A 2 4.79 6.04 -14.68
N SER A 3 3.89 5.50 -15.50
CA SER A 3 2.55 5.16 -15.05
C SER A 3 2.31 3.66 -15.12
N TYR A 4 3.09 2.89 -14.36
CA TYR A 4 2.94 1.43 -14.35
C TYR A 4 4.01 0.79 -13.45
N MET A 5 4.98 0.11 -14.05
CA MET A 5 6.04 -0.55 -13.27
C MET A 5 6.81 0.49 -12.47
N ALA A 6 6.48 1.75 -12.66
CA ALA A 6 7.15 2.84 -11.97
C ALA A 6 6.41 3.22 -10.69
N TYR A 7 5.08 3.15 -10.74
CA TYR A 7 4.27 3.52 -9.60
C TYR A 7 3.91 2.31 -8.75
N LEU A 8 3.44 1.23 -9.38
CA LEU A 8 3.05 0.04 -8.62
C LEU A 8 4.28 -0.57 -7.93
N SER A 9 5.46 -0.14 -8.36
CA SER A 9 6.69 -0.64 -7.77
C SER A 9 7.12 0.25 -6.61
N ALA A 10 6.31 1.26 -6.32
CA ALA A 10 6.59 2.20 -5.24
C ALA A 10 5.49 2.16 -4.19
N GLU A 11 4.57 1.21 -4.34
CA GLU A 11 3.47 1.08 -3.39
C GLU A 11 3.17 -0.40 -3.11
N LEU A 12 4.15 -1.09 -2.55
CA LEU A 12 3.98 -2.51 -2.24
C LEU A 12 4.60 -2.83 -0.89
N PHE A 13 5.09 -1.80 -0.20
CA PHE A 13 5.72 -1.97 1.10
C PHE A 13 5.40 -0.80 2.01
N HIS A 14 4.71 0.20 1.46
CA HIS A 14 4.36 1.38 2.23
C HIS A 14 3.52 0.99 3.45
N LEU A 15 2.50 0.17 3.21
CA LEU A 15 1.62 -0.29 4.28
C LEU A 15 2.40 -0.55 5.58
N SER A 16 3.47 -1.31 5.47
CA SER A 16 4.28 -1.64 6.65
C SER A 16 4.81 -0.41 7.36
N GLY A 17 3.92 0.30 8.07
CA GLY A 17 4.34 1.49 8.80
C GLY A 17 3.28 2.57 8.66
N ILE A 18 2.72 2.64 7.47
CA ILE A 18 1.68 3.60 7.17
C ILE A 18 0.31 2.96 7.37
N MET A 19 0.30 1.63 7.37
CA MET A 19 -0.93 0.87 7.55
C MET A 19 -1.41 0.95 9.00
N ALA A 20 -0.46 0.95 9.92
CA ALA A 20 -0.77 1.00 11.34
C ALA A 20 -1.41 2.33 11.69
N LEU A 21 -1.23 3.30 10.79
CA LEU A 21 -1.79 4.64 10.99
C LEU A 21 -2.73 4.99 9.84
N ILE A 22 -2.78 4.12 8.82
CA ILE A 22 -3.67 4.38 7.68
C ILE A 22 -4.96 5.00 8.16
N ALA A 23 -5.49 4.46 9.26
CA ALA A 23 -6.73 4.95 9.83
C ALA A 23 -6.46 6.03 10.88
N SER A 24 -5.25 6.01 11.45
CA SER A 24 -4.88 6.99 12.46
C SER A 24 -4.27 8.23 11.80
N GLY A 25 -4.21 8.22 10.47
CA GLY A 25 -3.65 9.35 9.74
C GLY A 25 -4.50 9.68 8.51
N VAL A 26 -5.81 9.74 8.71
CA VAL A 26 -6.71 10.04 7.59
C VAL A 26 -8.13 10.26 8.12
N VAL A 27 -8.27 10.36 9.43
CA VAL A 27 -9.58 10.56 10.04
C VAL A 27 -10.24 11.82 9.48
N MET A 28 -9.86 12.97 10.02
CA MET A 28 -10.43 14.24 9.56
C MET A 28 -11.93 14.09 9.30
N ARG A 29 -12.31 14.20 8.03
CA ARG A 29 -13.72 14.09 7.65
C ARG A 29 -13.87 14.06 6.14
N PRO A 30 -13.21 13.14 5.50
CA PRO A 30 -13.26 12.99 4.01
C PRO A 30 -14.66 12.60 3.53
N LYS A 31 -15.25 11.63 4.20
CA LYS A 31 -16.59 11.16 3.83
C LYS A 31 -16.61 10.66 2.40
N LYS A 32 -15.66 9.78 2.07
CA LYS A 32 -15.58 9.23 0.72
C LYS A 32 -16.95 8.77 0.24
N NH2 A 33 -17.50 9.38 -0.77
HN1 NH2 A 33 -17.04 10.11 -1.22
HN2 NH2 A 33 -18.39 9.09 -1.08
C ACE A 1 7.19 6.58 -17.52
O ACE A 1 8.33 6.55 -17.05
CH3 ACE A 1 6.96 6.75 -19.01
H1 ACE A 1 7.58 6.04 -19.55
H2 ACE A 1 7.23 7.76 -19.31
H3 ACE A 1 5.92 6.58 -19.25
N LYS A 2 6.09 6.48 -16.77
CA LYS A 2 6.19 6.32 -15.32
C LYS A 2 4.82 6.01 -14.71
N SER A 3 3.91 5.47 -15.53
CA SER A 3 2.57 5.13 -15.06
C SER A 3 2.32 3.63 -15.13
N TYR A 4 3.10 2.87 -14.37
CA TYR A 4 2.95 1.42 -14.34
C TYR A 4 4.01 0.78 -13.43
N MET A 5 4.99 0.09 -14.03
CA MET A 5 6.04 -0.55 -13.25
C MET A 5 6.82 0.49 -12.45
N ALA A 6 6.48 1.75 -12.65
CA ALA A 6 7.15 2.85 -11.97
C ALA A 6 6.40 3.24 -10.70
N TYR A 7 5.08 3.16 -10.75
CA TYR A 7 4.26 3.55 -9.61
C TYR A 7 3.90 2.33 -8.75
N LEU A 8 3.43 1.25 -9.37
CA LEU A 8 3.05 0.06 -8.62
C LEU A 8 4.27 -0.54 -7.93
N SER A 9 5.45 -0.11 -8.36
CA SER A 9 6.69 -0.60 -7.78
C SER A 9 7.12 0.29 -6.61
N ALA A 10 6.30 1.29 -6.33
CA ALA A 10 6.59 2.23 -5.24
C ALA A 10 5.48 2.20 -4.19
N GLU A 11 4.57 1.24 -4.33
CA GLU A 11 3.47 1.12 -3.37
C GLU A 11 3.15 -0.35 -3.11
N LEU A 12 4.13 -1.07 -2.56
CA LEU A 12 3.94 -2.48 -2.26
C LEU A 12 4.57 -2.81 -0.91
N PHE A 13 5.07 -1.80 -0.22
CA PHE A 13 5.71 -2.00 1.07
C PHE A 13 5.40 -0.83 2.00
N HIS A 14 4.71 0.18 1.47
CA HIS A 14 4.36 1.35 2.26
C HIS A 14 3.53 0.94 3.47
N LEU A 15 2.52 0.11 3.24
CA LEU A 15 1.66 -0.36 4.30
C LEU A 15 2.45 -0.62 5.58
N SER A 16 3.55 -1.36 5.45
CA SER A 16 4.37 -1.69 6.60
C SER A 16 4.90 -0.44 7.31
N GLY A 17 4.01 0.27 8.01
CA GLY A 17 4.43 1.46 8.74
C GLY A 17 3.34 2.51 8.64
N ILE A 18 2.73 2.57 7.47
CA ILE A 18 1.65 3.51 7.22
C ILE A 18 0.31 2.84 7.49
N MET A 19 0.31 1.50 7.41
CA MET A 19 -0.89 0.72 7.63
C MET A 19 -1.33 0.73 9.09
N ALA A 20 -0.34 0.74 9.98
CA ALA A 20 -0.62 0.74 11.42
C ALA A 20 -1.25 2.05 11.83
N LEU A 21 -1.15 3.03 10.94
CA LEU A 21 -1.71 4.35 11.18
C LEU A 21 -2.80 4.66 10.17
N ILE A 22 -2.81 3.91 9.05
CA ILE A 22 -3.83 4.12 8.02
C ILE A 22 -5.14 4.58 8.64
N ALA A 23 -5.49 3.97 9.76
CA ALA A 23 -6.73 4.30 10.45
C ALA A 23 -6.48 5.31 11.57
N SER A 24 -5.27 5.28 12.12
CA SER A 24 -4.93 6.18 13.22
C SER A 24 -4.39 7.51 12.69
N GLY A 25 -3.37 7.44 11.84
CA GLY A 25 -2.76 8.64 11.27
C GLY A 25 -3.36 8.94 9.91
N VAL A 26 -4.57 9.49 9.91
CA VAL A 26 -5.24 9.81 8.66
C VAL A 26 -6.41 10.76 8.91
N VAL A 27 -6.60 11.13 10.18
CA VAL A 27 -7.68 12.03 10.54
C VAL A 27 -7.14 13.44 10.83
N MET A 28 -7.95 14.44 10.54
CA MET A 28 -7.54 15.83 10.76
C MET A 28 -8.63 16.79 10.27
N ARG A 29 -8.33 18.08 10.34
CA ARG A 29 -9.28 19.10 9.90
C ARG A 29 -8.55 20.32 9.36
N PRO A 30 -8.01 20.20 8.17
CA PRO A 30 -7.26 21.31 7.51
C PRO A 30 -8.19 22.30 6.81
N LYS A 31 -9.17 21.77 6.08
CA LYS A 31 -10.11 22.60 5.36
C LYS A 31 -9.39 23.47 4.34
N LYS A 32 -8.29 22.95 3.80
CA LYS A 32 -7.51 23.69 2.80
C LYS A 32 -7.01 25.01 3.39
N NH2 A 33 -6.91 25.15 4.67
HN1 NH2 A 33 -7.17 24.39 5.27
HN2 NH2 A 33 -6.60 25.98 5.06
C ACE A 1 7.28 6.46 -17.59
O ACE A 1 8.42 6.37 -17.12
CH3 ACE A 1 7.07 6.64 -19.08
H1 ACE A 1 6.03 6.48 -19.33
H2 ACE A 1 7.68 5.93 -19.63
H3 ACE A 1 7.34 7.65 -19.38
N LYS A 2 6.19 6.41 -16.83
CA LYS A 2 6.27 6.24 -15.39
C LYS A 2 4.90 5.95 -14.80
N SER A 3 3.98 5.43 -15.62
CA SER A 3 2.64 5.11 -15.16
C SER A 3 2.38 3.61 -15.20
N TYR A 4 3.15 2.86 -14.44
CA TYR A 4 2.98 1.40 -14.38
C TYR A 4 4.03 0.77 -13.45
N MET A 5 5.00 0.07 -14.02
CA MET A 5 6.03 -0.58 -13.21
C MET A 5 6.83 0.45 -12.45
N ALA A 6 6.50 1.72 -12.66
CA ALA A 6 7.19 2.81 -11.99
C ALA A 6 6.43 3.24 -10.73
N TYR A 7 5.11 3.20 -10.80
CA TYR A 7 4.29 3.60 -9.67
C TYR A 7 3.90 2.41 -8.80
N LEU A 8 3.42 1.33 -9.41
CA LEU A 8 3.01 0.17 -8.64
C LEU A 8 4.22 -0.45 -7.94
N SER A 9 5.41 -0.06 -8.37
CA SER A 9 6.64 -0.56 -7.76
C SER A 9 7.07 0.33 -6.61
N ALA A 10 6.26 1.36 -6.36
CA ALA A 10 6.55 2.31 -5.29
C ALA A 10 5.42 2.32 -4.26
N GLU A 11 4.55 1.31 -4.34
CA GLU A 11 3.43 1.22 -3.41
C GLU A 11 3.07 -0.24 -3.13
N LEU A 12 4.02 -0.98 -2.58
CA LEU A 12 3.80 -2.39 -2.27
C LEU A 12 4.39 -2.74 -0.91
N PHE A 13 4.92 -1.72 -0.23
CA PHE A 13 5.52 -1.93 1.08
C PHE A 13 5.20 -0.78 2.02
N HIS A 14 4.49 0.22 1.48
CA HIS A 14 4.14 1.39 2.27
C HIS A 14 3.22 1.02 3.43
N LEU A 15 2.98 -0.27 3.61
CA LEU A 15 2.13 -0.76 4.67
C LEU A 15 2.94 -1.56 5.69
N SER A 16 3.40 -2.74 5.28
CA SER A 16 4.17 -3.60 6.17
C SER A 16 5.26 -2.83 6.92
N GLY A 17 4.88 -2.22 8.04
CA GLY A 17 5.84 -1.45 8.85
C GLY A 17 5.24 -0.10 9.18
N ILE A 18 4.62 0.50 8.17
CA ILE A 18 3.97 1.79 8.33
C ILE A 18 2.49 1.58 8.60
N MET A 19 2.03 0.36 8.32
CA MET A 19 0.63 0.00 8.50
C MET A 19 0.29 -0.14 9.98
N ALA A 20 1.19 -0.76 10.72
CA ALA A 20 1.00 -0.98 12.15
C ALA A 20 0.91 0.35 12.87
N LEU A 21 1.35 1.41 12.19
CA LEU A 21 1.32 2.74 12.76
C LEU A 21 0.57 3.70 11.85
N ILE A 22 0.14 3.20 10.68
CA ILE A 22 -0.61 4.05 9.74
C ILE A 22 -1.55 4.96 10.51
N ALA A 23 -2.15 4.41 11.56
CA ALA A 23 -3.07 5.16 12.39
C ALA A 23 -2.36 5.78 13.58
N SER A 24 -1.25 5.17 13.98
CA SER A 24 -0.49 5.67 15.12
C SER A 24 0.58 6.66 14.66
N GLY A 25 0.60 6.95 13.36
CA GLY A 25 1.57 7.89 12.81
C GLY A 25 0.89 8.89 11.87
N VAL A 26 -0.26 9.39 12.30
CA VAL A 26 -1.00 10.36 11.50
C VAL A 26 -2.14 10.96 12.31
N VAL A 27 -2.88 10.11 13.02
CA VAL A 27 -4.00 10.57 13.84
C VAL A 27 -4.78 11.66 13.11
N MET A 28 -4.67 11.68 11.79
CA MET A 28 -5.38 12.66 10.98
C MET A 28 -5.27 14.04 11.63
N ARG A 29 -6.28 14.87 11.41
CA ARG A 29 -6.29 16.22 11.97
C ARG A 29 -7.70 16.60 12.41
N PRO A 30 -8.16 16.02 13.49
CA PRO A 30 -9.51 16.29 14.04
C PRO A 30 -9.54 17.55 14.91
N LYS A 31 -8.43 17.81 15.62
CA LYS A 31 -8.34 18.98 16.48
C LYS A 31 -9.45 18.96 17.52
N LYS A 32 -10.00 17.78 17.78
CA LYS A 32 -11.08 17.65 18.76
C LYS A 32 -12.18 18.66 18.49
N NH2 A 33 -12.51 18.93 17.25
HN1 NH2 A 33 -12.06 18.48 16.51
HN2 NH2 A 33 -13.22 19.59 17.07
C ACE A 1 7.20 6.39 -17.47
O ACE A 1 8.31 6.04 -17.05
CH3 ACE A 1 6.98 6.70 -18.95
H1 ACE A 1 5.96 6.48 -19.20
H2 ACE A 1 7.64 6.09 -19.54
H3 ACE A 1 7.19 7.74 -19.13
N LYS A 2 6.14 6.53 -16.67
CA LYS A 2 6.24 6.26 -15.23
C LYS A 2 4.87 5.93 -14.65
N SER A 3 3.92 5.60 -15.53
CA SER A 3 2.58 5.26 -15.07
C SER A 3 2.31 3.76 -15.16
N TYR A 4 3.08 2.98 -14.39
CA TYR A 4 2.90 1.53 -14.38
C TYR A 4 3.94 0.84 -13.48
N MET A 5 4.88 0.12 -14.09
CA MET A 5 5.91 -0.57 -13.34
C MET A 5 6.74 0.41 -12.52
N ALA A 6 6.47 1.69 -12.70
CA ALA A 6 7.19 2.73 -11.99
C ALA A 6 6.47 3.14 -10.71
N TYR A 7 5.14 3.10 -10.75
CA TYR A 7 4.34 3.50 -9.61
C TYR A 7 3.94 2.30 -8.74
N LEU A 8 3.45 1.23 -9.36
CA LEU A 8 3.05 0.05 -8.60
C LEU A 8 4.24 -0.57 -7.91
N SER A 9 5.43 -0.15 -8.31
CA SER A 9 6.66 -0.66 -7.70
C SER A 9 7.07 0.24 -6.53
N ALA A 10 6.26 1.26 -6.27
CA ALA A 10 6.52 2.21 -5.20
C ALA A 10 5.37 2.22 -4.20
N GLU A 11 4.58 1.15 -4.20
CA GLU A 11 3.45 1.06 -3.29
C GLU A 11 3.16 -0.39 -2.93
N LEU A 12 4.21 -1.11 -2.55
CA LEU A 12 4.07 -2.52 -2.18
C LEU A 12 4.66 -2.76 -0.80
N PHE A 13 5.16 -1.70 -0.18
CA PHE A 13 5.73 -1.79 1.16
C PHE A 13 5.28 -0.61 2.01
N HIS A 14 4.62 0.35 1.36
CA HIS A 14 4.14 1.54 2.05
C HIS A 14 3.18 1.17 3.18
N LEU A 15 2.74 -0.09 3.19
CA LEU A 15 1.82 -0.57 4.22
C LEU A 15 2.38 -1.81 4.90
N SER A 16 3.68 -1.78 5.20
CA SER A 16 4.33 -2.92 5.85
C SER A 16 3.45 -3.46 6.97
N GLY A 17 2.69 -4.50 6.67
CA GLY A 17 1.80 -5.10 7.66
C GLY A 17 0.54 -5.61 6.99
N ILE A 18 -0.01 -4.80 6.08
CA ILE A 18 -1.22 -5.17 5.36
C ILE A 18 -0.85 -5.75 3.99
N MET A 19 0.10 -5.08 3.34
CA MET A 19 0.56 -5.51 2.01
C MET A 19 1.28 -6.84 2.09
N ALA A 20 1.80 -7.16 3.27
CA ALA A 20 2.51 -8.41 3.47
C ALA A 20 1.53 -9.56 3.66
N LEU A 21 0.25 -9.22 3.81
CA LEU A 21 -0.79 -10.22 3.98
C LEU A 21 -1.87 -10.04 2.92
N ILE A 22 -1.88 -8.87 2.30
CA ILE A 22 -2.86 -8.56 1.26
C ILE A 22 -3.20 -9.81 0.46
N ALA A 23 -2.18 -10.53 0.02
CA ALA A 23 -2.38 -11.74 -0.75
C ALA A 23 -2.48 -12.97 0.16
N SER A 24 -1.94 -12.84 1.37
CA SER A 24 -1.97 -13.95 2.32
C SER A 24 -3.24 -13.89 3.15
N GLY A 25 -4.09 -12.89 2.89
CA GLY A 25 -5.34 -12.74 3.62
C GLY A 25 -6.48 -12.35 2.68
N VAL A 26 -6.58 -13.06 1.55
CA VAL A 26 -7.63 -12.78 0.58
C VAL A 26 -7.65 -13.85 -0.49
N VAL A 27 -6.86 -14.90 -0.29
CA VAL A 27 -6.79 -16.00 -1.26
C VAL A 27 -6.97 -17.33 -0.55
N MET A 28 -7.07 -17.28 0.76
CA MET A 28 -7.24 -18.48 1.56
C MET A 28 -8.66 -18.59 2.09
N ARG A 29 -9.56 -17.80 1.51
CA ARG A 29 -10.94 -17.81 1.94
C ARG A 29 -11.87 -18.22 0.79
N PRO A 30 -11.64 -19.35 0.19
CA PRO A 30 -12.47 -19.86 -0.93
C PRO A 30 -13.92 -20.10 -0.51
N LYS A 31 -14.10 -20.65 0.69
CA LYS A 31 -15.43 -20.92 1.20
C LYS A 31 -16.24 -21.73 0.19
N LYS A 32 -15.66 -22.82 -0.29
CA LYS A 32 -16.33 -23.66 -1.26
C LYS A 32 -17.69 -24.13 -0.74
N NH2 A 33 -18.75 -23.99 -1.48
HN1 NH2 A 33 -18.67 -23.60 -2.38
HN2 NH2 A 33 -19.63 -24.27 -1.15
C ACE A 1 7.08 6.66 -17.48
O ACE A 1 8.23 6.50 -17.08
CH3 ACE A 1 6.80 6.94 -18.96
H1 ACE A 1 7.09 7.96 -19.19
H2 ACE A 1 5.75 6.82 -19.17
H3 ACE A 1 7.37 6.26 -19.57
N LYS A 2 6.01 6.60 -16.69
CA LYS A 2 6.15 6.34 -15.26
C LYS A 2 4.79 6.04 -14.63
N SER A 3 3.83 5.61 -15.44
CA SER A 3 2.50 5.30 -14.94
C SER A 3 2.17 3.82 -15.09
N TYR A 4 2.93 2.97 -14.40
CA TYR A 4 2.71 1.53 -14.45
C TYR A 4 3.75 0.79 -13.60
N MET A 5 4.70 0.13 -14.27
CA MET A 5 5.75 -0.61 -13.56
C MET A 5 6.64 0.33 -12.78
N ALA A 6 6.36 1.63 -12.88
CA ALA A 6 7.14 2.64 -12.18
C ALA A 6 6.50 3.04 -10.86
N TYR A 7 5.17 3.00 -10.82
CA TYR A 7 4.45 3.39 -9.62
C TYR A 7 4.13 2.19 -8.74
N LEU A 8 3.64 1.11 -9.34
CA LEU A 8 3.31 -0.09 -8.57
C LEU A 8 4.54 -0.62 -7.86
N SER A 9 5.71 -0.17 -8.29
CA SER A 9 6.97 -0.60 -7.68
C SER A 9 7.34 0.35 -6.54
N ALA A 10 6.49 1.34 -6.29
CA ALA A 10 6.73 2.30 -5.23
C ALA A 10 5.59 2.31 -4.21
N GLU A 11 4.75 1.28 -4.28
CA GLU A 11 3.62 1.18 -3.36
C GLU A 11 3.29 -0.28 -3.07
N LEU A 12 4.24 -0.97 -2.43
CA LEU A 12 4.03 -2.38 -2.10
C LEU A 12 4.59 -2.70 -0.72
N PHE A 13 5.04 -1.67 -0.03
CA PHE A 13 5.61 -1.83 1.31
C PHE A 13 5.07 -0.76 2.24
N HIS A 14 4.72 0.38 1.67
CA HIS A 14 4.19 1.49 2.46
C HIS A 14 3.21 0.97 3.50
N LEU A 15 2.43 -0.04 3.13
CA LEU A 15 1.46 -0.63 4.04
C LEU A 15 2.06 -0.79 5.43
N SER A 16 3.26 -1.36 5.49
CA SER A 16 3.92 -1.59 6.77
C SER A 16 4.12 -0.29 7.55
N GLY A 17 3.03 0.24 8.11
CA GLY A 17 3.11 1.48 8.88
C GLY A 17 1.91 2.34 8.59
N ILE A 18 1.52 2.33 7.32
CA ILE A 18 0.37 3.08 6.87
C ILE A 18 -0.86 2.18 6.85
N MET A 19 -0.61 0.88 6.85
CA MET A 19 -1.68 -0.11 6.83
C MET A 19 -2.40 -0.19 8.17
N ALA A 20 -1.63 0.00 9.24
CA ALA A 20 -2.18 -0.05 10.59
C ALA A 20 -3.12 1.12 10.81
N LEU A 21 -2.98 2.13 9.97
CA LEU A 21 -3.82 3.31 10.07
C LEU A 21 -4.61 3.52 8.78
N ILE A 22 -4.32 2.70 7.76
CA ILE A 22 -5.04 2.80 6.49
C ILE A 22 -6.50 3.15 6.75
N ALA A 23 -7.07 2.51 7.76
CA ALA A 23 -8.46 2.75 8.11
C ALA A 23 -8.58 3.82 9.20
N SER A 24 -7.56 3.90 10.06
CA SER A 24 -7.57 4.88 11.13
C SER A 24 -7.06 6.24 10.66
N GLY A 25 -6.75 6.33 9.36
CA GLY A 25 -6.24 7.57 8.79
C GLY A 25 -6.89 7.85 7.45
N VAL A 26 -8.21 7.66 7.38
CA VAL A 26 -8.94 7.90 6.14
C VAL A 26 -10.45 7.93 6.41
N VAL A 27 -10.81 7.92 7.68
CA VAL A 27 -12.23 7.95 8.06
C VAL A 27 -12.87 9.24 7.58
N MET A 28 -12.05 10.16 7.10
CA MET A 28 -12.54 11.44 6.61
C MET A 28 -13.64 11.23 5.58
N ARG A 29 -13.30 11.48 4.32
CA ARG A 29 -14.28 11.32 3.24
C ARG A 29 -13.64 10.64 2.03
N PRO A 30 -13.38 9.36 2.14
CA PRO A 30 -12.76 8.57 1.05
C PRO A 30 -13.77 8.14 -0.01
N LYS A 31 -14.96 7.77 0.45
CA LYS A 31 -16.02 7.34 -0.47
C LYS A 31 -15.46 6.37 -1.51
N LYS A 32 -14.42 5.62 -1.13
CA LYS A 32 -13.81 4.67 -2.04
C LYS A 32 -13.48 5.33 -3.38
N NH2 A 33 -13.03 4.60 -4.36
HN1 NH2 A 33 -12.91 3.62 -4.23
HN2 NH2 A 33 -12.82 5.01 -5.22
C ACE A 1 7.11 6.58 -17.48
O ACE A 1 8.25 6.47 -17.04
CH3 ACE A 1 6.87 6.80 -18.97
H1 ACE A 1 7.12 7.82 -19.23
H2 ACE A 1 5.83 6.61 -19.21
H3 ACE A 1 7.49 6.12 -19.54
N LYS A 2 6.03 6.53 -16.71
CA LYS A 2 6.13 6.33 -15.28
C LYS A 2 4.78 5.99 -14.67
N SER A 3 3.87 5.49 -15.50
CA SER A 3 2.53 5.13 -15.03
C SER A 3 2.30 3.62 -15.09
N TYR A 4 3.09 2.88 -14.34
CA TYR A 4 2.96 1.42 -14.31
C TYR A 4 4.02 0.79 -13.39
N MET A 5 5.00 0.11 -13.99
CA MET A 5 6.06 -0.52 -13.21
C MET A 5 6.82 0.52 -12.40
N ALA A 6 6.48 1.79 -12.62
CA ALA A 6 7.14 2.88 -11.93
C ALA A 6 6.39 3.27 -10.67
N TYR A 7 5.06 3.18 -10.72
CA TYR A 7 4.24 3.54 -9.58
C TYR A 7 3.88 2.33 -8.73
N LEU A 8 3.43 1.25 -9.36
CA LEU A 8 3.06 0.06 -8.60
C LEU A 8 4.29 -0.54 -7.93
N SER A 9 5.46 -0.12 -8.37
CA SER A 9 6.71 -0.62 -7.80
C SER A 9 7.13 0.27 -6.63
N ALA A 10 6.30 1.26 -6.32
CA ALA A 10 6.59 2.19 -5.24
C ALA A 10 5.49 2.14 -4.17
N GLU A 11 4.58 1.17 -4.32
CA GLU A 11 3.48 1.03 -3.37
C GLU A 11 3.20 -0.45 -3.10
N LEU A 12 4.19 -1.16 -2.57
CA LEU A 12 4.03 -2.57 -2.27
C LEU A 12 4.69 -2.91 -0.93
N PHE A 13 5.13 -1.88 -0.22
CA PHE A 13 5.78 -2.06 1.06
C PHE A 13 5.49 -0.90 1.99
N HIS A 14 4.80 0.11 1.46
CA HIS A 14 4.47 1.29 2.25
C HIS A 14 3.57 0.91 3.42
N LEU A 15 2.41 0.35 3.10
CA LEU A 15 1.45 -0.06 4.12
C LEU A 15 2.17 -0.73 5.30
N SER A 16 3.39 -1.20 5.08
CA SER A 16 4.15 -1.86 6.13
C SER A 16 4.63 -0.87 7.19
N GLY A 17 3.71 -0.14 7.80
CA GLY A 17 4.08 0.83 8.82
C GLY A 17 3.24 2.07 8.64
N ILE A 18 2.81 2.28 7.42
CA ILE A 18 1.98 3.43 7.09
C ILE A 18 0.51 3.03 7.24
N MET A 19 0.24 1.73 7.12
CA MET A 19 -1.12 1.22 7.24
C MET A 19 -1.61 1.29 8.68
N ALA A 20 -0.69 1.03 9.61
CA ALA A 20 -1.01 1.05 11.03
C ALA A 20 -1.39 2.45 11.48
N LEU A 21 -1.01 3.43 10.67
CA LEU A 21 -1.31 4.82 10.99
C LEU A 21 -2.16 5.43 9.87
N ILE A 22 -2.29 4.72 8.75
CA ILE A 22 -3.10 5.21 7.62
C ILE A 22 -4.26 6.04 8.15
N ALA A 23 -4.91 5.52 9.20
CA ALA A 23 -6.04 6.20 9.81
C ALA A 23 -5.58 7.06 10.97
N SER A 24 -4.62 6.56 11.75
CA SER A 24 -4.11 7.30 12.89
C SER A 24 -3.27 8.49 12.44
N GLY A 25 -3.14 8.65 11.12
CA GLY A 25 -2.37 9.75 10.57
C GLY A 25 -3.22 10.58 9.62
N VAL A 26 -4.30 9.98 9.15
CA VAL A 26 -5.20 10.65 8.22
C VAL A 26 -6.63 10.17 8.43
N VAL A 27 -7.50 11.10 8.82
CA VAL A 27 -8.90 10.74 9.06
C VAL A 27 -9.76 12.00 9.15
N MET A 28 -11.02 11.88 8.75
CA MET A 28 -11.94 13.01 8.78
C MET A 28 -13.33 12.56 9.22
N ARG A 29 -14.24 13.52 9.32
CA ARG A 29 -15.61 13.21 9.73
C ARG A 29 -16.56 14.30 9.28
N PRO A 30 -16.54 14.61 8.02
CA PRO A 30 -17.43 15.66 7.42
C PRO A 30 -18.90 15.29 7.53
N LYS A 31 -19.22 14.04 7.19
CA LYS A 31 -20.60 13.57 7.25
C LYS A 31 -21.50 14.43 6.37
N LYS A 32 -20.89 15.34 5.63
CA LYS A 32 -21.65 16.22 4.74
C LYS A 32 -22.59 17.11 5.55
N NH2 A 33 -22.74 16.89 6.83
HN1 NH2 A 33 -22.24 16.16 7.26
HN2 NH2 A 33 -23.34 17.45 7.35
C ACE A 1 7.36 6.70 -17.33
O ACE A 1 8.49 6.67 -16.83
CH3 ACE A 1 7.20 6.88 -18.84
H1 ACE A 1 7.88 6.23 -19.37
H2 ACE A 1 7.41 7.91 -19.10
H3 ACE A 1 6.18 6.65 -19.12
N LYS A 2 6.25 6.59 -16.62
CA LYS A 2 6.29 6.42 -15.18
C LYS A 2 4.90 6.12 -14.62
N SER A 3 4.02 5.59 -15.48
CA SER A 3 2.66 5.26 -15.05
C SER A 3 2.39 3.76 -15.19
N TYR A 4 3.10 2.96 -14.40
CA TYR A 4 2.93 1.51 -14.43
C TYR A 4 3.94 0.82 -13.50
N MET A 5 4.92 0.13 -14.07
CA MET A 5 5.92 -0.56 -13.27
C MET A 5 6.72 0.45 -12.45
N ALA A 6 6.42 1.72 -12.64
CA ALA A 6 7.11 2.79 -11.92
C ALA A 6 6.35 3.17 -10.66
N TYR A 7 5.02 3.07 -10.72
CA TYR A 7 4.19 3.44 -9.58
C TYR A 7 3.83 2.22 -8.73
N LEU A 8 3.37 1.15 -9.38
CA LEU A 8 2.99 -0.05 -8.65
C LEU A 8 4.20 -0.65 -7.95
N SER A 9 5.39 -0.23 -8.38
CA SER A 9 6.63 -0.71 -7.78
C SER A 9 7.04 0.21 -6.63
N ALA A 10 6.23 1.23 -6.39
CA ALA A 10 6.50 2.18 -5.32
C ALA A 10 5.43 2.11 -4.24
N GLU A 11 4.52 1.14 -4.38
CA GLU A 11 3.45 0.97 -3.42
C GLU A 11 3.24 -0.51 -3.11
N LEU A 12 4.26 -1.13 -2.52
CA LEU A 12 4.19 -2.55 -2.18
C LEU A 12 4.81 -2.80 -0.81
N PHE A 13 5.22 -1.72 -0.15
CA PHE A 13 5.85 -1.83 1.16
C PHE A 13 5.46 -0.65 2.04
N HIS A 14 4.72 0.29 1.46
CA HIS A 14 4.28 1.48 2.20
C HIS A 14 3.45 1.06 3.41
N LEU A 15 2.48 0.18 3.18
CA LEU A 15 1.62 -0.31 4.25
C LEU A 15 2.40 -0.49 5.55
N SER A 16 3.52 -1.18 5.47
CA SER A 16 4.33 -1.43 6.66
C SER A 16 4.80 -0.13 7.33
N GLY A 17 3.88 0.57 7.99
CA GLY A 17 4.22 1.82 8.66
C GLY A 17 3.09 2.81 8.50
N ILE A 18 2.49 2.78 7.32
CA ILE A 18 1.37 3.65 7.01
C ILE A 18 0.07 2.91 7.25
N MET A 19 0.16 1.59 7.28
CA MET A 19 -1.01 0.74 7.49
C MET A 19 -1.48 0.81 8.95
N ALA A 20 -0.51 0.89 9.85
CA ALA A 20 -0.80 0.95 11.28
C ALA A 20 -1.53 2.23 11.62
N LEU A 21 -1.45 3.20 10.70
CA LEU A 21 -2.11 4.48 10.90
C LEU A 21 -3.09 4.75 9.77
N ILE A 22 -3.11 3.87 8.76
CA ILE A 22 -4.02 4.04 7.64
C ILE A 22 -5.37 4.55 8.15
N ALA A 23 -5.82 3.97 9.25
CA ALA A 23 -7.09 4.37 9.86
C ALA A 23 -6.84 5.41 10.94
N SER A 24 -5.79 5.20 11.74
CA SER A 24 -5.46 6.12 12.81
C SER A 24 -4.97 7.45 12.24
N GLY A 25 -4.98 7.56 10.92
CA GLY A 25 -4.52 8.77 10.26
C GLY A 25 -5.69 9.56 9.68
N VAL A 26 -6.90 9.09 9.94
CA VAL A 26 -8.09 9.75 9.42
C VAL A 26 -9.26 9.51 10.38
N VAL A 27 -9.52 8.24 10.68
CA VAL A 27 -10.61 7.88 11.60
C VAL A 27 -11.87 8.70 11.30
N MET A 28 -11.92 9.33 10.14
CA MET A 28 -13.07 10.13 9.76
C MET A 28 -13.54 10.97 10.94
N ARG A 29 -14.87 11.08 11.10
CA ARG A 29 -15.43 11.86 12.19
C ARG A 29 -16.82 11.33 12.55
N PRO A 30 -16.88 10.20 13.20
CA PRO A 30 -18.16 9.57 13.62
C PRO A 30 -18.71 10.17 14.92
N LYS A 31 -17.81 10.44 15.86
CA LYS A 31 -18.21 11.01 17.13
C LYS A 31 -19.14 10.06 17.88
N LYS A 32 -18.78 8.78 17.90
CA LYS A 32 -19.58 7.77 18.59
C LYS A 32 -19.89 8.22 20.01
N NH2 A 33 -19.11 7.85 20.98
HN1 NH2 A 33 -18.33 7.29 20.80
HN2 NH2 A 33 -19.30 8.13 21.91
C ACE A 1 7.12 6.64 -17.49
O ACE A 1 8.27 6.58 -17.03
CH3 ACE A 1 6.89 6.83 -18.98
H1 ACE A 1 5.86 6.61 -19.22
H2 ACE A 1 7.53 6.17 -19.54
H3 ACE A 1 7.12 7.86 -19.26
N LYS A 2 6.04 6.55 -16.74
CA LYS A 2 6.14 6.37 -15.30
C LYS A 2 4.77 6.07 -14.67
N SER A 3 3.85 5.56 -15.49
CA SER A 3 2.50 5.25 -15.01
C SER A 3 2.22 3.75 -15.12
N TYR A 4 2.97 2.95 -14.36
CA TYR A 4 2.78 1.51 -14.38
C TYR A 4 3.80 0.82 -13.48
N MET A 5 4.76 0.11 -14.07
CA MET A 5 5.79 -0.58 -13.31
C MET A 5 6.64 0.42 -12.52
N ALA A 6 6.36 1.70 -12.74
CA ALA A 6 7.10 2.76 -12.06
C ALA A 6 6.42 3.16 -10.77
N TYR A 7 5.09 3.04 -10.75
CA TYR A 7 4.32 3.42 -9.58
C TYR A 7 4.00 2.21 -8.70
N LEU A 8 3.54 1.13 -9.31
CA LEU A 8 3.21 -0.08 -8.54
C LEU A 8 4.46 -0.62 -7.85
N SER A 9 5.62 -0.21 -8.35
CA SER A 9 6.89 -0.65 -7.78
C SER A 9 7.31 0.28 -6.67
N ALA A 10 6.47 1.28 -6.39
CA ALA A 10 6.76 2.26 -5.34
C ALA A 10 5.68 2.25 -4.27
N GLU A 11 4.81 1.24 -4.31
CA GLU A 11 3.73 1.15 -3.34
C GLU A 11 3.39 -0.32 -3.06
N LEU A 12 4.33 -1.03 -2.44
CA LEU A 12 4.11 -2.44 -2.12
C LEU A 12 4.69 -2.77 -0.75
N PHE A 13 5.15 -1.74 -0.05
CA PHE A 13 5.74 -1.91 1.28
C PHE A 13 5.21 -0.84 2.23
N HIS A 14 4.81 0.28 1.67
CA HIS A 14 4.30 1.40 2.47
C HIS A 14 3.24 0.92 3.45
N LEU A 15 2.30 0.10 2.98
CA LEU A 15 1.25 -0.41 3.85
C LEU A 15 1.79 -0.77 5.22
N SER A 16 2.95 -1.43 5.25
CA SER A 16 3.55 -1.84 6.52
C SER A 16 3.80 -0.64 7.44
N GLY A 17 2.73 -0.08 8.00
CA GLY A 17 2.86 1.05 8.90
C GLY A 17 1.75 2.05 8.60
N ILE A 18 1.44 2.15 7.31
CA ILE A 18 0.38 3.04 6.87
C ILE A 18 -0.91 2.26 6.75
N MET A 19 -0.79 0.93 6.77
CA MET A 19 -1.94 0.04 6.68
C MET A 19 -2.74 0.05 7.98
N ALA A 20 -2.02 0.08 9.10
CA ALA A 20 -2.63 0.08 10.40
C ALA A 20 -3.47 1.34 10.59
N LEU A 21 -3.21 2.32 9.75
CA LEU A 21 -3.95 3.59 9.82
C LEU A 21 -4.63 3.88 8.49
N ILE A 22 -4.36 3.03 7.47
CA ILE A 22 -4.99 3.22 6.16
C ILE A 22 -6.42 3.71 6.34
N ALA A 23 -7.11 3.11 7.31
CA ALA A 23 -8.49 3.48 7.59
C ALA A 23 -8.57 4.53 8.69
N SER A 24 -7.54 4.59 9.52
CA SER A 24 -7.49 5.55 10.62
C SER A 24 -6.84 6.87 10.17
N GLY A 25 -6.47 6.92 8.89
CA GLY A 25 -5.84 8.12 8.35
C GLY A 25 -6.34 8.42 6.95
N VAL A 26 -7.66 8.40 6.78
CA VAL A 26 -8.26 8.67 5.48
C VAL A 26 -9.76 8.92 5.62
N VAL A 27 -10.22 9.07 6.86
CA VAL A 27 -11.63 9.31 7.11
C VAL A 27 -12.09 10.60 6.43
N MET A 28 -11.13 11.33 5.88
CA MET A 28 -11.43 12.58 5.21
C MET A 28 -12.45 12.36 4.09
N ARG A 29 -12.00 12.52 2.85
CA ARG A 29 -12.87 12.34 1.70
C ARG A 29 -12.09 11.87 0.49
N PRO A 30 -11.74 10.61 0.46
CA PRO A 30 -10.96 10.01 -0.65
C PRO A 30 -11.85 9.58 -1.81
N LYS A 31 -12.99 8.98 -1.49
CA LYS A 31 -13.93 8.53 -2.52
C LYS A 31 -13.23 7.59 -3.51
N LYS A 32 -12.50 6.61 -2.98
CA LYS A 32 -11.80 5.65 -3.81
C LYS A 32 -11.06 6.38 -4.93
N NH2 A 33 -9.89 6.92 -4.68
HN1 NH2 A 33 -9.50 6.86 -3.79
HN2 NH2 A 33 -9.40 7.39 -5.40
C ACE A 1 5.36 5.95 -19.30
O ACE A 1 6.50 6.14 -19.69
CH3 ACE A 1 4.24 5.59 -20.28
H1 ACE A 1 4.63 4.93 -21.04
H2 ACE A 1 3.87 6.50 -20.74
H3 ACE A 1 3.44 5.10 -19.75
N LYS A 2 5.00 6.06 -18.02
CA LYS A 2 5.97 6.40 -16.99
C LYS A 2 5.36 6.27 -15.60
N SER A 3 4.30 5.47 -15.48
CA SER A 3 3.64 5.26 -14.19
C SER A 3 3.56 3.79 -13.85
N TYR A 4 2.92 3.00 -14.72
CA TYR A 4 2.75 1.55 -14.53
C TYR A 4 3.78 0.94 -13.55
N MET A 5 4.77 0.24 -14.11
CA MET A 5 5.81 -0.41 -13.31
C MET A 5 6.60 0.60 -12.48
N ALA A 6 6.32 1.88 -12.69
CA ALA A 6 7.03 2.93 -11.98
C ALA A 6 6.30 3.31 -10.69
N TYR A 7 5.00 3.09 -10.67
CA TYR A 7 4.19 3.44 -9.52
C TYR A 7 3.86 2.23 -8.65
N LEU A 8 3.40 1.15 -9.29
CA LEU A 8 3.04 -0.06 -8.54
C LEU A 8 4.26 -0.61 -7.80
N SER A 9 5.44 -0.18 -8.21
CA SER A 9 6.68 -0.62 -7.57
C SER A 9 7.03 0.29 -6.40
N ALA A 10 6.18 1.29 -6.18
CA ALA A 10 6.39 2.25 -5.10
C ALA A 10 5.23 2.24 -4.13
N GLU A 11 4.54 1.10 -4.06
CA GLU A 11 3.39 0.96 -3.17
C GLU A 11 3.16 -0.50 -2.80
N LEU A 12 4.24 -1.18 -2.44
CA LEU A 12 4.16 -2.59 -2.06
C LEU A 12 4.74 -2.81 -0.67
N PHE A 13 5.18 -1.72 -0.06
CA PHE A 13 5.76 -1.79 1.28
C PHE A 13 5.25 -0.64 2.14
N HIS A 14 4.57 0.30 1.49
CA HIS A 14 4.03 1.47 2.18
C HIS A 14 3.09 1.05 3.31
N LEU A 15 2.70 -0.22 3.30
CA LEU A 15 1.79 -0.75 4.32
C LEU A 15 2.40 -1.96 5.01
N SER A 16 3.70 -1.88 5.32
CA SER A 16 4.37 -2.99 5.97
C SER A 16 3.51 -3.57 7.09
N GLY A 17 2.79 -4.64 6.77
CA GLY A 17 1.94 -5.29 7.75
C GLY A 17 0.70 -5.85 7.07
N ILE A 18 0.13 -5.06 6.17
CA ILE A 18 -1.05 -5.48 5.43
C ILE A 18 -0.65 -6.03 4.07
N MET A 19 0.28 -5.34 3.42
CA MET A 19 0.77 -5.74 2.11
C MET A 19 1.54 -7.04 2.19
N ALA A 20 2.06 -7.34 3.37
CA ALA A 20 2.82 -8.56 3.57
C ALA A 20 1.90 -9.75 3.75
N LEU A 21 0.60 -9.46 3.89
CA LEU A 21 -0.40 -10.50 4.06
C LEU A 21 -1.47 -10.37 2.98
N ILE A 22 -1.51 -9.20 2.35
CA ILE A 22 -2.49 -8.93 1.29
C ILE A 22 -2.78 -10.19 0.49
N ALA A 23 -1.72 -10.88 0.08
CA ALA A 23 -1.87 -12.10 -0.70
C ALA A 23 -1.93 -13.32 0.21
N SER A 24 -1.44 -13.17 1.42
CA SER A 24 -1.45 -14.27 2.39
C SER A 24 -2.73 -14.24 3.22
N GLY A 25 -3.60 -13.28 2.92
CA GLY A 25 -4.87 -13.15 3.64
C GLY A 25 -6.03 -12.91 2.68
N VAL A 26 -6.04 -13.65 1.58
CA VAL A 26 -7.11 -13.51 0.60
C VAL A 26 -7.02 -14.62 -0.46
N VAL A 27 -5.80 -14.87 -0.93
CA VAL A 27 -5.60 -15.92 -1.94
C VAL A 27 -6.71 -15.88 -2.99
N MET A 28 -7.37 -14.73 -3.09
CA MET A 28 -8.45 -14.59 -4.07
C MET A 28 -9.36 -15.81 -4.05
N ARG A 29 -9.94 -16.13 -5.20
CA ARG A 29 -10.83 -17.29 -5.30
C ARG A 29 -10.66 -17.98 -6.64
N PRO A 30 -9.57 -18.68 -6.80
CA PRO A 30 -9.25 -19.42 -8.06
C PRO A 30 -9.93 -20.79 -8.12
N LYS A 31 -9.97 -21.46 -6.97
CA LYS A 31 -10.59 -22.78 -6.90
C LYS A 31 -9.91 -23.75 -7.87
N LYS A 32 -8.61 -23.60 -8.03
CA LYS A 32 -7.86 -24.45 -8.93
C LYS A 32 -8.54 -24.54 -10.29
N NH2 A 33 -9.13 -25.65 -10.65
HN1 NH2 A 33 -9.14 -26.41 -10.04
HN2 NH2 A 33 -9.57 -25.71 -11.52
C ACE A 1 7.18 6.44 -17.67
O ACE A 1 8.32 6.33 -17.24
CH3 ACE A 1 6.92 6.61 -19.17
H1 ACE A 1 7.53 5.90 -19.71
H2 ACE A 1 7.17 7.61 -19.46
H3 ACE A 1 5.87 6.42 -19.38
N LYS A 2 6.10 6.41 -16.88
CA LYS A 2 6.23 6.27 -15.44
C LYS A 2 4.86 6.02 -14.79
N SER A 3 3.91 5.54 -15.58
CA SER A 3 2.56 5.28 -15.07
C SER A 3 2.22 3.78 -15.15
N TYR A 4 2.95 2.97 -14.38
CA TYR A 4 2.71 1.53 -14.37
C TYR A 4 3.75 0.82 -13.49
N MET A 5 4.66 0.08 -14.11
CA MET A 5 5.69 -0.64 -13.36
C MET A 5 6.58 0.34 -12.61
N ALA A 6 6.33 1.63 -12.82
CA ALA A 6 7.12 2.66 -12.18
C ALA A 6 6.47 3.12 -10.88
N TYR A 7 5.14 3.06 -10.83
CA TYR A 7 4.42 3.48 -9.64
C TYR A 7 4.07 2.30 -8.73
N LEU A 8 3.55 1.22 -9.32
CA LEU A 8 3.19 0.05 -8.52
C LEU A 8 4.42 -0.53 -7.85
N SER A 9 5.60 -0.17 -8.37
CA SER A 9 6.85 -0.65 -7.81
C SER A 9 7.33 0.28 -6.70
N ALA A 10 6.53 1.33 -6.43
CA ALA A 10 6.88 2.30 -5.40
C ALA A 10 5.82 2.31 -4.29
N GLU A 11 4.87 1.39 -4.37
CA GLU A 11 3.82 1.31 -3.37
C GLU A 11 3.45 -0.15 -3.08
N LEU A 12 4.36 -0.85 -2.39
CA LEU A 12 4.12 -2.25 -2.06
C LEU A 12 4.67 -2.58 -0.68
N PHE A 13 5.13 -1.55 0.03
CA PHE A 13 5.68 -1.73 1.37
C PHE A 13 5.13 -0.68 2.32
N HIS A 14 4.50 0.34 1.75
CA HIS A 14 3.93 1.42 2.55
C HIS A 14 2.73 0.93 3.36
N LEU A 15 2.54 -0.39 3.39
CA LEU A 15 1.44 -0.99 4.13
C LEU A 15 1.97 -1.75 5.34
N SER A 16 2.64 -2.87 5.08
CA SER A 16 3.18 -3.70 6.15
C SER A 16 3.86 -2.86 7.24
N GLY A 17 3.06 -2.40 8.20
CA GLY A 17 3.59 -1.60 9.31
C GLY A 17 2.75 -0.34 9.46
N ILE A 18 2.44 0.26 8.33
CA ILE A 18 1.63 1.45 8.30
C ILE A 18 0.18 1.08 8.03
N MET A 19 -0.01 -0.14 7.55
CA MET A 19 -1.33 -0.65 7.22
C MET A 19 -2.13 -0.95 8.48
N ALA A 20 -1.46 -1.55 9.46
CA ALA A 20 -2.08 -1.91 10.72
C ALA A 20 -2.56 -0.66 11.44
N LEU A 21 -2.06 0.49 11.00
CA LEU A 21 -2.44 1.76 11.61
C LEU A 21 -2.95 2.71 10.54
N ILE A 22 -2.90 2.29 9.27
CA ILE A 22 -3.40 3.13 8.18
C ILE A 22 -4.64 3.88 8.63
N ALA A 23 -5.48 3.16 9.37
CA ALA A 23 -6.73 3.75 9.88
C ALA A 23 -6.52 4.30 11.29
N SER A 24 -5.55 3.76 12.01
CA SER A 24 -5.26 4.20 13.37
C SER A 24 -4.28 5.37 13.37
N GLY A 25 -3.87 5.78 12.17
CA GLY A 25 -2.91 6.88 12.05
C GLY A 25 -3.32 7.82 10.91
N VAL A 26 -4.59 8.20 10.88
CA VAL A 26 -5.08 9.09 9.84
C VAL A 26 -6.49 9.56 10.16
N VAL A 27 -7.09 8.95 11.18
CA VAL A 27 -8.45 9.31 11.58
C VAL A 27 -8.46 10.64 12.32
N MET A 28 -7.27 11.12 12.65
CA MET A 28 -7.12 12.39 13.36
C MET A 28 -8.10 13.42 12.84
N ARG A 29 -7.63 14.26 11.91
CA ARG A 29 -8.47 15.29 11.33
C ARG A 29 -8.37 15.28 9.81
N PRO A 30 -8.61 14.13 9.21
CA PRO A 30 -8.56 13.97 7.73
C PRO A 30 -9.61 14.81 7.02
N LYS A 31 -10.83 14.78 7.54
CA LYS A 31 -11.93 15.55 6.95
C LYS A 31 -12.08 15.21 5.47
N LYS A 32 -11.36 14.18 5.03
CA LYS A 32 -11.42 13.76 3.64
C LYS A 32 -11.44 14.96 2.72
N NH2 A 33 -10.34 15.64 2.52
HN1 NH2 A 33 -9.51 15.35 2.97
HN2 NH2 A 33 -10.34 16.41 1.92
C ACE A 1 5.84 6.31 -19.31
O ACE A 1 6.84 7.03 -19.41
CH3 ACE A 1 5.14 5.80 -20.56
H1 ACE A 1 5.02 6.62 -21.27
H2 ACE A 1 4.16 5.42 -20.30
H3 ACE A 1 5.72 5.02 -21.02
N LYS A 2 5.32 5.92 -18.15
CA LYS A 2 5.91 6.32 -16.86
C LYS A 2 4.99 5.95 -15.70
N SER A 3 3.71 5.71 -16.00
CA SER A 3 2.74 5.36 -14.96
C SER A 3 2.38 3.89 -15.05
N TYR A 4 3.07 3.07 -14.25
CA TYR A 4 2.82 1.64 -14.24
C TYR A 4 3.85 0.93 -13.35
N MET A 5 4.78 0.22 -13.98
CA MET A 5 5.83 -0.49 -13.26
C MET A 5 6.69 0.46 -12.45
N ALA A 6 6.45 1.75 -12.61
CA ALA A 6 7.21 2.77 -11.89
C ALA A 6 6.52 3.19 -10.61
N TYR A 7 5.20 3.11 -10.60
CA TYR A 7 4.43 3.51 -9.43
C TYR A 7 4.08 2.31 -8.55
N LEU A 8 3.58 1.24 -9.17
CA LEU A 8 3.21 0.06 -8.40
C LEU A 8 4.42 -0.51 -7.68
N SER A 9 5.61 -0.14 -8.15
CA SER A 9 6.84 -0.61 -7.54
C SER A 9 7.25 0.31 -6.40
N ALA A 10 6.42 1.33 -6.16
CA ALA A 10 6.68 2.29 -5.09
C ALA A 10 5.54 2.29 -4.09
N GLU A 11 4.76 1.23 -4.08
CA GLU A 11 3.63 1.12 -3.16
C GLU A 11 3.28 -0.34 -2.89
N LEU A 12 4.23 -1.08 -2.33
CA LEU A 12 4.01 -2.49 -2.03
C LEU A 12 4.59 -2.84 -0.66
N PHE A 13 5.06 -1.83 0.05
CA PHE A 13 5.64 -2.02 1.37
C PHE A 13 5.17 -0.92 2.31
N HIS A 14 4.75 0.20 1.73
CA HIS A 14 4.27 1.33 2.50
C HIS A 14 3.07 0.93 3.35
N LEU A 15 2.53 -0.26 3.10
CA LEU A 15 1.38 -0.74 3.85
C LEU A 15 1.64 -2.15 4.37
N SER A 16 2.77 -2.31 5.08
CA SER A 16 3.12 -3.61 5.62
C SER A 16 1.97 -4.17 6.46
N GLY A 17 1.23 -5.11 5.86
CA GLY A 17 0.10 -5.71 6.55
C GLY A 17 -1.05 -5.92 5.57
N ILE A 18 -1.36 -4.87 4.83
CA ILE A 18 -2.43 -4.93 3.84
C ILE A 18 -1.85 -5.37 2.48
N MET A 19 -0.66 -4.87 2.18
CA MET A 19 0.01 -5.21 0.93
C MET A 19 0.53 -6.64 0.96
N ALA A 20 0.72 -7.16 2.17
CA ALA A 20 1.20 -8.52 2.34
C ALA A 20 0.07 -9.52 2.15
N LEU A 21 -1.15 -9.00 2.04
CA LEU A 21 -2.31 -9.86 1.86
C LEU A 21 -3.16 -9.35 0.71
N ILE A 22 -2.80 -8.17 0.19
CA ILE A 22 -3.53 -7.57 -0.92
C ILE A 22 -3.93 -8.66 -1.91
N ALA A 23 -2.98 -9.55 -2.20
CA ALA A 23 -3.22 -10.64 -3.13
C ALA A 23 -3.76 -11.87 -2.41
N SER A 24 -3.50 -11.94 -1.10
CA SER A 24 -3.96 -13.07 -0.30
C SER A 24 -5.34 -12.79 0.29
N GLY A 25 -5.88 -11.62 -0.02
CA GLY A 25 -7.19 -11.23 0.48
C GLY A 25 -7.92 -10.32 -0.50
N VAL A 26 -8.21 -10.87 -1.68
CA VAL A 26 -8.90 -10.10 -2.71
C VAL A 26 -9.30 -10.99 -3.89
N VAL A 27 -8.76 -12.21 -3.89
CA VAL A 27 -9.06 -13.15 -4.96
C VAL A 27 -10.53 -13.55 -4.93
N MET A 28 -10.81 -14.79 -4.50
CA MET A 28 -12.18 -15.28 -4.43
C MET A 28 -12.77 -15.44 -5.81
N ARG A 29 -12.09 -14.90 -6.82
CA ARG A 29 -12.57 -14.99 -8.18
C ARG A 29 -11.52 -15.60 -9.11
N PRO A 30 -11.03 -16.75 -8.75
CA PRO A 30 -10.00 -17.47 -9.55
C PRO A 30 -10.54 -17.87 -10.92
N LYS A 31 -11.76 -18.37 -10.96
CA LYS A 31 -12.38 -18.79 -12.21
C LYS A 31 -11.43 -19.68 -13.00
N LYS A 32 -10.37 -20.14 -12.34
CA LYS A 32 -9.39 -21.00 -13.00
C LYS A 32 -9.10 -20.50 -14.41
N NH2 A 33 -9.29 -19.24 -14.70
HN1 NH2 A 33 -9.64 -18.63 -14.01
HN2 NH2 A 33 -9.11 -18.91 -15.60
C ACE A 1 7.42 6.65 -17.40
O ACE A 1 8.54 6.60 -16.88
CH3 ACE A 1 7.26 6.82 -18.90
H1 ACE A 1 7.50 7.84 -19.18
H2 ACE A 1 6.24 6.61 -19.18
H3 ACE A 1 7.93 6.14 -19.42
N LYS A 2 6.30 6.55 -16.69
CA LYS A 2 6.33 6.39 -15.24
C LYS A 2 4.93 6.09 -14.69
N SER A 3 4.06 5.57 -15.54
CA SER A 3 2.68 5.26 -15.13
C SER A 3 2.41 3.76 -15.25
N TYR A 4 3.12 2.96 -14.45
CA TYR A 4 2.92 1.52 -14.47
C TYR A 4 3.92 0.82 -13.53
N MET A 5 4.90 0.12 -14.09
CA MET A 5 5.89 -0.57 -13.27
C MET A 5 6.70 0.43 -12.46
N ALA A 6 6.43 1.71 -12.68
CA ALA A 6 7.14 2.77 -11.97
C ALA A 6 6.38 3.18 -10.71
N TYR A 7 5.06 3.06 -10.75
CA TYR A 7 4.24 3.45 -9.61
C TYR A 7 3.89 2.24 -8.74
N LEU A 8 3.43 1.16 -9.37
CA LEU A 8 3.07 -0.04 -8.62
C LEU A 8 4.28 -0.59 -7.88
N SER A 9 5.47 -0.22 -8.34
CA SER A 9 6.70 -0.67 -7.70
C SER A 9 7.07 0.26 -6.56
N ALA A 10 6.23 1.27 -6.33
CA ALA A 10 6.47 2.23 -5.26
C ALA A 10 5.35 2.19 -4.23
N GLU A 11 4.47 1.19 -4.35
CA GLU A 11 3.37 1.05 -3.43
C GLU A 11 3.11 -0.42 -3.11
N LEU A 12 4.12 -1.08 -2.56
CA LEU A 12 3.99 -2.49 -2.21
C LEU A 12 4.59 -2.76 -0.83
N PHE A 13 5.06 -1.68 -0.19
CA PHE A 13 5.65 -1.80 1.13
C PHE A 13 5.26 -0.61 2.00
N HIS A 14 4.53 0.33 1.41
CA HIS A 14 4.11 1.53 2.12
C HIS A 14 3.11 1.18 3.22
N LEU A 15 2.96 -0.12 3.48
CA LEU A 15 2.03 -0.57 4.51
C LEU A 15 2.71 -1.60 5.42
N SER A 16 2.94 -2.80 4.88
CA SER A 16 3.58 -3.87 5.67
C SER A 16 4.85 -3.37 6.35
N GLY A 17 4.68 -2.73 7.51
CA GLY A 17 5.81 -2.19 8.25
C GLY A 17 5.59 -0.71 8.52
N ILE A 18 4.91 -0.07 7.58
CA ILE A 18 4.59 1.34 7.68
C ILE A 18 3.19 1.50 8.27
N MET A 19 2.30 0.58 7.91
CA MET A 19 0.92 0.63 8.36
C MET A 19 0.82 0.43 9.88
N ALA A 20 1.71 -0.39 10.41
CA ALA A 20 1.71 -0.69 11.84
C ALA A 20 2.21 0.50 12.64
N LEU A 21 2.91 1.40 11.96
CA LEU A 21 3.46 2.58 12.60
C LEU A 21 2.78 3.83 12.05
N ILE A 22 2.14 3.69 10.89
CA ILE A 22 1.45 4.82 10.25
C ILE A 22 0.89 5.78 11.31
N ALA A 23 0.25 5.21 12.32
CA ALA A 23 -0.32 6.01 13.39
C ALA A 23 0.69 6.22 14.52
N SER A 24 1.58 5.25 14.69
CA SER A 24 2.60 5.35 15.73
C SER A 24 3.78 6.17 15.27
N GLY A 25 3.70 6.68 14.04
CA GLY A 25 4.77 7.49 13.49
C GLY A 25 4.21 8.67 12.70
N VAL A 26 3.29 9.40 13.32
CA VAL A 26 2.69 10.55 12.67
C VAL A 26 1.88 11.38 13.67
N VAL A 27 2.07 11.08 14.96
CA VAL A 27 1.37 11.80 16.00
C VAL A 27 2.30 12.07 17.19
N MET A 28 2.00 13.13 17.93
CA MET A 28 2.82 13.50 19.08
C MET A 28 1.93 13.92 20.25
N ARG A 29 1.87 15.23 20.50
CA ARG A 29 1.07 15.76 21.60
C ARG A 29 1.52 15.13 22.90
N PRO A 30 2.66 15.53 23.39
CA PRO A 30 3.21 15.00 24.65
C PRO A 30 2.60 15.65 25.88
N LYS A 31 2.43 16.98 25.83
CA LYS A 31 1.84 17.71 26.93
C LYS A 31 2.65 17.48 28.21
N LYS A 32 3.95 17.73 28.13
CA LYS A 32 4.82 17.55 29.29
C LYS A 32 4.19 18.16 30.54
N NH2 A 33 3.45 19.23 30.42
HN1 NH2 A 33 3.30 19.63 29.54
HN2 NH2 A 33 3.04 19.64 31.21
C ACE A 1 7.44 6.64 -17.41
O ACE A 1 8.56 6.60 -16.89
CH3 ACE A 1 7.28 6.81 -18.91
H1 ACE A 1 6.26 6.60 -19.20
H2 ACE A 1 7.95 6.13 -19.42
H3 ACE A 1 7.53 7.83 -19.18
N LYS A 2 6.32 6.54 -16.70
CA LYS A 2 6.35 6.38 -15.25
C LYS A 2 4.94 6.09 -14.70
N SER A 3 4.06 5.57 -15.56
CA SER A 3 2.70 5.26 -15.15
C SER A 3 2.42 3.76 -15.27
N TYR A 4 3.11 2.97 -14.47
CA TYR A 4 2.92 1.52 -14.48
C TYR A 4 3.90 0.82 -13.53
N MET A 5 4.89 0.12 -14.09
CA MET A 5 5.89 -0.57 -13.27
C MET A 5 6.70 0.43 -12.45
N ALA A 6 6.43 1.70 -12.68
CA ALA A 6 7.13 2.76 -11.97
C ALA A 6 6.38 3.18 -10.71
N TYR A 7 5.06 3.06 -10.75
CA TYR A 7 4.24 3.45 -9.62
C TYR A 7 3.88 2.24 -8.75
N LEU A 8 3.44 1.16 -9.38
CA LEU A 8 3.07 -0.04 -8.62
C LEU A 8 4.28 -0.58 -7.88
N SER A 9 5.47 -0.21 -8.33
CA SER A 9 6.70 -0.66 -7.71
C SER A 9 7.07 0.28 -6.55
N ALA A 10 6.23 1.28 -6.32
CA ALA A 10 6.46 2.25 -5.27
C ALA A 10 5.34 2.20 -4.23
N GLU A 11 4.47 1.19 -4.35
CA GLU A 11 3.37 1.06 -3.42
C GLU A 11 3.11 -0.41 -3.10
N LEU A 12 4.12 -1.08 -2.56
CA LEU A 12 4.00 -2.49 -2.22
C LEU A 12 4.60 -2.75 -0.83
N PHE A 13 5.06 -1.68 -0.19
CA PHE A 13 5.66 -1.81 1.14
C PHE A 13 5.27 -0.62 2.01
N HIS A 14 4.54 0.32 1.42
CA HIS A 14 4.11 1.52 2.13
C HIS A 14 3.11 1.17 3.23
N LEU A 15 2.96 -0.13 3.49
CA LEU A 15 2.04 -0.59 4.52
C LEU A 15 2.72 -1.62 5.42
N SER A 16 2.93 -2.83 4.89
CA SER A 16 3.56 -3.90 5.67
C SER A 16 4.83 -3.39 6.37
N GLY A 17 4.66 -2.77 7.54
CA GLY A 17 5.79 -2.24 8.29
C GLY A 17 5.56 -0.76 8.54
N ILE A 18 4.89 -0.13 7.60
CA ILE A 18 4.57 1.28 7.70
C ILE A 18 3.17 1.46 8.27
N MET A 19 2.28 0.54 7.92
CA MET A 19 0.90 0.59 8.37
C MET A 19 0.79 0.37 9.87
N ALA A 20 1.68 -0.46 10.41
CA ALA A 20 1.68 -0.78 11.82
C ALA A 20 2.18 0.40 12.64
N LEU A 21 2.86 1.31 11.97
CA LEU A 21 3.38 2.50 12.62
C LEU A 21 2.70 3.74 12.08
N ILE A 22 2.05 3.60 10.92
CA ILE A 22 1.34 4.72 10.29
C ILE A 22 0.81 5.68 11.36
N ALA A 23 0.19 5.11 12.39
CA ALA A 23 -0.37 5.91 13.48
C ALA A 23 0.66 6.13 14.58
N SER A 24 1.53 5.15 14.77
CA SER A 24 2.56 5.25 15.80
C SER A 24 3.75 6.07 15.30
N GLY A 25 3.64 6.58 14.08
CA GLY A 25 4.71 7.39 13.49
C GLY A 25 4.15 8.66 12.85
N VAL A 26 3.20 9.28 13.53
CA VAL A 26 2.59 10.51 13.02
C VAL A 26 1.72 11.15 14.09
N VAL A 27 0.98 10.32 14.82
CA VAL A 27 0.10 10.80 15.88
C VAL A 27 -0.91 11.81 15.31
N MET A 28 -2.08 11.87 15.94
CA MET A 28 -3.13 12.79 15.50
C MET A 28 -3.66 13.60 16.68
N ARG A 29 -4.85 14.18 16.49
CA ARG A 29 -5.47 14.98 17.55
C ARG A 29 -6.96 14.68 17.63
N PRO A 30 -7.30 13.53 18.15
CA PRO A 30 -8.72 13.10 18.30
C PRO A 30 -9.37 13.68 19.55
N LYS A 31 -8.60 13.75 20.63
CA LYS A 31 -9.12 14.28 21.89
C LYS A 31 -10.41 13.58 22.28
N LYS A 32 -10.38 12.26 22.29
CA LYS A 32 -11.55 11.47 22.66
C LYS A 32 -12.75 11.91 21.83
N NH2 A 33 -13.72 12.58 22.40
HN1 NH2 A 33 -13.66 12.79 23.35
HN2 NH2 A 33 -14.50 12.86 21.88
C ACE A 1 6.66 6.36 -18.46
O ACE A 1 7.86 6.41 -18.22
CH3 ACE A 1 6.16 6.26 -19.90
H1 ACE A 1 5.33 5.56 -19.95
H2 ACE A 1 6.95 5.90 -20.54
H3 ACE A 1 5.83 7.23 -20.24
N LYS A 2 5.73 6.40 -17.52
CA LYS A 2 6.10 6.50 -16.10
C LYS A 2 4.95 6.11 -15.18
N SER A 3 3.80 5.74 -15.75
CA SER A 3 2.63 5.38 -14.96
C SER A 3 2.32 3.89 -15.07
N TYR A 4 3.10 3.07 -14.38
CA TYR A 4 2.89 1.62 -14.40
C TYR A 4 3.90 0.90 -13.52
N MET A 5 4.82 0.16 -14.14
CA MET A 5 5.84 -0.57 -13.42
C MET A 5 6.72 0.37 -12.60
N ALA A 6 6.46 1.66 -12.73
CA ALA A 6 7.24 2.66 -12.00
C ALA A 6 6.55 3.08 -10.71
N TYR A 7 5.22 3.03 -10.72
CA TYR A 7 4.45 3.44 -9.55
C TYR A 7 4.06 2.24 -8.68
N LEU A 8 3.57 1.18 -9.31
CA LEU A 8 3.17 -0.01 -8.55
C LEU A 8 4.36 -0.59 -7.80
N SER A 9 5.56 -0.21 -8.22
CA SER A 9 6.77 -0.69 -7.57
C SER A 9 7.15 0.23 -6.40
N ALA A 10 6.32 1.24 -6.18
CA ALA A 10 6.55 2.19 -5.10
C ALA A 10 5.37 2.22 -4.14
N GLU A 11 4.63 1.11 -4.08
CA GLU A 11 3.48 1.03 -3.20
C GLU A 11 3.18 -0.42 -2.84
N LEU A 12 4.21 -1.15 -2.45
CA LEU A 12 4.06 -2.56 -2.08
C LEU A 12 4.62 -2.80 -0.68
N PHE A 13 5.10 -1.74 -0.05
CA PHE A 13 5.65 -1.84 1.29
C PHE A 13 5.19 -0.65 2.13
N HIS A 14 4.54 0.31 1.48
CA HIS A 14 4.06 1.49 2.17
C HIS A 14 3.08 1.12 3.28
N LEU A 15 2.66 -0.15 3.29
CA LEU A 15 1.73 -0.63 4.31
C LEU A 15 2.30 -1.87 5.00
N SER A 16 3.59 -1.84 5.30
CA SER A 16 4.24 -2.97 5.96
C SER A 16 3.36 -3.51 7.08
N GLY A 17 2.63 -4.58 6.78
CA GLY A 17 1.75 -5.18 7.76
C GLY A 17 0.48 -5.69 7.09
N ILE A 18 -0.06 -4.87 6.20
CA ILE A 18 -1.26 -5.24 5.47
C ILE A 18 -0.90 -5.80 4.10
N MET A 19 0.11 -5.20 3.48
CA MET A 19 0.58 -5.62 2.16
C MET A 19 1.28 -6.96 2.23
N ALA A 20 1.83 -7.28 3.40
CA ALA A 20 2.54 -8.55 3.59
C ALA A 20 1.54 -9.68 3.71
N LEU A 21 0.26 -9.32 3.89
CA LEU A 21 -0.80 -10.31 4.02
C LEU A 21 -1.85 -10.11 2.93
N ILE A 22 -1.83 -8.93 2.31
CA ILE A 22 -2.79 -8.61 1.25
C ILE A 22 -3.17 -9.86 0.47
N ALA A 23 -2.16 -10.66 0.14
CA ALA A 23 -2.38 -11.88 -0.62
C ALA A 23 -2.57 -13.07 0.31
N SER A 24 -1.97 -12.99 1.49
CA SER A 24 -2.08 -14.07 2.48
C SER A 24 -3.35 -13.92 3.29
N GLY A 25 -4.15 -12.89 2.97
CA GLY A 25 -5.39 -12.65 3.69
C GLY A 25 -6.48 -12.18 2.73
N VAL A 26 -6.66 -12.91 1.64
CA VAL A 26 -7.68 -12.57 0.65
C VAL A 26 -7.86 -13.69 -0.35
N VAL A 27 -7.11 -14.77 -0.17
CA VAL A 27 -7.20 -15.92 -1.07
C VAL A 27 -8.61 -16.51 -1.03
N MET A 28 -9.28 -16.36 0.10
CA MET A 28 -10.64 -16.88 0.24
C MET A 28 -11.38 -16.15 1.36
N ARG A 29 -12.70 -16.26 1.36
CA ARG A 29 -13.51 -15.62 2.39
C ARG A 29 -14.81 -16.40 2.61
N PRO A 30 -14.73 -17.47 3.35
CA PRO A 30 -15.90 -18.34 3.65
C PRO A 30 -16.67 -17.88 4.89
N LYS A 31 -15.95 -17.28 5.83
CA LYS A 31 -16.59 -16.80 7.05
C LYS A 31 -17.40 -17.90 7.71
N LYS A 32 -17.25 -19.12 7.21
CA LYS A 32 -17.99 -20.26 7.75
C LYS A 32 -17.48 -20.61 9.15
N NH2 A 33 -18.16 -20.22 10.19
HN1 NH2 A 33 -18.99 -19.71 10.07
HN2 NH2 A 33 -17.84 -20.44 11.09
C ACE A 1 7.27 6.56 -17.50
O ACE A 1 8.41 6.51 -17.02
CH3 ACE A 1 7.07 6.74 -19.00
H1 ACE A 1 7.68 6.03 -19.54
H2 ACE A 1 7.35 7.73 -19.29
H3 ACE A 1 6.03 6.56 -19.24
N LYS A 2 6.18 6.46 -16.76
CA LYS A 2 6.25 6.30 -15.31
C LYS A 2 4.87 6.00 -14.72
N SER A 3 3.97 5.47 -15.54
CA SER A 3 2.62 5.15 -15.09
C SER A 3 2.37 3.65 -15.15
N TYR A 4 3.14 2.88 -14.39
CA TYR A 4 2.97 1.43 -14.36
C TYR A 4 4.02 0.78 -13.44
N MET A 5 5.00 0.08 -14.03
CA MET A 5 6.03 -0.58 -13.24
C MET A 5 6.82 0.46 -12.44
N ALA A 6 6.50 1.73 -12.65
CA ALA A 6 7.18 2.81 -11.96
C ALA A 6 6.42 3.22 -10.70
N TYR A 7 5.11 3.16 -10.76
CA TYR A 7 4.28 3.55 -9.62
C TYR A 7 3.89 2.35 -8.75
N LEU A 8 3.41 1.28 -9.38
CA LEU A 8 3.02 0.11 -8.62
C LEU A 8 4.22 -0.51 -7.91
N SER A 9 5.41 -0.10 -8.33
CA SER A 9 6.64 -0.60 -7.73
C SER A 9 7.05 0.29 -6.56
N ALA A 10 6.23 1.30 -6.30
CA ALA A 10 6.49 2.25 -5.21
C ALA A 10 5.32 2.27 -4.22
N GLU A 11 4.53 1.21 -4.22
CA GLU A 11 3.39 1.12 -3.32
C GLU A 11 3.05 -0.33 -3.00
N LEU A 12 4.06 -1.08 -2.59
CA LEU A 12 3.87 -2.49 -2.26
C LEU A 12 4.46 -2.79 -0.88
N PHE A 13 5.01 -1.77 -0.25
CA PHE A 13 5.61 -1.92 1.07
C PHE A 13 5.26 -0.72 1.95
N HIS A 14 4.61 0.28 1.34
CA HIS A 14 4.23 1.47 2.06
C HIS A 14 3.25 1.15 3.19
N LEU A 15 2.96 -0.13 3.36
CA LEU A 15 2.03 -0.56 4.40
C LEU A 15 2.62 -1.73 5.18
N SER A 16 2.66 -2.90 4.56
CA SER A 16 3.17 -4.11 5.22
C SER A 16 4.61 -3.90 5.71
N GLY A 17 4.77 -3.16 6.81
CA GLY A 17 6.09 -2.90 7.37
C GLY A 17 6.16 -1.45 7.81
N ILE A 18 5.52 -0.61 7.02
CA ILE A 18 5.46 0.81 7.31
C ILE A 18 4.16 1.13 8.04
N MET A 19 3.23 0.19 7.95
CA MET A 19 1.92 0.34 8.58
C MET A 19 2.04 0.20 10.10
N ALA A 20 2.95 -0.66 10.52
CA ALA A 20 3.17 -0.91 11.94
C ALA A 20 3.83 0.29 12.59
N LEU A 21 4.24 1.24 11.76
CA LEU A 21 4.89 2.44 12.26
C LEU A 21 4.32 3.67 11.57
N ILE A 22 3.42 3.46 10.61
CA ILE A 22 2.81 4.58 9.90
C ILE A 22 2.52 5.71 10.89
N ALA A 23 2.09 5.31 12.09
CA ALA A 23 1.77 6.28 13.13
C ALA A 23 2.97 6.52 14.05
N SER A 24 3.84 5.51 14.16
CA SER A 24 5.01 5.62 15.01
C SER A 24 6.21 6.19 14.25
N GLY A 25 5.99 6.52 12.97
CA GLY A 25 7.05 7.05 12.13
C GLY A 25 6.63 8.36 11.49
N VAL A 26 5.32 8.59 11.43
CA VAL A 26 4.79 9.79 10.83
C VAL A 26 3.50 10.22 11.54
N VAL A 27 3.55 11.39 12.15
CA VAL A 27 2.37 11.91 12.86
C VAL A 27 2.55 13.39 13.17
N MET A 28 1.43 14.12 13.20
CA MET A 28 1.46 15.54 13.48
C MET A 28 0.31 15.94 14.40
N ARG A 29 -0.45 16.93 13.99
CA ARG A 29 -1.59 17.40 14.78
C ARG A 29 -2.82 17.57 13.90
N PRO A 30 -3.19 16.54 13.19
CA PRO A 30 -4.39 16.56 12.30
C PRO A 30 -5.69 16.77 13.07
N LYS A 31 -5.83 16.04 14.17
CA LYS A 31 -7.03 16.15 14.99
C LYS A 31 -8.28 15.83 14.17
N LYS A 32 -8.07 15.26 12.98
CA LYS A 32 -9.18 14.91 12.11
C LYS A 32 -10.18 16.07 12.01
N NH2 A 33 -11.37 15.84 11.56
HN1 NH2 A 33 -11.64 14.94 11.28
HN2 NH2 A 33 -12.02 16.57 11.49
C ACE A 1 7.83 5.88 -17.21
O ACE A 1 8.61 5.93 -16.25
CH3 ACE A 1 8.35 5.78 -18.64
H1 ACE A 1 7.65 6.24 -19.31
H2 ACE A 1 8.47 4.74 -18.90
H3 ACE A 1 9.31 6.27 -18.70
N LYS A 2 6.51 5.91 -17.06
CA LYS A 2 5.90 6.00 -15.76
C LYS A 2 4.40 5.75 -15.88
N SER A 3 3.77 5.48 -14.74
CA SER A 3 2.34 5.19 -14.66
C SER A 3 2.10 3.68 -14.69
N TYR A 4 3.11 2.91 -14.29
CA TYR A 4 2.97 1.46 -14.28
C TYR A 4 4.04 0.81 -13.38
N MET A 5 4.96 0.05 -13.96
CA MET A 5 6.01 -0.60 -13.19
C MET A 5 6.85 0.43 -12.45
N ALA A 6 6.53 1.70 -12.64
CA ALA A 6 7.26 2.77 -11.99
C ALA A 6 6.58 3.21 -10.70
N TYR A 7 5.25 3.21 -10.72
CA TYR A 7 4.48 3.64 -9.56
C TYR A 7 4.08 2.46 -8.68
N LEU A 8 3.54 1.40 -9.28
CA LEU A 8 3.12 0.24 -8.50
C LEU A 8 4.33 -0.41 -7.84
N SER A 9 5.51 -0.06 -8.32
CA SER A 9 6.75 -0.60 -7.77
C SER A 9 7.24 0.27 -6.62
N ALA A 10 6.47 1.32 -6.32
CA ALA A 10 6.83 2.25 -5.26
C ALA A 10 5.73 2.32 -4.20
N GLU A 11 4.82 1.35 -4.23
CA GLU A 11 3.72 1.32 -3.28
C GLU A 11 3.28 -0.12 -3.00
N LEU A 12 4.20 -0.93 -2.48
CA LEU A 12 3.89 -2.31 -2.18
C LEU A 12 4.48 -2.72 -0.82
N PHE A 13 5.05 -1.74 -0.14
CA PHE A 13 5.66 -1.98 1.17
C PHE A 13 5.23 -0.90 2.15
N HIS A 14 4.77 0.22 1.59
CA HIS A 14 4.32 1.34 2.41
C HIS A 14 3.07 0.98 3.20
N LEU A 15 2.55 -0.21 2.94
CA LEU A 15 1.35 -0.67 3.64
C LEU A 15 1.52 -2.12 4.08
N SER A 16 2.67 -2.42 4.69
CA SER A 16 2.94 -3.78 5.16
C SER A 16 1.77 -4.32 5.95
N GLY A 17 0.97 -5.17 5.32
CA GLY A 17 -0.19 -5.75 5.98
C GLY A 17 -1.30 -5.94 4.96
N ILE A 18 -1.58 -4.87 4.22
CA ILE A 18 -2.60 -4.91 3.19
C ILE A 18 -1.96 -5.25 1.85
N MET A 19 -0.69 -4.89 1.73
CA MET A 19 0.06 -5.15 0.50
C MET A 19 0.46 -6.62 0.43
N ALA A 20 0.46 -7.27 1.58
CA ALA A 20 0.82 -8.68 1.65
C ALA A 20 -0.37 -9.53 1.24
N LEU A 21 -1.51 -8.88 1.06
CA LEU A 21 -2.73 -9.58 0.66
C LEU A 21 -3.42 -8.84 -0.47
N ILE A 22 -2.88 -7.68 -0.84
CA ILE A 22 -3.46 -6.90 -1.93
C ILE A 22 -3.90 -7.82 -3.05
N ALA A 23 -3.05 -8.81 -3.32
CA ALA A 23 -3.35 -9.77 -4.38
C ALA A 23 -4.08 -10.99 -3.84
N SER A 24 -3.86 -11.30 -2.57
CA SER A 24 -4.51 -12.45 -1.95
C SER A 24 -5.99 -12.18 -1.70
N GLY A 25 -6.28 -11.09 -1.01
CA GLY A 25 -7.66 -10.72 -0.71
C GLY A 25 -8.09 -9.53 -1.57
N VAL A 26 -8.19 -9.78 -2.88
CA VAL A 26 -8.60 -8.76 -3.85
C VAL A 26 -8.06 -9.16 -5.23
N VAL A 27 -8.97 -9.48 -6.14
CA VAL A 27 -8.58 -9.89 -7.48
C VAL A 27 -9.68 -9.55 -8.47
N MET A 28 -9.28 -9.32 -9.72
CA MET A 28 -10.24 -8.98 -10.77
C MET A 28 -9.94 -9.76 -12.04
N ARG A 29 -9.62 -9.03 -13.11
CA ARG A 29 -9.31 -9.66 -14.38
C ARG A 29 -8.63 -8.67 -15.33
N PRO A 30 -7.56 -8.08 -14.88
CA PRO A 30 -6.79 -7.08 -15.69
C PRO A 30 -6.15 -7.71 -16.93
N LYS A 31 -5.46 -8.83 -16.72
CA LYS A 31 -4.79 -9.52 -17.81
C LYS A 31 -3.74 -8.62 -18.47
N LYS A 32 -3.60 -7.42 -17.93
CA LYS A 32 -2.64 -6.47 -18.47
C LYS A 32 -2.89 -6.23 -19.95
N NH2 A 33 -4.07 -5.83 -20.36
HN1 NH2 A 33 -4.78 -5.70 -19.70
HN2 NH2 A 33 -4.24 -5.68 -21.30
C ACE A 1 7.03 6.62 -17.83
O ACE A 1 8.20 6.56 -17.45
CH3 ACE A 1 6.69 6.70 -19.32
H1 ACE A 1 6.63 7.75 -19.61
H2 ACE A 1 5.74 6.22 -19.50
H3 ACE A 1 7.46 6.22 -19.89
N LYS A 2 5.99 6.61 -16.99
CA LYS A 2 6.20 6.54 -15.55
C LYS A 2 4.90 6.18 -14.83
N SER A 3 3.94 5.64 -15.59
CA SER A 3 2.65 5.28 -15.02
C SER A 3 2.37 3.79 -15.16
N TYR A 4 3.10 2.98 -14.40
CA TYR A 4 2.91 1.54 -14.44
C TYR A 4 3.91 0.84 -13.50
N MET A 5 4.88 0.14 -14.08
CA MET A 5 5.89 -0.56 -13.29
C MET A 5 6.71 0.43 -12.45
N ALA A 6 6.42 1.71 -12.64
CA ALA A 6 7.14 2.75 -11.92
C ALA A 6 6.39 3.16 -10.65
N TYR A 7 5.07 3.04 -10.69
CA TYR A 7 4.25 3.42 -9.56
C TYR A 7 3.90 2.20 -8.69
N LEU A 8 3.46 1.12 -9.32
CA LEU A 8 3.10 -0.08 -8.58
C LEU A 8 4.33 -0.64 -7.85
N SER A 9 5.51 -0.27 -8.32
CA SER A 9 6.74 -0.72 -7.70
C SER A 9 7.13 0.21 -6.55
N ALA A 10 6.29 1.22 -6.31
CA ALA A 10 6.54 2.18 -5.25
C ALA A 10 5.44 2.11 -4.19
N GLU A 11 4.55 1.15 -4.33
CA GLU A 11 3.45 0.99 -3.39
C GLU A 11 3.20 -0.49 -3.08
N LEU A 12 4.21 -1.14 -2.52
CA LEU A 12 4.10 -2.55 -2.17
C LEU A 12 4.72 -2.82 -0.81
N PHE A 13 5.15 -1.75 -0.14
CA PHE A 13 5.77 -1.87 1.17
C PHE A 13 5.40 -0.70 2.05
N HIS A 14 4.68 0.26 1.47
CA HIS A 14 4.27 1.44 2.23
C HIS A 14 3.44 1.04 3.44
N LEU A 15 2.46 0.18 3.21
CA LEU A 15 1.60 -0.32 4.27
C LEU A 15 2.37 -0.48 5.58
N SER A 16 3.50 -1.17 5.52
CA SER A 16 4.31 -1.42 6.71
C SER A 16 4.70 -0.11 7.40
N GLY A 17 3.75 0.51 8.10
CA GLY A 17 4.02 1.76 8.80
C GLY A 17 2.86 2.72 8.61
N ILE A 18 2.29 2.67 7.42
CA ILE A 18 1.16 3.52 7.09
C ILE A 18 -0.15 2.76 7.32
N MET A 19 -0.08 1.43 7.18
CA MET A 19 -1.27 0.60 7.35
C MET A 19 -1.69 0.53 8.82
N ALA A 20 -0.71 0.59 9.71
CA ALA A 20 -0.97 0.52 11.14
C ALA A 20 -1.66 1.78 11.62
N LEU A 21 -1.57 2.84 10.82
CA LEU A 21 -2.19 4.10 11.16
C LEU A 21 -3.22 4.48 10.10
N ILE A 22 -3.24 3.72 9.00
CA ILE A 22 -4.21 3.98 7.91
C ILE A 22 -5.52 4.46 8.51
N ALA A 23 -5.96 3.78 9.56
CA ALA A 23 -7.21 4.13 10.23
C ALA A 23 -6.97 5.13 11.36
N SER A 24 -5.76 5.11 11.91
CA SER A 24 -5.42 6.02 13.00
C SER A 24 -4.95 7.37 12.45
N GLY A 25 -4.94 7.49 11.12
CA GLY A 25 -4.52 8.73 10.47
C GLY A 25 -5.44 9.08 9.31
N VAL A 26 -6.74 8.98 9.55
CA VAL A 26 -7.72 9.31 8.52
C VAL A 26 -9.12 9.40 9.12
N VAL A 27 -9.19 9.44 10.46
CA VAL A 27 -10.47 9.52 11.15
C VAL A 27 -11.28 10.69 10.60
N MET A 28 -10.90 11.91 10.98
CA MET A 28 -11.60 13.10 10.54
C MET A 28 -13.10 12.96 10.77
N ARG A 29 -13.89 13.56 9.88
CA ARG A 29 -15.34 13.50 10.00
C ARG A 29 -15.98 13.41 8.62
N PRO A 30 -15.89 12.26 8.00
CA PRO A 30 -16.46 12.04 6.65
C PRO A 30 -17.95 11.66 6.71
N LYS A 31 -18.34 10.95 7.76
CA LYS A 31 -19.73 10.54 7.91
C LYS A 31 -20.19 9.72 6.71
N LYS A 32 -19.36 8.75 6.32
CA LYS A 32 -19.69 7.91 5.18
C LYS A 32 -21.11 7.37 5.29
N NH2 A 33 -21.34 6.28 5.97
HN1 NH2 A 33 -20.59 5.81 6.40
HN2 NH2 A 33 -22.25 5.93 6.06
C ACE A 1 7.40 6.57 -17.51
O ACE A 1 8.53 6.51 -17.02
CH3 ACE A 1 7.23 6.76 -19.02
H1 ACE A 1 7.85 6.06 -19.54
H2 ACE A 1 7.51 7.76 -19.29
H3 ACE A 1 6.19 6.60 -19.29
N LYS A 2 6.29 6.50 -16.79
CA LYS A 2 6.33 6.32 -15.35
C LYS A 2 4.94 6.05 -14.79
N SER A 3 4.04 5.54 -15.63
CA SER A 3 2.67 5.25 -15.20
C SER A 3 2.38 3.75 -15.29
N TYR A 4 3.10 2.96 -14.51
CA TYR A 4 2.90 1.52 -14.50
C TYR A 4 3.90 0.83 -13.55
N MET A 5 4.87 0.11 -14.11
CA MET A 5 5.86 -0.57 -13.29
C MET A 5 6.70 0.42 -12.50
N ALA A 6 6.43 1.71 -12.73
CA ALA A 6 7.16 2.77 -12.04
C ALA A 6 6.42 3.19 -10.77
N TYR A 7 5.10 3.08 -10.80
CA TYR A 7 4.29 3.48 -9.66
C TYR A 7 3.93 2.29 -8.78
N LEU A 8 3.47 1.20 -9.40
CA LEU A 8 3.09 0.01 -8.64
C LEU A 8 4.30 -0.55 -7.89
N SER A 9 5.49 -0.17 -8.34
CA SER A 9 6.72 -0.64 -7.70
C SER A 9 7.10 0.30 -6.56
N ALA A 10 6.28 1.33 -6.35
CA ALA A 10 6.53 2.29 -5.28
C ALA A 10 5.41 2.27 -4.27
N GLU A 11 4.55 1.25 -4.34
CA GLU A 11 3.43 1.12 -3.42
C GLU A 11 3.15 -0.34 -3.13
N LEU A 12 4.12 -1.02 -2.54
CA LEU A 12 3.96 -2.43 -2.21
C LEU A 12 4.54 -2.72 -0.82
N PHE A 13 5.01 -1.67 -0.15
CA PHE A 13 5.58 -1.82 1.18
C PHE A 13 5.18 -0.66 2.07
N HIS A 14 4.45 0.30 1.51
CA HIS A 14 4.01 1.47 2.26
C HIS A 14 3.08 1.07 3.41
N LEU A 15 2.92 -0.23 3.61
CA LEU A 15 2.07 -0.73 4.68
C LEU A 15 2.90 -1.47 5.73
N SER A 16 3.39 -2.64 5.37
CA SER A 16 4.18 -3.45 6.30
C SER A 16 5.22 -2.61 7.06
N GLY A 17 4.79 -1.99 8.15
CA GLY A 17 5.68 -1.17 8.96
C GLY A 17 5.02 0.17 9.23
N ILE A 18 4.42 0.71 8.19
CA ILE A 18 3.73 1.98 8.29
C ILE A 18 2.25 1.71 8.54
N MET A 19 1.85 0.47 8.27
CA MET A 19 0.46 0.05 8.44
C MET A 19 0.10 -0.05 9.92
N ALA A 20 1.04 -0.61 10.69
CA ALA A 20 0.85 -0.79 12.12
C ALA A 20 0.75 0.55 12.81
N LEU A 21 1.01 1.63 12.07
CA LEU A 21 0.94 2.96 12.63
C LEU A 21 0.17 3.88 11.70
N ILE A 22 -0.21 3.37 10.52
CA ILE A 22 -0.97 4.18 9.57
C ILE A 22 -2.00 5.01 10.32
N ALA A 23 -2.57 4.41 11.37
CA ALA A 23 -3.57 5.08 12.17
C ALA A 23 -2.93 5.77 13.38
N SER A 24 -1.78 5.26 13.79
CA SER A 24 -1.08 5.84 14.94
C SER A 24 -0.10 6.91 14.48
N GLY A 25 -0.06 7.17 13.18
CA GLY A 25 0.84 8.18 12.63
C GLY A 25 0.15 8.98 11.52
N VAL A 26 -1.00 9.55 11.85
CA VAL A 26 -1.74 10.34 10.87
C VAL A 26 -2.91 11.05 11.53
N VAL A 27 -2.98 10.97 12.87
CA VAL A 27 -4.05 11.61 13.62
C VAL A 27 -3.67 13.04 13.99
N MET A 28 -4.61 13.96 13.81
CA MET A 28 -4.36 15.36 14.14
C MET A 28 -5.63 16.03 14.64
N ARG A 29 -6.08 17.05 13.92
CA ARG A 29 -7.28 17.78 14.31
C ARG A 29 -8.00 18.32 13.08
N PRO A 30 -8.30 17.46 12.14
CA PRO A 30 -9.01 17.84 10.88
C PRO A 30 -10.43 18.32 11.15
N LYS A 31 -11.14 17.61 12.03
CA LYS A 31 -12.51 17.96 12.35
C LYS A 31 -13.39 17.92 11.10
N LYS A 32 -13.30 16.82 10.36
CA LYS A 32 -14.09 16.67 9.14
C LYS A 32 -15.58 16.89 9.43
N NH2 A 33 -16.26 15.94 10.00
HN1 NH2 A 33 -15.83 15.09 10.23
HN2 NH2 A 33 -17.22 16.08 10.19
C ACE A 1 7.30 6.55 -17.50
O ACE A 1 8.43 6.52 -17.01
CH3 ACE A 1 7.10 6.73 -19.00
H1 ACE A 1 7.38 7.73 -19.29
H2 ACE A 1 6.06 6.55 -19.26
H3 ACE A 1 7.72 6.02 -19.53
N LYS A 2 6.20 6.46 -16.77
CA LYS A 2 6.26 6.30 -15.32
C LYS A 2 4.87 6.00 -14.74
N SER A 3 3.98 5.47 -15.57
CA SER A 3 2.63 5.13 -15.13
C SER A 3 2.38 3.63 -15.19
N TYR A 4 3.15 2.87 -14.42
CA TYR A 4 2.99 1.42 -14.39
C TYR A 4 4.04 0.78 -13.46
N MET A 5 5.02 0.08 -14.03
CA MET A 5 6.05 -0.56 -13.23
C MET A 5 6.83 0.48 -12.42
N ALA A 6 6.50 1.74 -12.64
CA ALA A 6 7.17 2.82 -11.94
C ALA A 6 6.41 3.24 -10.69
N TYR A 7 5.08 3.16 -10.75
CA TYR A 7 4.26 3.55 -9.63
C TYR A 7 3.87 2.35 -8.76
N LEU A 8 3.40 1.27 -9.39
CA LEU A 8 3.01 0.09 -8.63
C LEU A 8 4.22 -0.52 -7.93
N SER A 9 5.41 -0.12 -8.36
CA SER A 9 6.63 -0.63 -7.75
C SER A 9 7.05 0.28 -6.60
N ALA A 10 6.24 1.29 -6.34
CA ALA A 10 6.52 2.24 -5.26
C ALA A 10 5.39 2.25 -4.23
N GLU A 11 4.51 1.26 -4.33
CA GLU A 11 3.39 1.17 -3.39
C GLU A 11 3.05 -0.29 -3.10
N LEU A 12 4.02 -1.02 -2.59
CA LEU A 12 3.83 -2.43 -2.26
C LEU A 12 4.43 -2.75 -0.90
N PHE A 13 4.97 -1.73 -0.25
CA PHE A 13 5.59 -1.91 1.07
C PHE A 13 5.26 -0.73 1.97
N HIS A 14 4.57 0.26 1.41
CA HIS A 14 4.23 1.45 2.17
C HIS A 14 3.23 1.12 3.29
N LEU A 15 2.99 -0.18 3.49
CA LEU A 15 2.07 -0.63 4.53
C LEU A 15 2.70 -1.74 5.36
N SER A 16 2.97 -2.88 4.74
CA SER A 16 3.56 -4.01 5.45
C SER A 16 4.85 -3.62 6.16
N GLY A 17 4.73 -2.96 7.31
CA GLY A 17 5.90 -2.54 8.07
C GLY A 17 5.68 -1.13 8.58
N ILE A 18 5.12 -0.32 7.72
CA ILE A 18 4.81 1.06 8.06
C ILE A 18 3.36 1.15 8.52
N MET A 19 2.62 0.09 8.24
CA MET A 19 1.19 0.01 8.60
C MET A 19 1.00 -0.21 10.09
N ALA A 20 1.89 -1.01 10.68
CA ALA A 20 1.80 -1.30 12.11
C ALA A 20 2.18 -0.08 12.91
N LEU A 21 2.57 0.97 12.21
CA LEU A 21 2.96 2.22 12.85
C LEU A 21 2.18 3.37 12.26
N ILE A 22 1.61 3.15 11.06
CA ILE A 22 0.82 4.19 10.39
C ILE A 22 0.07 5.02 11.42
N ALA A 23 -0.49 4.36 12.42
CA ALA A 23 -1.25 5.05 13.46
C ALA A 23 -0.35 5.37 14.66
N SER A 24 0.70 4.58 14.84
CA SER A 24 1.63 4.79 15.95
C SER A 24 2.75 5.73 15.56
N GLY A 25 2.70 6.24 14.33
CA GLY A 25 3.72 7.15 13.83
C GLY A 25 3.10 8.38 13.19
N VAL A 26 2.05 8.90 13.81
CA VAL A 26 1.36 10.07 13.30
C VAL A 26 0.36 10.61 14.31
N VAL A 27 -0.36 9.69 14.96
CA VAL A 27 -1.34 10.07 15.97
C VAL A 27 -2.37 11.03 15.39
N MET A 28 -3.54 11.09 16.00
CA MET A 28 -4.61 11.97 15.52
C MET A 28 -5.38 12.57 16.70
N ARG A 29 -6.70 12.46 16.65
CA ARG A 29 -7.54 13.00 17.71
C ARG A 29 -8.59 11.98 18.13
N PRO A 30 -8.17 10.80 18.50
CA PRO A 30 -9.08 9.71 18.93
C PRO A 30 -9.82 10.05 20.23
N LYS A 31 -9.07 10.50 21.22
CA LYS A 31 -9.62 10.87 22.52
C LYS A 31 -10.85 10.01 22.87
N LYS A 32 -10.80 8.74 22.46
CA LYS A 32 -11.90 7.83 22.73
C LYS A 32 -12.44 8.04 24.14
N NH2 A 33 -13.73 8.01 24.36
HN1 NH2 A 33 -14.34 7.86 23.61
HN2 NH2 A 33 -14.08 8.14 25.26
C ACE A 1 7.28 6.74 -17.34
O ACE A 1 8.40 6.70 -16.83
CH3 ACE A 1 7.10 6.94 -18.83
H1 ACE A 1 6.08 6.71 -19.11
H2 ACE A 1 7.77 6.29 -19.37
H3 ACE A 1 7.32 7.97 -19.09
N LYS A 2 6.17 6.63 -16.62
CA LYS A 2 6.22 6.43 -15.18
C LYS A 2 4.84 6.11 -14.61
N SER A 3 3.95 5.59 -15.46
CA SER A 3 2.60 5.24 -15.02
C SER A 3 2.34 3.75 -15.15
N TYR A 4 3.08 2.96 -14.38
CA TYR A 4 2.91 1.50 -14.41
C TYR A 4 3.93 0.82 -13.48
N MET A 5 4.91 0.13 -14.06
CA MET A 5 5.93 -0.55 -13.26
C MET A 5 6.73 0.46 -12.45
N ALA A 6 6.42 1.74 -12.65
CA ALA A 6 7.11 2.80 -11.95
C ALA A 6 6.37 3.19 -10.67
N TYR A 7 5.05 3.07 -10.71
CA TYR A 7 4.23 3.43 -9.56
C TYR A 7 3.89 2.20 -8.72
N LEU A 8 3.42 1.13 -9.36
CA LEU A 8 3.06 -0.08 -8.62
C LEU A 8 4.29 -0.67 -7.93
N SER A 9 5.46 -0.24 -8.36
CA SER A 9 6.70 -0.72 -7.76
C SER A 9 7.12 0.18 -6.61
N ALA A 10 6.30 1.20 -6.35
CA ALA A 10 6.58 2.16 -5.28
C ALA A 10 5.50 2.08 -4.21
N GLU A 11 4.55 1.16 -4.38
CA GLU A 11 3.47 1.00 -3.42
C GLU A 11 3.23 -0.48 -3.12
N LEU A 12 4.24 -1.12 -2.55
CA LEU A 12 4.13 -2.54 -2.22
C LEU A 12 4.75 -2.81 -0.85
N PHE A 13 5.18 -1.75 -0.18
CA PHE A 13 5.80 -1.87 1.14
C PHE A 13 5.43 -0.68 2.01
N HIS A 14 4.71 0.28 1.44
CA HIS A 14 4.31 1.46 2.18
C HIS A 14 3.46 1.07 3.38
N LEU A 15 2.45 0.23 3.13
CA LEU A 15 1.56 -0.23 4.18
C LEU A 15 2.31 -0.42 5.50
N SER A 16 3.47 -1.07 5.44
CA SER A 16 4.27 -1.31 6.64
C SER A 16 4.67 0.00 7.32
N GLY A 17 3.69 0.69 7.91
CA GLY A 17 3.97 1.96 8.57
C GLY A 17 2.90 2.96 8.19
N ILE A 18 2.34 2.76 7.00
CA ILE A 18 1.29 3.63 6.51
C ILE A 18 -0.08 3.02 6.79
N MET A 19 -0.15 1.69 6.71
CA MET A 19 -1.40 0.98 6.93
C MET A 19 -1.85 1.08 8.39
N ALA A 20 -0.90 1.24 9.29
CA ALA A 20 -1.20 1.32 10.72
C ALA A 20 -1.73 2.70 11.05
N LEU A 21 -1.48 3.65 10.16
CA LEU A 21 -1.92 5.03 10.35
C LEU A 21 -2.94 5.39 9.27
N ILE A 22 -2.96 4.61 8.19
CA ILE A 22 -3.90 4.87 7.08
C ILE A 22 -5.19 5.51 7.60
N ALA A 23 -5.73 4.91 8.66
CA ALA A 23 -6.96 5.42 9.27
C ALA A 23 -6.63 6.39 10.39
N SER A 24 -5.66 6.03 11.21
CA SER A 24 -5.24 6.87 12.34
C SER A 24 -4.63 8.17 11.83
N GLY A 25 -4.63 8.35 10.51
CA GLY A 25 -4.06 9.55 9.91
C GLY A 25 -5.15 10.51 9.45
N VAL A 26 -6.39 10.08 9.61
CA VAL A 26 -7.52 10.89 9.19
C VAL A 26 -8.73 10.58 10.07
N VAL A 27 -9.11 9.31 10.11
CA VAL A 27 -10.24 8.87 10.92
C VAL A 27 -11.51 9.65 10.60
N MET A 28 -11.42 10.58 9.65
CA MET A 28 -12.56 11.39 9.25
C MET A 28 -12.95 12.38 10.34
N ARG A 29 -13.25 11.85 11.52
CA ARG A 29 -13.65 12.70 12.65
C ARG A 29 -12.85 12.35 13.90
N PRO A 30 -11.58 12.67 13.90
CA PRO A 30 -10.69 12.40 15.06
C PRO A 30 -10.92 13.38 16.21
N LYS A 31 -10.97 14.67 15.89
CA LYS A 31 -11.18 15.69 16.90
C LYS A 31 -10.14 15.57 18.01
N LYS A 32 -8.95 15.11 17.65
CA LYS A 32 -7.88 14.94 18.62
C LYS A 32 -8.34 14.06 19.79
N NH2 A 33 -8.60 14.62 20.94
HN1 NH2 A 33 -8.50 15.59 21.05
HN2 NH2 A 33 -8.89 14.06 21.69
C ACE A 1 7.33 6.70 -17.38
O ACE A 1 8.47 6.66 -16.90
CH3 ACE A 1 7.14 6.91 -18.88
H1 ACE A 1 7.78 6.24 -19.42
H2 ACE A 1 7.37 7.93 -19.14
H3 ACE A 1 6.11 6.70 -19.14
N LYS A 2 6.23 6.59 -16.65
CA LYS A 2 6.30 6.40 -15.20
C LYS A 2 4.90 6.09 -14.63
N SER A 3 4.02 5.56 -15.48
CA SER A 3 2.67 5.23 -15.05
C SER A 3 2.40 3.73 -15.17
N TYR A 4 3.13 2.94 -14.41
CA TYR A 4 2.96 1.49 -14.44
C TYR A 4 3.98 0.80 -13.51
N MET A 5 4.96 0.12 -14.10
CA MET A 5 5.97 -0.57 -13.30
C MET A 5 6.78 0.44 -12.49
N ALA A 6 6.47 1.72 -12.68
CA ALA A 6 7.16 2.79 -11.96
C ALA A 6 6.41 3.17 -10.69
N TYR A 7 5.08 3.10 -10.75
CA TYR A 7 4.27 3.47 -9.61
C TYR A 7 3.88 2.24 -8.76
N LEU A 8 3.41 1.18 -9.42
CA LEU A 8 3.02 -0.01 -8.67
C LEU A 8 4.22 -0.63 -7.98
N SER A 9 5.41 -0.16 -8.33
CA SER A 9 6.64 -0.67 -7.73
C SER A 9 7.03 0.22 -6.55
N ALA A 10 6.22 1.24 -6.29
CA ALA A 10 6.47 2.18 -5.20
C ALA A 10 5.32 2.15 -4.20
N GLU A 11 4.49 1.13 -4.28
CA GLU A 11 3.35 1.02 -3.38
C GLU A 11 3.08 -0.45 -3.04
N LEU A 12 4.11 -1.14 -2.58
CA LEU A 12 3.99 -2.54 -2.21
C LEU A 12 4.56 -2.79 -0.83
N PHE A 13 5.05 -1.72 -0.21
CA PHE A 13 5.63 -1.81 1.12
C PHE A 13 5.24 -0.59 1.96
N HIS A 14 4.55 0.35 1.32
CA HIS A 14 4.12 1.57 1.99
C HIS A 14 3.20 1.25 3.15
N LEU A 15 2.96 -0.03 3.38
CA LEU A 15 2.10 -0.48 4.45
C LEU A 15 2.80 -1.57 5.26
N SER A 16 2.79 -2.78 4.75
CA SER A 16 3.44 -3.91 5.44
C SER A 16 4.81 -3.50 5.99
N GLY A 17 4.82 -2.91 7.18
CA GLY A 17 6.06 -2.46 7.80
C GLY A 17 5.93 -1.00 8.17
N ILE A 18 5.27 -0.26 7.30
CA ILE A 18 5.04 1.16 7.51
C ILE A 18 3.69 1.34 8.21
N MET A 19 2.74 0.47 7.88
CA MET A 19 1.40 0.53 8.46
C MET A 19 1.44 0.22 9.95
N ALA A 20 2.34 -0.68 10.32
CA ALA A 20 2.48 -1.11 11.71
C ALA A 20 3.08 0.01 12.56
N LEU A 21 3.57 1.04 11.89
CA LEU A 21 4.17 2.17 12.60
C LEU A 21 3.58 3.48 12.09
N ILE A 22 2.79 3.40 11.01
CA ILE A 22 2.17 4.60 10.45
C ILE A 22 1.73 5.52 11.57
N ALA A 23 1.21 4.93 12.64
CA ALA A 23 0.75 5.71 13.78
C ALA A 23 1.86 5.85 14.83
N SER A 24 2.79 4.90 14.82
CA SER A 24 3.90 4.92 15.77
C SER A 24 5.09 5.67 15.21
N GLY A 25 4.94 6.21 14.00
CA GLY A 25 6.01 6.95 13.35
C GLY A 25 5.58 8.36 13.00
N VAL A 26 4.71 8.93 13.85
CA VAL A 26 4.22 10.28 13.61
C VAL A 26 3.62 10.86 14.89
N VAL A 27 3.85 10.18 16.01
CA VAL A 27 3.33 10.62 17.30
C VAL A 27 4.40 10.52 18.38
N MET A 28 4.46 11.50 19.26
CA MET A 28 5.45 11.50 20.34
C MET A 28 4.91 12.25 21.55
N ARG A 29 5.30 11.78 22.74
CA ARG A 29 4.86 12.42 23.98
C ARG A 29 5.73 11.97 25.15
N PRO A 30 7.02 12.10 25.01
CA PRO A 30 8.00 11.70 26.06
C PRO A 30 7.87 12.56 27.32
N LYS A 31 7.84 13.88 27.13
CA LYS A 31 7.71 14.80 28.26
C LYS A 31 8.89 14.63 29.21
N LYS A 32 10.10 14.65 28.67
CA LYS A 32 11.30 14.50 29.48
C LYS A 32 11.19 13.27 30.38
N NH2 A 33 10.29 12.36 30.11
HN1 NH2 A 33 9.69 12.48 29.34
HN2 NH2 A 33 10.21 11.57 30.69
C ACE A 1 7.05 6.61 -17.53
O ACE A 1 8.21 6.51 -17.12
CH3 ACE A 1 6.76 6.83 -19.01
H1 ACE A 1 5.72 6.63 -19.20
H2 ACE A 1 7.37 6.15 -19.60
H3 ACE A 1 7.00 7.84 -19.28
N LYS A 2 5.99 6.53 -16.73
CA LYS A 2 6.14 6.34 -15.29
C LYS A 2 4.79 6.07 -14.62
N SER A 3 3.83 5.60 -15.41
CA SER A 3 2.50 5.31 -14.88
C SER A 3 2.15 3.83 -15.04
N TYR A 4 2.86 2.98 -14.31
CA TYR A 4 2.62 1.54 -14.37
C TYR A 4 3.66 0.78 -13.55
N MET A 5 4.59 0.10 -14.22
CA MET A 5 5.63 -0.66 -13.52
C MET A 5 6.55 0.28 -12.75
N ALA A 6 6.29 1.58 -12.88
CA ALA A 6 7.10 2.58 -12.20
C ALA A 6 6.49 3.01 -10.88
N TYR A 7 5.16 2.99 -10.81
CA TYR A 7 4.46 3.39 -9.60
C TYR A 7 4.16 2.20 -8.69
N LEU A 8 3.64 1.13 -9.28
CA LEU A 8 3.30 -0.06 -8.50
C LEU A 8 4.54 -0.61 -7.81
N SER A 9 5.71 -0.19 -8.28
CA SER A 9 6.97 -0.64 -7.69
C SER A 9 7.39 0.31 -6.57
N ALA A 10 6.57 1.32 -6.32
CA ALA A 10 6.86 2.30 -5.28
C ALA A 10 5.76 2.31 -4.22
N GLU A 11 4.88 1.31 -4.28
CA GLU A 11 3.79 1.23 -3.32
C GLU A 11 3.45 -0.23 -3.01
N LEU A 12 4.39 -0.93 -2.39
CA LEU A 12 4.18 -2.33 -2.05
C LEU A 12 4.71 -2.63 -0.65
N PHE A 13 5.17 -1.59 0.03
CA PHE A 13 5.71 -1.73 1.39
C PHE A 13 5.06 -0.72 2.31
N HIS A 14 4.75 0.45 1.77
CA HIS A 14 4.12 1.50 2.55
C HIS A 14 3.00 0.91 3.41
N LEU A 15 2.30 -0.08 2.88
CA LEU A 15 1.22 -0.73 3.60
C LEU A 15 1.60 -0.92 5.07
N SER A 16 2.84 -1.33 5.32
CA SER A 16 3.31 -1.57 6.68
C SER A 16 3.17 -0.31 7.55
N GLY A 17 1.93 0.07 7.89
CA GLY A 17 1.70 1.24 8.72
C GLY A 17 0.51 2.01 8.18
N ILE A 18 0.42 2.02 6.86
CA ILE A 18 -0.68 2.69 6.18
C ILE A 18 -1.81 1.70 5.94
N MET A 19 -1.45 0.42 5.99
CA MET A 19 -2.42 -0.65 5.77
C MET A 19 -3.34 -0.79 6.98
N ALA A 20 -2.77 -0.57 8.16
CA ALA A 20 -3.51 -0.68 9.40
C ALA A 20 -4.53 0.44 9.52
N LEU A 21 -4.44 1.40 8.60
CA LEU A 21 -5.36 2.53 8.61
C LEU A 21 -5.94 2.73 7.21
N ILE A 22 -5.43 1.96 6.25
CA ILE A 22 -5.93 2.07 4.87
C ILE A 22 -7.44 2.25 4.91
N ALA A 23 -8.09 1.51 5.78
CA ALA A 23 -9.55 1.59 5.92
C ALA A 23 -9.94 2.64 6.94
N SER A 24 -9.03 2.94 7.86
CA SER A 24 -9.30 3.94 8.89
C SER A 24 -8.85 5.32 8.44
N GLY A 25 -8.35 5.42 7.21
CA GLY A 25 -7.88 6.69 6.67
C GLY A 25 -8.34 6.88 5.23
N VAL A 26 -9.62 6.68 4.98
CA VAL A 26 -10.16 6.83 3.63
C VAL A 26 -11.68 6.74 3.64
N VAL A 27 -12.20 5.77 4.38
CA VAL A 27 -13.64 5.58 4.48
C VAL A 27 -14.26 5.40 3.09
N MET A 28 -15.42 4.75 3.04
CA MET A 28 -16.09 4.52 1.78
C MET A 28 -17.60 4.40 1.98
N ARG A 29 -18.04 3.25 2.45
CA ARG A 29 -19.45 3.02 2.68
C ARG A 29 -19.67 2.32 4.02
N PRO A 30 -19.47 3.04 5.09
CA PRO A 30 -19.63 2.51 6.47
C PRO A 30 -21.08 2.60 6.96
N LYS A 31 -21.83 3.51 6.38
CA LYS A 31 -23.22 3.71 6.76
C LYS A 31 -23.33 3.98 8.26
N LYS A 32 -22.19 4.23 8.89
CA LYS A 32 -22.17 4.52 10.32
C LYS A 32 -22.89 3.42 11.10
N NH2 A 33 -24.19 3.49 11.24
HN1 NH2 A 33 -24.68 4.24 10.85
HN2 NH2 A 33 -24.66 2.80 11.74
C ACE A 1 7.35 6.59 -17.55
O ACE A 1 8.49 6.53 -17.06
CH3 ACE A 1 7.15 6.77 -19.05
H1 ACE A 1 7.78 6.07 -19.58
H2 ACE A 1 7.42 7.79 -19.32
H3 ACE A 1 6.12 6.59 -19.29
N LYS A 2 6.25 6.50 -16.81
CA LYS A 2 6.31 6.32 -15.37
C LYS A 2 4.93 6.05 -14.78
N SER A 3 4.02 5.55 -15.62
CA SER A 3 2.66 5.25 -15.17
C SER A 3 2.36 3.76 -15.26
N TYR A 4 3.09 2.96 -14.48
CA TYR A 4 2.88 1.51 -14.49
C TYR A 4 3.90 0.82 -13.56
N MET A 5 4.86 0.10 -14.14
CA MET A 5 5.86 -0.59 -13.35
C MET A 5 6.71 0.41 -12.56
N ALA A 6 6.43 1.69 -12.77
CA ALA A 6 7.17 2.74 -12.09
C ALA A 6 6.45 3.16 -10.81
N TYR A 7 5.12 3.07 -10.83
CA TYR A 7 4.33 3.47 -9.67
C TYR A 7 3.98 2.27 -8.78
N LEU A 8 3.49 1.19 -9.40
CA LEU A 8 3.12 0.01 -8.63
C LEU A 8 4.33 -0.54 -7.89
N SER A 9 5.52 -0.15 -8.33
CA SER A 9 6.76 -0.59 -7.71
C SER A 9 7.13 0.34 -6.55
N ALA A 10 6.29 1.35 -6.34
CA ALA A 10 6.54 2.32 -5.27
C ALA A 10 5.40 2.29 -4.25
N GLU A 11 4.55 1.26 -4.34
CA GLU A 11 3.43 1.14 -3.41
C GLU A 11 3.13 -0.32 -3.12
N LEU A 12 4.10 -1.01 -2.53
CA LEU A 12 3.92 -2.43 -2.20
C LEU A 12 4.50 -2.72 -0.82
N PHE A 13 4.98 -1.67 -0.15
CA PHE A 13 5.57 -1.83 1.18
C PHE A 13 5.16 -0.67 2.08
N HIS A 14 4.43 0.29 1.51
CA HIS A 14 4.00 1.46 2.27
C HIS A 14 3.06 1.06 3.42
N LEU A 15 2.93 -0.24 3.64
CA LEU A 15 2.07 -0.75 4.70
C LEU A 15 2.89 -1.54 5.71
N SER A 16 3.48 -2.65 5.28
CA SER A 16 4.27 -3.48 6.18
C SER A 16 5.31 -2.66 6.96
N GLY A 17 4.88 -2.04 8.04
CA GLY A 17 5.78 -1.23 8.86
C GLY A 17 5.13 0.10 9.17
N ILE A 18 4.50 0.67 8.16
CA ILE A 18 3.81 1.93 8.29
C ILE A 18 2.34 1.65 8.63
N MET A 19 1.90 0.44 8.29
CA MET A 19 0.53 0.02 8.51
C MET A 19 0.23 -0.16 10.00
N ALA A 20 1.22 -0.64 10.73
CA ALA A 20 1.06 -0.87 12.16
C ALA A 20 1.01 0.45 12.91
N LEU A 21 1.23 1.53 12.17
CA LEU A 21 1.21 2.86 12.75
C LEU A 21 0.26 3.75 11.96
N ILE A 22 -0.07 3.33 10.73
CA ILE A 22 -0.97 4.12 9.89
C ILE A 22 -2.04 4.79 10.74
N ALA A 23 -2.61 4.04 11.67
CA ALA A 23 -3.65 4.58 12.55
C ALA A 23 -3.05 5.12 13.84
N SER A 24 -1.85 4.66 14.17
CA SER A 24 -1.19 5.10 15.39
C SER A 24 -0.30 6.32 15.11
N GLY A 25 -0.29 6.77 13.86
CA GLY A 25 0.51 7.92 13.47
C GLY A 25 -0.25 8.83 12.52
N VAL A 26 -1.48 9.16 12.88
CA VAL A 26 -2.31 10.02 12.05
C VAL A 26 -3.58 10.42 12.80
N VAL A 27 -3.88 9.71 13.87
CA VAL A 27 -5.06 10.00 14.67
C VAL A 27 -4.76 11.06 15.71
N MET A 28 -3.48 11.37 15.86
CA MET A 28 -3.05 12.37 16.83
C MET A 28 -4.00 13.56 16.83
N ARG A 29 -3.92 14.38 17.88
CA ARG A 29 -4.78 15.55 17.99
C ARG A 29 -4.04 16.70 18.66
N PRO A 30 -3.15 17.32 17.94
CA PRO A 30 -2.35 18.47 18.46
C PRO A 30 -3.11 19.79 18.38
N LYS A 31 -3.73 20.04 17.22
CA LYS A 31 -4.49 21.27 17.03
C LYS A 31 -3.58 22.48 17.13
N LYS A 32 -2.28 22.24 17.32
CA LYS A 32 -1.32 23.32 17.43
C LYS A 32 -1.72 24.29 18.55
N NH2 A 33 -0.85 25.14 19.00
HN1 NH2 A 33 0.06 25.15 18.64
HN2 NH2 A 33 -1.10 25.77 19.71
C ACE A 1 6.13 6.36 -19.14
O ACE A 1 7.09 7.13 -19.17
CH3 ACE A 1 5.53 5.81 -20.43
H1 ACE A 1 4.57 5.36 -20.22
H2 ACE A 1 6.19 5.05 -20.83
H3 ACE A 1 5.41 6.60 -21.14
N LYS A 2 5.56 5.95 -18.01
CA LYS A 2 6.03 6.40 -16.69
C LYS A 2 5.07 5.98 -15.59
N SER A 3 3.81 5.71 -15.97
CA SER A 3 2.80 5.31 -15.00
C SER A 3 2.52 3.81 -15.09
N TYR A 4 3.21 3.03 -14.27
CA TYR A 4 3.02 1.59 -14.27
C TYR A 4 4.05 0.90 -13.35
N MET A 5 5.03 0.23 -13.96
CA MET A 5 6.07 -0.45 -13.19
C MET A 5 6.85 0.54 -12.33
N ALA A 6 6.56 1.82 -12.50
CA ALA A 6 7.25 2.86 -11.75
C ALA A 6 6.48 3.23 -10.49
N TYR A 7 5.15 3.17 -10.57
CA TYR A 7 4.31 3.54 -9.44
C TYR A 7 3.92 2.31 -8.62
N LEU A 8 3.44 1.26 -9.27
CA LEU A 8 3.04 0.06 -8.55
C LEU A 8 4.23 -0.57 -7.84
N SER A 9 5.43 -0.14 -8.24
CA SER A 9 6.65 -0.66 -7.62
C SER A 9 7.05 0.22 -6.45
N ALA A 10 6.22 1.23 -6.17
CA ALA A 10 6.49 2.16 -5.07
C ALA A 10 5.34 2.15 -4.08
N GLU A 11 4.50 1.12 -4.15
CA GLU A 11 3.35 1.01 -3.25
C GLU A 11 3.03 -0.44 -2.95
N LEU A 12 4.06 -1.18 -2.51
CA LEU A 12 3.88 -2.59 -2.18
C LEU A 12 4.45 -2.88 -0.80
N PHE A 13 4.97 -1.84 -0.16
CA PHE A 13 5.55 -1.99 1.17
C PHE A 13 5.19 -0.78 2.04
N HIS A 14 4.54 0.21 1.43
CA HIS A 14 4.16 1.42 2.14
C HIS A 14 3.20 1.10 3.28
N LEU A 15 2.91 -0.18 3.46
CA LEU A 15 2.00 -0.61 4.51
C LEU A 15 2.62 -1.77 5.28
N SER A 16 2.56 -2.96 4.69
CA SER A 16 3.12 -4.15 5.33
C SER A 16 4.51 -3.88 5.91
N GLY A 17 4.55 -3.33 7.13
CA GLY A 17 5.81 -3.00 7.77
C GLY A 17 5.80 -1.55 8.20
N ILE A 18 5.17 -0.73 7.38
CA ILE A 18 5.04 0.69 7.67
C ILE A 18 3.71 0.96 8.36
N MET A 19 2.70 0.16 8.01
CA MET A 19 1.36 0.31 8.57
C MET A 19 1.34 -0.01 10.06
N ALA A 20 2.15 -0.97 10.46
CA ALA A 20 2.21 -1.39 11.86
C ALA A 20 2.91 -0.34 12.71
N LEU A 21 3.65 0.53 12.05
CA LEU A 21 4.38 1.59 12.74
C LEU A 21 3.81 2.94 12.35
N ILE A 22 3.07 2.97 11.23
CA ILE A 22 2.46 4.22 10.75
C ILE A 22 2.10 5.13 11.92
N ALA A 23 1.48 4.54 12.94
CA ALA A 23 1.06 5.30 14.11
C ALA A 23 2.15 5.28 15.18
N SER A 24 2.96 4.21 15.18
CA SER A 24 4.04 4.09 16.16
C SER A 24 5.29 4.82 15.68
N GLY A 25 5.20 5.46 14.52
CA GLY A 25 6.32 6.19 13.96
C GLY A 25 5.88 7.51 13.35
N VAL A 26 5.06 8.25 14.08
CA VAL A 26 4.56 9.53 13.60
C VAL A 26 3.89 10.30 14.73
N VAL A 27 3.98 9.76 15.94
CA VAL A 27 3.37 10.41 17.10
C VAL A 27 4.41 10.61 18.20
N MET A 28 5.58 10.02 18.01
CA MET A 28 6.66 10.14 18.98
C MET A 28 6.75 11.56 19.52
N ARG A 29 7.64 12.35 18.92
CA ARG A 29 7.82 13.74 19.35
C ARG A 29 7.80 14.68 18.15
N PRO A 30 6.76 14.59 17.36
CA PRO A 30 6.60 15.44 16.15
C PRO A 30 6.46 16.92 16.50
N LYS A 31 5.65 17.21 17.52
CA LYS A 31 5.44 18.59 17.94
C LYS A 31 4.92 19.44 16.79
N LYS A 32 4.66 18.79 15.66
CA LYS A 32 4.15 19.49 14.49
C LYS A 32 2.88 20.26 14.83
N NH2 A 33 1.80 19.61 15.15
HN1 NH2 A 33 1.80 18.63 15.17
HN2 NH2 A 33 0.98 20.10 15.37
C ACE A 1 7.01 6.65 -17.46
O ACE A 1 8.16 6.63 -17.01
CH3 ACE A 1 6.76 6.84 -18.95
H1 ACE A 1 7.37 6.15 -19.51
H2 ACE A 1 7.00 7.85 -19.24
H3 ACE A 1 5.71 6.65 -19.17
N LYS A 2 5.93 6.54 -16.69
CA LYS A 2 6.05 6.36 -15.25
C LYS A 2 4.69 6.03 -14.62
N SER A 3 3.78 5.50 -15.43
CA SER A 3 2.44 5.16 -14.95
C SER A 3 2.21 3.64 -15.02
N TYR A 4 3.01 2.88 -14.29
CA TYR A 4 2.87 1.43 -14.27
C TYR A 4 3.95 0.78 -13.40
N MET A 5 4.91 0.11 -14.02
CA MET A 5 5.98 -0.54 -13.26
C MET A 5 6.78 0.48 -12.49
N ALA A 6 6.44 1.75 -12.66
CA ALA A 6 7.14 2.83 -11.98
C ALA A 6 6.42 3.21 -10.68
N TYR A 7 5.09 3.14 -10.71
CA TYR A 7 4.30 3.51 -9.54
C TYR A 7 3.96 2.29 -8.68
N LEU A 8 3.48 1.21 -9.31
CA LEU A 8 3.13 0.01 -8.55
C LEU A 8 4.37 -0.59 -7.90
N SER A 9 5.54 -0.17 -8.35
CA SER A 9 6.79 -0.67 -7.80
C SER A 9 7.25 0.22 -6.66
N ALA A 10 6.43 1.22 -6.33
CA ALA A 10 6.75 2.15 -5.25
C ALA A 10 5.68 2.11 -4.16
N GLU A 11 4.71 1.20 -4.31
CA GLU A 11 3.65 1.09 -3.33
C GLU A 11 3.31 -0.38 -3.06
N LEU A 12 4.26 -1.10 -2.49
CA LEU A 12 4.07 -2.51 -2.19
C LEU A 12 4.63 -2.86 -0.82
N PHE A 13 5.06 -1.83 -0.10
CA PHE A 13 5.63 -2.00 1.23
C PHE A 13 5.16 -0.88 2.14
N HIS A 14 4.94 0.29 1.55
CA HIS A 14 4.49 1.44 2.31
C HIS A 14 3.42 1.01 3.31
N LEU A 15 2.42 0.28 2.82
CA LEU A 15 1.33 -0.21 3.66
C LEU A 15 1.84 -0.56 5.06
N SER A 16 2.73 -1.54 5.13
CA SER A 16 3.27 -1.98 6.41
C SER A 16 3.91 -0.82 7.19
N GLY A 17 3.09 0.06 7.74
CA GLY A 17 3.59 1.19 8.50
C GLY A 17 2.77 2.42 8.17
N ILE A 18 2.30 2.45 6.93
CA ILE A 18 1.47 3.55 6.46
C ILE A 18 -0.01 3.17 6.55
N MET A 19 -0.29 1.89 6.34
CA MET A 19 -1.66 1.39 6.38
C MET A 19 -2.25 1.52 7.78
N ALA A 20 -1.38 1.35 8.77
CA ALA A 20 -1.79 1.42 10.16
C ALA A 20 -2.14 2.83 10.57
N LEU A 21 -1.79 3.79 9.71
CA LEU A 21 -2.07 5.19 9.98
C LEU A 21 -2.77 5.83 8.80
N ILE A 22 -2.82 5.09 7.68
CA ILE A 22 -3.48 5.60 6.47
C ILE A 22 -4.71 6.41 6.86
N ALA A 23 -5.47 5.90 7.83
CA ALA A 23 -6.68 6.57 8.29
C ALA A 23 -6.37 7.49 9.47
N SER A 24 -5.29 7.19 10.18
CA SER A 24 -4.90 8.00 11.33
C SER A 24 -3.96 9.13 10.91
N GLY A 25 -3.69 9.21 9.62
CA GLY A 25 -2.80 10.25 9.09
C GLY A 25 -3.28 10.74 7.74
N VAL A 26 -4.53 11.20 7.69
CA VAL A 26 -5.09 11.70 6.45
C VAL A 26 -6.44 12.37 6.70
N VAL A 27 -6.85 12.39 7.96
CA VAL A 27 -8.13 13.00 8.33
C VAL A 27 -8.02 14.52 8.25
N MET A 28 -6.90 15.07 8.70
CA MET A 28 -6.70 16.50 8.68
C MET A 28 -7.71 17.22 9.56
N ARG A 29 -8.09 18.43 9.17
CA ARG A 29 -9.06 19.21 9.93
C ARG A 29 -10.05 19.90 9.01
N PRO A 30 -10.93 19.13 8.42
CA PRO A 30 -11.96 19.66 7.48
C PRO A 30 -13.17 20.22 8.21
N LYS A 31 -13.57 19.55 9.28
CA LYS A 31 -14.73 19.99 10.06
C LYS A 31 -15.95 20.16 9.17
N LYS A 32 -15.88 19.62 7.95
CA LYS A 32 -16.98 19.71 7.01
C LYS A 32 -17.44 21.15 6.88
N NH2 A 33 -16.58 22.07 6.53
HN1 NH2 A 33 -15.64 21.83 6.36
HN2 NH2 A 33 -16.87 23.01 6.44
C ACE A 1 7.37 6.57 -17.56
O ACE A 1 8.50 6.53 -17.07
CH3 ACE A 1 7.17 6.73 -19.07
H1 ACE A 1 7.83 6.05 -19.58
H2 ACE A 1 7.40 7.75 -19.35
H3 ACE A 1 6.14 6.50 -19.31
N LYS A 2 6.26 6.49 -16.82
CA LYS A 2 6.32 6.34 -15.37
C LYS A 2 4.94 6.06 -14.79
N SER A 3 4.04 5.54 -15.62
CA SER A 3 2.67 5.25 -15.17
C SER A 3 2.38 3.74 -15.27
N TYR A 4 3.09 2.96 -14.47
CA TYR A 4 2.88 1.50 -14.48
C TYR A 4 3.89 0.82 -13.54
N MET A 5 4.85 0.10 -14.12
CA MET A 5 5.86 -0.59 -13.32
C MET A 5 6.70 0.41 -12.53
N ALA A 6 6.42 1.69 -12.76
CA ALA A 6 7.15 2.75 -12.08
C ALA A 6 6.43 3.18 -10.81
N TYR A 7 5.12 3.07 -10.82
CA TYR A 7 4.32 3.47 -9.67
C TYR A 7 3.96 2.28 -8.78
N LEU A 8 3.49 1.21 -9.39
CA LEU A 8 3.11 0.02 -8.62
C LEU A 8 4.32 -0.53 -7.88
N SER A 9 5.51 -0.15 -8.33
CA SER A 9 6.73 -0.61 -7.69
C SER A 9 7.12 0.33 -6.54
N ALA A 10 6.29 1.34 -6.32
CA ALA A 10 6.52 2.31 -5.27
C ALA A 10 5.39 2.28 -4.23
N GLU A 11 4.54 1.27 -4.34
CA GLU A 11 3.42 1.13 -3.42
C GLU A 11 3.13 -0.34 -3.13
N LEU A 12 4.12 -1.02 -2.54
CA LEU A 12 3.96 -2.43 -2.22
C LEU A 12 4.54 -2.72 -0.84
N PHE A 13 5.00 -1.68 -0.16
CA PHE A 13 5.58 -1.83 1.17
C PHE A 13 5.18 -0.67 2.07
N HIS A 14 4.45 0.29 1.51
CA HIS A 14 4.02 1.46 2.28
C HIS A 14 3.07 1.06 3.40
N LEU A 15 2.92 -0.24 3.62
CA LEU A 15 2.05 -0.74 4.67
C LEU A 15 2.81 -1.68 5.59
N SER A 16 3.19 -2.84 5.07
CA SER A 16 3.92 -3.83 5.86
C SER A 16 5.15 -3.22 6.54
N GLY A 17 4.93 -2.55 7.68
CA GLY A 17 6.02 -1.93 8.42
C GLY A 17 5.65 -0.50 8.75
N ILE A 18 5.00 0.14 7.79
CA ILE A 18 4.54 1.50 7.96
C ILE A 18 3.11 1.51 8.49
N MET A 19 2.44 0.39 8.27
CA MET A 19 1.04 0.23 8.67
C MET A 19 0.89 0.12 10.19
N ALA A 20 1.85 -0.54 10.82
CA ALA A 20 1.82 -0.73 12.26
C ALA A 20 2.07 0.60 12.97
N LEU A 21 2.55 1.56 12.19
CA LEU A 21 2.84 2.88 12.72
C LEU A 21 1.99 3.92 12.00
N ILE A 22 1.40 3.53 10.86
CA ILE A 22 0.55 4.44 10.08
C ILE A 22 -0.15 5.44 11.01
N ALA A 23 -0.69 4.91 12.11
CA ALA A 23 -1.38 5.74 13.08
C ALA A 23 -0.44 6.15 14.21
N SER A 24 0.36 5.21 14.68
CA SER A 24 1.31 5.47 15.76
C SER A 24 2.41 6.41 15.29
N GLY A 25 2.34 6.83 14.04
CA GLY A 25 3.34 7.74 13.47
C GLY A 25 2.69 8.97 12.89
N VAL A 26 1.40 8.86 12.59
CA VAL A 26 0.67 9.96 12.01
C VAL A 26 -0.80 9.91 12.47
N VAL A 27 -1.23 10.95 13.18
CA VAL A 27 -2.61 11.00 13.66
C VAL A 27 -2.93 12.38 14.22
N MET A 28 -1.92 13.02 14.79
CA MET A 28 -2.09 14.35 15.37
C MET A 28 -3.05 15.20 14.54
N ARG A 29 -2.47 16.01 13.66
CA ARG A 29 -3.29 16.89 12.80
C ARG A 29 -2.80 16.80 11.37
N PRO A 30 -2.74 15.63 10.82
CA PRO A 30 -2.29 15.40 9.41
C PRO A 30 -3.26 16.01 8.39
N LYS A 31 -4.55 15.84 8.64
CA LYS A 31 -5.58 16.38 7.74
C LYS A 31 -5.40 15.79 6.34
N LYS A 32 -5.30 14.46 6.26
CA LYS A 32 -5.13 13.80 4.98
C LYS A 32 -6.20 14.25 3.99
N NH2 A 33 -7.39 14.58 4.44
HN1 NH2 A 33 -7.58 14.52 5.40
HN2 NH2 A 33 -8.08 14.87 3.82
C ACE A 1 6.05 6.40 -19.20
O ACE A 1 7.03 7.13 -19.25
CH3 ACE A 1 5.37 5.92 -20.48
H1 ACE A 1 6.10 5.41 -21.09
H2 ACE A 1 4.96 6.76 -21.02
H3 ACE A 1 4.58 5.22 -20.22
N LYS A 2 5.48 6.00 -18.05
CA LYS A 2 6.02 6.39 -16.75
C LYS A 2 5.07 6.00 -15.63
N SER A 3 3.80 5.80 -15.96
CA SER A 3 2.80 5.42 -14.96
C SER A 3 2.46 3.95 -15.08
N TYR A 4 3.13 3.12 -14.29
CA TYR A 4 2.89 1.68 -14.31
C TYR A 4 3.90 0.95 -13.42
N MET A 5 4.85 0.26 -14.06
CA MET A 5 5.88 -0.48 -13.34
C MET A 5 6.74 0.46 -12.50
N ALA A 6 6.49 1.75 -12.62
CA ALA A 6 7.24 2.75 -11.89
C ALA A 6 6.53 3.15 -10.61
N TYR A 7 5.20 3.08 -10.62
CA TYR A 7 4.43 3.47 -9.45
C TYR A 7 4.04 2.26 -8.61
N LEU A 8 3.54 1.20 -9.25
CA LEU A 8 3.14 0.01 -8.51
C LEU A 8 4.33 -0.57 -7.75
N SER A 9 5.53 -0.19 -8.17
CA SER A 9 6.75 -0.67 -7.52
C SER A 9 7.10 0.23 -6.34
N ALA A 10 6.27 1.25 -6.12
CA ALA A 10 6.50 2.20 -5.04
C ALA A 10 5.31 2.22 -4.08
N GLU A 11 4.59 1.10 -4.02
CA GLU A 11 3.42 1.01 -3.14
C GLU A 11 3.14 -0.45 -2.79
N LEU A 12 4.18 -1.18 -2.43
CA LEU A 12 4.04 -2.59 -2.07
C LEU A 12 4.61 -2.84 -0.68
N PHE A 13 5.11 -1.78 -0.06
CA PHE A 13 5.68 -1.88 1.28
C PHE A 13 5.21 -0.72 2.14
N HIS A 14 4.55 0.25 1.50
CA HIS A 14 4.07 1.43 2.20
C HIS A 14 3.11 1.05 3.32
N LEU A 15 2.66 -0.21 3.31
CA LEU A 15 1.75 -0.71 4.34
C LEU A 15 2.30 -1.96 4.98
N SER A 16 3.61 -1.96 5.25
CA SER A 16 4.25 -3.12 5.88
C SER A 16 3.37 -3.70 6.98
N GLY A 17 2.68 -4.79 6.67
CA GLY A 17 1.80 -5.42 7.64
C GLY A 17 0.52 -5.88 6.96
N ILE A 18 -0.07 -4.97 6.19
CA ILE A 18 -1.30 -5.28 5.46
C ILE A 18 -0.96 -5.81 4.08
N MET A 19 0.03 -5.21 3.44
CA MET A 19 0.47 -5.61 2.11
C MET A 19 1.18 -6.95 2.17
N ALA A 20 1.66 -7.30 3.35
CA ALA A 20 2.38 -8.56 3.54
C ALA A 20 1.38 -9.71 3.71
N LEU A 21 0.12 -9.35 3.85
CA LEU A 21 -0.93 -10.36 4.02
C LEU A 21 -2.07 -10.09 3.05
N ILE A 22 -2.01 -8.96 2.37
CA ILE A 22 -3.05 -8.59 1.40
C ILE A 22 -3.48 -9.83 0.62
N ALA A 23 -2.50 -10.60 0.16
CA ALA A 23 -2.79 -11.82 -0.60
C ALA A 23 -2.89 -13.03 0.33
N SER A 24 -2.02 -13.07 1.33
CA SER A 24 -2.03 -14.18 2.29
C SER A 24 -3.36 -14.24 3.04
N GLY A 25 -4.26 -13.32 2.70
CA GLY A 25 -5.57 -13.27 3.35
C GLY A 25 -6.68 -13.40 2.33
N VAL A 26 -6.34 -13.15 1.08
CA VAL A 26 -7.30 -13.22 0.00
C VAL A 26 -6.61 -13.57 -1.32
N VAL A 27 -6.68 -14.85 -1.68
CA VAL A 27 -6.04 -15.32 -2.90
C VAL A 27 -6.84 -16.48 -3.50
N MET A 28 -7.00 -17.54 -2.71
CA MET A 28 -7.74 -18.71 -3.17
C MET A 28 -7.39 -19.04 -4.61
N ARG A 29 -8.21 -19.88 -5.23
CA ARG A 29 -7.98 -20.28 -6.62
C ARG A 29 -9.29 -20.25 -7.41
N PRO A 30 -9.88 -19.10 -7.55
CA PRO A 30 -11.17 -18.93 -8.29
C PRO A 30 -10.99 -19.09 -9.79
N LYS A 31 -9.85 -18.59 -10.31
CA LYS A 31 -9.53 -18.67 -11.73
C LYS A 31 -10.80 -18.67 -12.59
N LYS A 32 -11.81 -17.92 -12.15
CA LYS A 32 -13.06 -17.84 -12.88
C LYS A 32 -13.66 -19.24 -13.08
N NH2 A 33 -14.11 -19.89 -12.04
HN1 NH2 A 33 -14.07 -19.49 -11.15
HN2 NH2 A 33 -14.50 -20.79 -12.16
C ACE A 1 7.25 6.42 -17.36
O ACE A 1 8.33 6.01 -16.91
CH3 ACE A 1 7.10 6.77 -18.84
H1 ACE A 1 7.41 7.79 -19.01
H2 ACE A 1 6.08 6.64 -19.15
H3 ACE A 1 7.74 6.10 -19.42
N LYS A 2 6.16 6.58 -16.61
CA LYS A 2 6.20 6.29 -15.18
C LYS A 2 4.81 5.88 -14.67
N SER A 3 3.88 5.64 -15.58
CA SER A 3 2.52 5.26 -15.19
C SER A 3 2.30 3.75 -15.26
N TYR A 4 3.04 2.99 -14.45
CA TYR A 4 2.89 1.54 -14.44
C TYR A 4 3.92 0.87 -13.51
N MET A 5 4.88 0.16 -14.09
CA MET A 5 5.90 -0.53 -13.31
C MET A 5 6.71 0.44 -12.47
N ALA A 6 6.47 1.73 -12.68
CA ALA A 6 7.19 2.76 -11.94
C ALA A 6 6.44 3.17 -10.68
N TYR A 7 5.12 3.09 -10.74
CA TYR A 7 4.30 3.49 -9.59
C TYR A 7 3.93 2.27 -8.73
N LEU A 8 3.48 1.20 -9.36
CA LEU A 8 3.09 0.01 -8.60
C LEU A 8 4.31 -0.58 -7.90
N SER A 9 5.49 -0.17 -8.33
CA SER A 9 6.73 -0.66 -7.72
C SER A 9 7.13 0.25 -6.57
N ALA A 10 6.32 1.28 -6.32
CA ALA A 10 6.57 2.22 -5.24
C ALA A 10 5.47 2.16 -4.19
N GLU A 11 4.58 1.18 -4.33
CA GLU A 11 3.48 1.03 -3.39
C GLU A 11 3.23 -0.45 -3.09
N LEU A 12 4.23 -1.12 -2.53
CA LEU A 12 4.11 -2.53 -2.21
C LEU A 12 4.72 -2.81 -0.83
N PHE A 13 5.16 -1.75 -0.16
CA PHE A 13 5.77 -1.90 1.16
C PHE A 13 5.40 -0.72 2.05
N HIS A 14 4.68 0.24 1.48
CA HIS A 14 4.27 1.42 2.23
C HIS A 14 3.44 1.01 3.44
N LEU A 15 2.46 0.14 3.19
CA LEU A 15 1.59 -0.34 4.26
C LEU A 15 2.36 -0.54 5.56
N SER A 16 3.47 -1.26 5.49
CA SER A 16 4.27 -1.53 6.67
C SER A 16 4.74 -0.25 7.37
N GLY A 17 3.82 0.43 8.04
CA GLY A 17 4.17 1.67 8.75
C GLY A 17 3.04 2.67 8.61
N ILE A 18 2.46 2.68 7.42
CA ILE A 18 1.35 3.56 7.13
C ILE A 18 0.03 2.84 7.37
N MET A 19 0.10 1.52 7.31
CA MET A 19 -1.07 0.69 7.52
C MET A 19 -1.51 0.70 8.98
N ALA A 20 -0.53 0.75 9.87
CA ALA A 20 -0.79 0.76 11.30
C ALA A 20 -1.50 2.03 11.71
N LEU A 21 -1.42 3.05 10.85
CA LEU A 21 -2.06 4.32 11.12
C LEU A 21 -3.09 4.63 10.04
N ILE A 22 -3.11 3.82 8.98
CA ILE A 22 -4.06 4.03 7.88
C ILE A 22 -5.39 4.51 8.45
N ALA A 23 -5.80 3.87 9.54
CA ALA A 23 -7.07 4.23 10.19
C ALA A 23 -6.84 5.28 11.27
N SER A 24 -5.62 5.34 11.79
CA SER A 24 -5.29 6.30 12.83
C SER A 24 -4.81 7.62 12.22
N GLY A 25 -4.80 7.68 10.90
CA GLY A 25 -4.36 8.88 10.19
C GLY A 25 -5.33 9.25 9.08
N VAL A 26 -6.63 9.16 9.38
CA VAL A 26 -7.65 9.49 8.40
C VAL A 26 -9.03 9.55 9.06
N VAL A 27 -9.28 8.62 9.98
CA VAL A 27 -10.55 8.58 10.69
C VAL A 27 -11.72 8.51 9.70
N MET A 28 -12.85 8.00 10.17
CA MET A 28 -14.04 7.88 9.32
C MET A 28 -15.30 8.19 10.12
N ARG A 29 -16.22 7.24 10.17
CA ARG A 29 -17.47 7.41 10.90
C ARG A 29 -17.82 6.15 11.66
N PRO A 30 -16.91 5.65 12.45
CA PRO A 30 -17.14 4.42 13.27
C PRO A 30 -18.25 4.61 14.29
N LYS A 31 -18.24 5.75 14.96
CA LYS A 31 -19.25 6.04 15.97
C LYS A 31 -19.43 4.86 16.92
N LYS A 32 -18.46 3.96 16.90
CA LYS A 32 -18.51 2.78 17.76
C LYS A 32 -19.89 2.12 17.70
N NH2 A 33 -20.65 2.15 18.75
HN1 NH2 A 33 -20.34 2.57 19.58
HN2 NH2 A 33 -21.54 1.73 18.73
C ACE A 1 7.09 6.70 -17.48
O ACE A 1 8.24 6.58 -17.05
CH3 ACE A 1 6.83 6.97 -18.95
H1 ACE A 1 7.12 7.98 -19.19
H2 ACE A 1 5.77 6.85 -19.15
H3 ACE A 1 7.40 6.28 -19.56
N LYS A 2 6.02 6.59 -16.69
CA LYS A 2 6.16 6.35 -15.26
C LYS A 2 4.79 6.06 -14.63
N SER A 3 3.84 5.62 -15.44
CA SER A 3 2.50 5.31 -14.94
C SER A 3 2.17 3.82 -15.09
N TYR A 4 2.93 2.98 -14.40
CA TYR A 4 2.70 1.54 -14.45
C TYR A 4 3.74 0.79 -13.60
N MET A 5 4.68 0.12 -14.26
CA MET A 5 5.72 -0.62 -13.55
C MET A 5 6.61 0.33 -12.75
N ALA A 6 6.32 1.63 -12.86
CA ALA A 6 7.12 2.63 -12.16
C ALA A 6 6.46 3.05 -10.86
N TYR A 7 5.14 3.01 -10.82
CA TYR A 7 4.40 3.41 -9.63
C TYR A 7 4.09 2.22 -8.73
N LEU A 8 3.61 1.14 -9.33
CA LEU A 8 3.28 -0.06 -8.56
C LEU A 8 4.52 -0.60 -7.86
N SER A 9 5.68 -0.14 -8.30
CA SER A 9 6.94 -0.59 -7.71
C SER A 9 7.34 0.34 -6.57
N ALA A 10 6.50 1.34 -6.31
CA ALA A 10 6.76 2.30 -5.24
C ALA A 10 5.67 2.25 -4.17
N GLU A 11 4.79 1.26 -4.28
CA GLU A 11 3.70 1.12 -3.32
C GLU A 11 3.42 -0.36 -3.05
N LEU A 12 4.37 -1.03 -2.41
CA LEU A 12 4.21 -2.45 -2.09
C LEU A 12 4.76 -2.76 -0.71
N PHE A 13 5.14 -1.72 0.01
CA PHE A 13 5.71 -1.86 1.35
C PHE A 13 5.16 -0.79 2.28
N HIS A 14 4.73 0.33 1.69
CA HIS A 14 4.19 1.44 2.47
C HIS A 14 3.18 0.93 3.50
N LEU A 15 2.26 0.07 3.05
CA LEU A 15 1.25 -0.48 3.95
C LEU A 15 1.85 -0.79 5.32
N SER A 16 2.95 -1.53 5.33
CA SER A 16 3.60 -1.89 6.59
C SER A 16 3.99 -0.65 7.40
N GLY A 17 3.01 0.01 8.01
CA GLY A 17 3.28 1.19 8.81
C GLY A 17 2.15 2.19 8.63
N ILE A 18 1.68 2.26 7.40
CA ILE A 18 0.59 3.15 7.04
C ILE A 18 -0.73 2.39 7.10
N MET A 19 -0.63 1.08 6.90
CA MET A 19 -1.79 0.19 6.91
C MET A 19 -2.41 0.10 8.30
N ALA A 20 -1.57 0.13 9.31
CA ALA A 20 -2.02 0.03 10.69
C ALA A 20 -2.74 1.29 11.11
N LEU A 21 -2.69 2.30 10.25
CA LEU A 21 -3.34 3.57 10.51
C LEU A 21 -4.31 3.90 9.39
N ILE A 22 -4.12 3.22 8.26
CA ILE A 22 -4.98 3.45 7.09
C ILE A 22 -6.41 3.74 7.54
N ALA A 23 -6.88 3.00 8.54
CA ALA A 23 -8.23 3.19 9.05
C ALA A 23 -8.24 4.13 10.26
N SER A 24 -7.09 4.23 10.94
CA SER A 24 -6.99 5.10 12.11
C SER A 24 -6.58 6.51 11.71
N GLY A 25 -5.45 6.61 11.03
CA GLY A 25 -4.94 7.91 10.59
C GLY A 25 -5.26 8.16 9.12
N VAL A 26 -6.44 8.71 8.87
CA VAL A 26 -6.85 8.99 7.50
C VAL A 26 -8.08 9.87 7.49
N VAL A 27 -8.64 10.11 8.66
CA VAL A 27 -9.82 10.95 8.79
C VAL A 27 -9.44 12.43 8.77
N MET A 28 -8.33 12.73 8.13
CA MET A 28 -7.85 14.10 8.04
C MET A 28 -8.13 14.67 6.65
N ARG A 29 -7.06 15.03 5.94
CA ARG A 29 -7.20 15.59 4.60
C ARG A 29 -6.02 15.18 3.73
N PRO A 30 -5.99 13.95 3.30
CA PRO A 30 -4.90 13.42 2.44
C PRO A 30 -5.11 13.76 0.97
N LYS A 31 -6.38 13.85 0.56
CA LYS A 31 -6.73 14.17 -0.82
C LYS A 31 -5.69 13.62 -1.80
N LYS A 32 -5.56 12.30 -1.83
CA LYS A 32 -4.61 11.66 -2.73
C LYS A 32 -3.23 12.30 -2.59
N NH2 A 33 -2.82 13.14 -3.50
HN1 NH2 A 33 -3.40 13.36 -4.26
HN2 NH2 A 33 -1.94 13.57 -3.42
#